data_5NMN
# 
_entry.id   5NMN 
# 
_audit_conform.dict_name       mmcif_pdbx.dic 
_audit_conform.dict_version    5.391 
_audit_conform.dict_location   http://mmcif.pdb.org/dictionaries/ascii/mmcif_pdbx.dic 
# 
loop_
_database_2.database_id 
_database_2.database_code 
_database_2.pdbx_database_accession 
_database_2.pdbx_DOI 
PDB   5NMN         pdb_00005nmn 10.2210/pdb5nmn/pdb 
WWPDB D_1200004351 ?            ?                   
# 
loop_
_pdbx_audit_revision_history.ordinal 
_pdbx_audit_revision_history.data_content_type 
_pdbx_audit_revision_history.major_revision 
_pdbx_audit_revision_history.minor_revision 
_pdbx_audit_revision_history.revision_date 
1 'Structure model' 1 0 2018-01-24 
2 'Structure model' 1 1 2024-05-08 
# 
_pdbx_audit_revision_details.ordinal             1 
_pdbx_audit_revision_details.revision_ordinal    1 
_pdbx_audit_revision_details.data_content_type   'Structure model' 
_pdbx_audit_revision_details.provider            repository 
_pdbx_audit_revision_details.type                'Initial release' 
_pdbx_audit_revision_details.description         ? 
_pdbx_audit_revision_details.details             ? 
# 
loop_
_pdbx_audit_revision_group.ordinal 
_pdbx_audit_revision_group.revision_ordinal 
_pdbx_audit_revision_group.data_content_type 
_pdbx_audit_revision_group.group 
1 2 'Structure model' 'Data collection'     
2 2 'Structure model' 'Database references' 
# 
loop_
_pdbx_audit_revision_category.ordinal 
_pdbx_audit_revision_category.revision_ordinal 
_pdbx_audit_revision_category.data_content_type 
_pdbx_audit_revision_category.category 
1 2 'Structure model' chem_comp_atom 
2 2 'Structure model' chem_comp_bond 
3 2 'Structure model' database_2     
# 
loop_
_pdbx_audit_revision_item.ordinal 
_pdbx_audit_revision_item.revision_ordinal 
_pdbx_audit_revision_item.data_content_type 
_pdbx_audit_revision_item.item 
1 2 'Structure model' '_database_2.pdbx_DOI'                
2 2 'Structure model' '_database_2.pdbx_database_accession' 
# 
_pdbx_database_status.status_code                     REL 
_pdbx_database_status.status_code_sf                  REL 
_pdbx_database_status.status_code_mr                  ? 
_pdbx_database_status.entry_id                        5NMN 
_pdbx_database_status.recvd_initial_deposition_date   2017-04-06 
_pdbx_database_status.SG_entry                        N 
_pdbx_database_status.deposit_site                    PDBE 
_pdbx_database_status.process_site                    PDBE 
_pdbx_database_status.status_code_cs                  ? 
_pdbx_database_status.methods_development_category    ? 
_pdbx_database_status.pdb_format_compatible           Y 
_pdbx_database_status.status_code_nmr_data            ? 
# 
loop_
_audit_author.name 
_audit_author.pdbx_ordinal 
_audit_author.identifier_ORCID 
'Zeth, K.'          1 ? 
'Sancho-Vaello, E.' 2 ? 
# 
_citation.abstract                  ? 
_citation.abstract_id_CAS           ? 
_citation.book_id_ISBN              ? 
_citation.book_publisher            ? 
_citation.book_publisher_city       ? 
_citation.book_title                ? 
_citation.coordinate_linkage        ? 
_citation.country                   UK 
_citation.database_id_Medline       ? 
_citation.details                   ? 
_citation.id                        primary 
_citation.journal_abbrev            'Sci Rep' 
_citation.journal_id_ASTM           ? 
_citation.journal_id_CSD            ? 
_citation.journal_id_ISSN           2045-2322 
_citation.journal_full              ? 
_citation.journal_issue             ? 
_citation.journal_volume            7 
_citation.language                  ? 
_citation.page_first                15371 
_citation.page_last                 15371 
_citation.title                     
'Structural remodeling and oligomerization of human cathelicidin on membranes suggest fibril-like structures as active species.' 
_citation.year                      2017 
_citation.database_id_CSD           ? 
_citation.pdbx_database_id_DOI      10.1038/s41598-017-14206-1 
_citation.pdbx_database_id_PubMed   29133814 
_citation.unpublished_flag          ? 
# 
loop_
_citation_author.citation_id 
_citation_author.name 
_citation_author.ordinal 
_citation_author.identifier_ORCID 
primary 'Sancho-Vaello, E.' 1 ? 
primary 'Francois, P.'      2 ? 
primary 'Bonetti, E.J.'     3 ? 
primary 'Lilie, H.'         4 ? 
primary 'Finger, S.'        5 ? 
primary 'Gil-Ortiz, F.'     6 ? 
primary 'Gil-Carton, D.'    7 ? 
primary 'Zeth, K.'          8 ? 
# 
loop_
_entity.id 
_entity.type 
_entity.src_method 
_entity.pdbx_description 
_entity.formula_weight 
_entity.pdbx_number_of_molecules 
_entity.pdbx_ec 
_entity.pdbx_mutation 
_entity.pdbx_fragment 
_entity.details 
1 polymer     syn 'Cathelicidin antimicrobial peptide' 4504.351 1  ? ? ? ? 
2 non-polymer syn 'SODIUM ION'                         22.990   1  ? ? ? ? 
3 water       nat water                                18.015   15 ? ? ? ? 
# 
_entity_name_com.entity_id   1 
_entity_name_com.name        '18 kDa cationic antimicrobial protein,hCAP-18' 
# 
_entity_poly.entity_id                      1 
_entity_poly.type                           'polypeptide(L)' 
_entity_poly.nstd_linkage                   no 
_entity_poly.nstd_monomer                   no 
_entity_poly.pdbx_seq_one_letter_code       LLGDFFRKSKEKIGKEFKRIVQRIKDFLRNLVPRTES 
_entity_poly.pdbx_seq_one_letter_code_can   LLGDFFRKSKEKIGKEFKRIVQRIKDFLRNLVPRTES 
_entity_poly.pdbx_strand_id                 A 
_entity_poly.pdbx_target_identifier         ? 
# 
loop_
_pdbx_entity_nonpoly.entity_id 
_pdbx_entity_nonpoly.name 
_pdbx_entity_nonpoly.comp_id 
2 'SODIUM ION' NA  
3 water        HOH 
# 
loop_
_entity_poly_seq.entity_id 
_entity_poly_seq.num 
_entity_poly_seq.mon_id 
_entity_poly_seq.hetero 
1 1  LEU n 
1 2  LEU n 
1 3  GLY n 
1 4  ASP n 
1 5  PHE n 
1 6  PHE n 
1 7  ARG n 
1 8  LYS n 
1 9  SER n 
1 10 LYS n 
1 11 GLU n 
1 12 LYS n 
1 13 ILE n 
1 14 GLY n 
1 15 LYS n 
1 16 GLU n 
1 17 PHE n 
1 18 LYS n 
1 19 ARG n 
1 20 ILE n 
1 21 VAL n 
1 22 GLN n 
1 23 ARG n 
1 24 ILE n 
1 25 LYS n 
1 26 ASP n 
1 27 PHE n 
1 28 LEU n 
1 29 ARG n 
1 30 ASN n 
1 31 LEU n 
1 32 VAL n 
1 33 PRO n 
1 34 ARG n 
1 35 THR n 
1 36 GLU n 
1 37 SER n 
# 
_pdbx_entity_src_syn.entity_id              1 
_pdbx_entity_src_syn.pdbx_src_id            1 
_pdbx_entity_src_syn.pdbx_alt_source_flag   sample 
_pdbx_entity_src_syn.pdbx_beg_seq_num       1 
_pdbx_entity_src_syn.pdbx_end_seq_num       37 
_pdbx_entity_src_syn.organism_scientific    'Homo sapiens' 
_pdbx_entity_src_syn.organism_common_name   Human 
_pdbx_entity_src_syn.ncbi_taxonomy_id       9606 
_pdbx_entity_src_syn.details                ? 
# 
loop_
_chem_comp.id 
_chem_comp.type 
_chem_comp.mon_nstd_flag 
_chem_comp.name 
_chem_comp.pdbx_synonyms 
_chem_comp.formula 
_chem_comp.formula_weight 
ARG 'L-peptide linking' y ARGININE        ? 'C6 H15 N4 O2 1' 175.209 
ASN 'L-peptide linking' y ASPARAGINE      ? 'C4 H8 N2 O3'    132.118 
ASP 'L-peptide linking' y 'ASPARTIC ACID' ? 'C4 H7 N O4'     133.103 
GLN 'L-peptide linking' y GLUTAMINE       ? 'C5 H10 N2 O3'   146.144 
GLU 'L-peptide linking' y 'GLUTAMIC ACID' ? 'C5 H9 N O4'     147.129 
GLY 'peptide linking'   y GLYCINE         ? 'C2 H5 N O2'     75.067  
HOH non-polymer         . WATER           ? 'H2 O'           18.015  
ILE 'L-peptide linking' y ISOLEUCINE      ? 'C6 H13 N O2'    131.173 
LEU 'L-peptide linking' y LEUCINE         ? 'C6 H13 N O2'    131.173 
LYS 'L-peptide linking' y LYSINE          ? 'C6 H15 N2 O2 1' 147.195 
NA  non-polymer         . 'SODIUM ION'    ? 'Na 1'           22.990  
PHE 'L-peptide linking' y PHENYLALANINE   ? 'C9 H11 N O2'    165.189 
PRO 'L-peptide linking' y PROLINE         ? 'C5 H9 N O2'     115.130 
SER 'L-peptide linking' y SERINE          ? 'C3 H7 N O3'     105.093 
THR 'L-peptide linking' y THREONINE       ? 'C4 H9 N O3'     119.119 
VAL 'L-peptide linking' y VALINE          ? 'C5 H11 N O2'    117.146 
# 
loop_
_pdbx_poly_seq_scheme.asym_id 
_pdbx_poly_seq_scheme.entity_id 
_pdbx_poly_seq_scheme.seq_id 
_pdbx_poly_seq_scheme.mon_id 
_pdbx_poly_seq_scheme.ndb_seq_num 
_pdbx_poly_seq_scheme.pdb_seq_num 
_pdbx_poly_seq_scheme.auth_seq_num 
_pdbx_poly_seq_scheme.pdb_mon_id 
_pdbx_poly_seq_scheme.auth_mon_id 
_pdbx_poly_seq_scheme.pdb_strand_id 
_pdbx_poly_seq_scheme.pdb_ins_code 
_pdbx_poly_seq_scheme.hetero 
A 1 1  LEU 1  1  1  LEU LEU A . n 
A 1 2  LEU 2  2  2  LEU LEU A . n 
A 1 3  GLY 3  3  3  GLY GLY A . n 
A 1 4  ASP 4  4  4  ASP ASP A . n 
A 1 5  PHE 5  5  5  PHE PHE A . n 
A 1 6  PHE 6  6  6  PHE PHE A . n 
A 1 7  ARG 7  7  7  ARG ARG A . n 
A 1 8  LYS 8  8  8  LYS LYS A . n 
A 1 9  SER 9  9  9  SER SER A . n 
A 1 10 LYS 10 10 10 LYS LYS A . n 
A 1 11 GLU 11 11 11 GLU GLU A . n 
A 1 12 LYS 12 12 12 LYS LYS A . n 
A 1 13 ILE 13 13 13 ILE ILE A . n 
A 1 14 GLY 14 14 14 GLY GLY A . n 
A 1 15 LYS 15 15 15 LYS LYS A . n 
A 1 16 GLU 16 16 16 GLU GLU A . n 
A 1 17 PHE 17 17 17 PHE PHE A . n 
A 1 18 LYS 18 18 18 LYS LYS A . n 
A 1 19 ARG 19 19 19 ARG ARG A . n 
A 1 20 ILE 20 20 20 ILE ILE A . n 
A 1 21 VAL 21 21 21 VAL VAL A . n 
A 1 22 GLN 22 22 22 GLN GLN A . n 
A 1 23 ARG 23 23 23 ARG ARG A . n 
A 1 24 ILE 24 24 24 ILE ILE A . n 
A 1 25 LYS 25 25 25 LYS LYS A . n 
A 1 26 ASP 26 26 26 ASP ASP A . n 
A 1 27 PHE 27 27 27 PHE PHE A . n 
A 1 28 LEU 28 28 28 LEU LEU A . n 
A 1 29 ARG 29 29 29 ARG ARG A . n 
A 1 30 ASN 30 30 30 ASN ASN A . n 
A 1 31 LEU 31 31 31 LEU LEU A . n 
A 1 32 VAL 32 32 32 VAL VAL A . n 
A 1 33 PRO 33 33 33 PRO PRO A . n 
A 1 34 ARG 34 34 34 ARG ARG A . n 
A 1 35 THR 35 35 ?  ?   ?   A . n 
A 1 36 GLU 36 36 ?  ?   ?   A . n 
A 1 37 SER 37 37 ?  ?   ?   A . n 
# 
loop_
_pdbx_nonpoly_scheme.asym_id 
_pdbx_nonpoly_scheme.entity_id 
_pdbx_nonpoly_scheme.mon_id 
_pdbx_nonpoly_scheme.ndb_seq_num 
_pdbx_nonpoly_scheme.pdb_seq_num 
_pdbx_nonpoly_scheme.auth_seq_num 
_pdbx_nonpoly_scheme.pdb_mon_id 
_pdbx_nonpoly_scheme.auth_mon_id 
_pdbx_nonpoly_scheme.pdb_strand_id 
_pdbx_nonpoly_scheme.pdb_ins_code 
B 2 NA  1  101 1  NA  NA  A . 
C 3 HOH 1  201 12 HOH HOH A . 
C 3 HOH 2  202 7  HOH HOH A . 
C 3 HOH 3  203 1  HOH HOH A . 
C 3 HOH 4  204 2  HOH HOH A . 
C 3 HOH 5  205 6  HOH HOH A . 
C 3 HOH 6  206 10 HOH HOH A . 
C 3 HOH 7  207 13 HOH HOH A . 
C 3 HOH 8  208 3  HOH HOH A . 
C 3 HOH 9  209 9  HOH HOH A . 
C 3 HOH 10 210 15 HOH HOH A . 
C 3 HOH 11 211 4  HOH HOH A . 
C 3 HOH 12 212 5  HOH HOH A . 
C 3 HOH 13 213 14 HOH HOH A . 
C 3 HOH 14 214 8  HOH HOH A . 
C 3 HOH 15 215 11 HOH HOH A . 
# 
loop_
_software.citation_id 
_software.classification 
_software.compiler_name 
_software.compiler_version 
_software.contact_author 
_software.contact_author_email 
_software.date 
_software.description 
_software.dependencies 
_software.hardware 
_software.language 
_software.location 
_software.mods 
_software.name 
_software.os 
_software.os_version 
_software.type 
_software.version 
_software.pdbx_ordinal 
? refinement       ? ? ? ? ? ? ? ? ? ? ? PHENIX     ? ? ? 1.8.1_1168 1 
? 'data reduction' ? ? ? ? ? ? ? ? ? ? ? XDS        ? ? ? .          2 
? 'data scaling'   ? ? ? ? ? ? ? ? ? ? ? XSCALE     ? ? ? .          3 
? phasing          ? ? ? ? ? ? ? ? ? ? ? Arcimboldo ? ? ? .          4 
# 
_cell.angle_alpha                  90.00 
_cell.angle_alpha_esd              ? 
_cell.angle_beta                   105.19 
_cell.angle_beta_esd               ? 
_cell.angle_gamma                  90.00 
_cell.angle_gamma_esd              ? 
_cell.entry_id                     5NMN 
_cell.details                      ? 
_cell.formula_units_Z              ? 
_cell.length_a                     60.381 
_cell.length_a_esd                 ? 
_cell.length_b                     17.832 
_cell.length_b_esd                 ? 
_cell.length_c                     34.032 
_cell.length_c_esd                 ? 
_cell.volume                       ? 
_cell.volume_esd                   ? 
_cell.Z_PDB                        4 
_cell.reciprocal_angle_alpha       ? 
_cell.reciprocal_angle_beta        ? 
_cell.reciprocal_angle_gamma       ? 
_cell.reciprocal_angle_alpha_esd   ? 
_cell.reciprocal_angle_beta_esd    ? 
_cell.reciprocal_angle_gamma_esd   ? 
_cell.reciprocal_length_a          ? 
_cell.reciprocal_length_b          ? 
_cell.reciprocal_length_c          ? 
_cell.reciprocal_length_a_esd      ? 
_cell.reciprocal_length_b_esd      ? 
_cell.reciprocal_length_c_esd      ? 
_cell.pdbx_unique_axis             ? 
# 
_symmetry.entry_id                         5NMN 
_symmetry.cell_setting                     ? 
_symmetry.Int_Tables_number                5 
_symmetry.space_group_name_Hall            ? 
_symmetry.space_group_name_H-M             'C 1 2 1' 
_symmetry.pdbx_full_space_group_name_H-M   ? 
# 
_exptl.absorpt_coefficient_mu     ? 
_exptl.absorpt_correction_T_max   ? 
_exptl.absorpt_correction_T_min   ? 
_exptl.absorpt_correction_type    ? 
_exptl.absorpt_process_details    ? 
_exptl.entry_id                   5NMN 
_exptl.crystals_number            1 
_exptl.details                    ? 
_exptl.method                     'X-RAY DIFFRACTION' 
_exptl.method_details             ? 
# 
_exptl_crystal.colour                      ? 
_exptl_crystal.density_diffrn              ? 
_exptl_crystal.density_Matthews            1.96 
_exptl_crystal.density_method              ? 
_exptl_crystal.density_percent_sol         37.33 
_exptl_crystal.description                 ? 
_exptl_crystal.F_000                       ? 
_exptl_crystal.id                          1 
_exptl_crystal.preparation                 ? 
_exptl_crystal.size_max                    ? 
_exptl_crystal.size_mid                    ? 
_exptl_crystal.size_min                    ? 
_exptl_crystal.size_rad                    ? 
_exptl_crystal.colour_lustre               ? 
_exptl_crystal.colour_modifier             ? 
_exptl_crystal.colour_primary              ? 
_exptl_crystal.density_meas                ? 
_exptl_crystal.density_meas_esd            ? 
_exptl_crystal.density_meas_gt             ? 
_exptl_crystal.density_meas_lt             ? 
_exptl_crystal.density_meas_temp           ? 
_exptl_crystal.density_meas_temp_esd       ? 
_exptl_crystal.density_meas_temp_gt        ? 
_exptl_crystal.density_meas_temp_lt        ? 
_exptl_crystal.pdbx_crystal_image_url      ? 
_exptl_crystal.pdbx_crystal_image_format   ? 
_exptl_crystal.pdbx_mosaicity              ? 
_exptl_crystal.pdbx_mosaicity_esd          ? 
# 
_exptl_crystal_grow.apparatus       ? 
_exptl_crystal_grow.atmosphere      ? 
_exptl_crystal_grow.crystal_id      1 
_exptl_crystal_grow.details         ? 
_exptl_crystal_grow.method          'VAPOR DIFFUSION, SITTING DROP' 
_exptl_crystal_grow.method_ref      ? 
_exptl_crystal_grow.pH              7 
_exptl_crystal_grow.pressure        ? 
_exptl_crystal_grow.pressure_esd    ? 
_exptl_crystal_grow.seeding         ? 
_exptl_crystal_grow.seeding_ref     ? 
_exptl_crystal_grow.temp            293 
_exptl_crystal_grow.temp_details    ? 
_exptl_crystal_grow.temp_esd        ? 
_exptl_crystal_grow.time            ? 
_exptl_crystal_grow.pdbx_details    'PEG3350, 100 mM Tris, pH 8' 
_exptl_crystal_grow.pdbx_pH_range   ? 
# 
_diffrn.ambient_environment    ? 
_diffrn.ambient_temp           100 
_diffrn.ambient_temp_details   ? 
_diffrn.ambient_temp_esd       ? 
_diffrn.crystal_id             1 
_diffrn.crystal_support        ? 
_diffrn.crystal_treatment      ? 
_diffrn.details                ? 
_diffrn.id                     1 
_diffrn.ambient_pressure       ? 
_diffrn.ambient_pressure_esd   ? 
_diffrn.ambient_pressure_gt    ? 
_diffrn.ambient_pressure_lt    ? 
_diffrn.ambient_temp_gt        ? 
_diffrn.ambient_temp_lt        ? 
# 
_diffrn_detector.details                      ? 
_diffrn_detector.detector                     PIXEL 
_diffrn_detector.diffrn_id                    1 
_diffrn_detector.type                         'DECTRIS PILATUS3 S 6M' 
_diffrn_detector.area_resol_mean              ? 
_diffrn_detector.dtime                        ? 
_diffrn_detector.pdbx_frames_total            ? 
_diffrn_detector.pdbx_collection_time_total   ? 
_diffrn_detector.pdbx_collection_date         2014-04-16 
# 
_diffrn_radiation.collimation                      ? 
_diffrn_radiation.diffrn_id                        1 
_diffrn_radiation.filter_edge                      ? 
_diffrn_radiation.inhomogeneity                    ? 
_diffrn_radiation.monochromator                    ? 
_diffrn_radiation.polarisn_norm                    ? 
_diffrn_radiation.polarisn_ratio                   ? 
_diffrn_radiation.probe                            ? 
_diffrn_radiation.type                             ? 
_diffrn_radiation.xray_symbol                      ? 
_diffrn_radiation.wavelength_id                    1 
_diffrn_radiation.pdbx_monochromatic_or_laue_m_l   M 
_diffrn_radiation.pdbx_wavelength_list             ? 
_diffrn_radiation.pdbx_wavelength                  ? 
_diffrn_radiation.pdbx_diffrn_protocol             'SINGLE WAVELENGTH' 
_diffrn_radiation.pdbx_analyzer                    ? 
_diffrn_radiation.pdbx_scattering_type             x-ray 
# 
_diffrn_radiation_wavelength.id           1 
_diffrn_radiation_wavelength.wavelength   1 
_diffrn_radiation_wavelength.wt           1.0 
# 
_diffrn_source.current                     ? 
_diffrn_source.details                     ? 
_diffrn_source.diffrn_id                   1 
_diffrn_source.power                       ? 
_diffrn_source.size                        ? 
_diffrn_source.source                      SYNCHROTRON 
_diffrn_source.target                      ? 
_diffrn_source.type                        'ALBA BEAMLINE XALOC' 
_diffrn_source.voltage                     ? 
_diffrn_source.take-off_angle              ? 
_diffrn_source.pdbx_wavelength_list        1 
_diffrn_source.pdbx_wavelength             ? 
_diffrn_source.pdbx_synchrotron_beamline   XALOC 
_diffrn_source.pdbx_synchrotron_site       ALBA 
# 
_reflns.B_iso_Wilson_estimate            ? 
_reflns.entry_id                         5NMN 
_reflns.data_reduction_details           ? 
_reflns.data_reduction_method            ? 
_reflns.d_resolution_high                0.95 
_reflns.d_resolution_low                 50 
_reflns.details                          ? 
_reflns.limit_h_max                      ? 
_reflns.limit_h_min                      ? 
_reflns.limit_k_max                      ? 
_reflns.limit_k_min                      ? 
_reflns.limit_l_max                      ? 
_reflns.limit_l_min                      ? 
_reflns.number_all                       ? 
_reflns.number_obs                       99140 
_reflns.observed_criterion               ? 
_reflns.observed_criterion_F_max         ? 
_reflns.observed_criterion_F_min         ? 
_reflns.observed_criterion_I_max         ? 
_reflns.observed_criterion_I_min         ? 
_reflns.observed_criterion_sigma_F       ? 
_reflns.observed_criterion_sigma_I       ? 
_reflns.percent_possible_obs             92.6 
_reflns.R_free_details                   ? 
_reflns.Rmerge_F_all                     ? 
_reflns.Rmerge_F_obs                     ? 
_reflns.Friedel_coverage                 ? 
_reflns.number_gt                        ? 
_reflns.threshold_expression             ? 
_reflns.pdbx_redundancy                  4.75 
_reflns.pdbx_Rmerge_I_obs                ? 
_reflns.pdbx_Rmerge_I_all                ? 
_reflns.pdbx_Rsym_value                  ? 
_reflns.pdbx_netI_over_av_sigmaI         ? 
_reflns.pdbx_netI_over_sigmaI            16.18 
_reflns.pdbx_res_netI_over_av_sigmaI_2   ? 
_reflns.pdbx_res_netI_over_sigmaI_2      ? 
_reflns.pdbx_chi_squared                 ? 
_reflns.pdbx_scaling_rejects             ? 
_reflns.pdbx_d_res_high_opt              ? 
_reflns.pdbx_d_res_low_opt               ? 
_reflns.pdbx_d_res_opt_method            ? 
_reflns.phase_calculation_details        ? 
_reflns.pdbx_Rrim_I_all                  ? 
_reflns.pdbx_Rpim_I_all                  ? 
_reflns.pdbx_d_opt                       ? 
_reflns.pdbx_number_measured_all         ? 
_reflns.pdbx_diffrn_id                   1 
_reflns.pdbx_ordinal                     1 
_reflns.pdbx_CC_half                     0.999 
_reflns.pdbx_R_split                     ? 
# 
_reflns_shell.d_res_high                  0.95 
_reflns_shell.d_res_low                   1.01 
_reflns_shell.meanI_over_sigI_all         ? 
_reflns_shell.meanI_over_sigI_obs         1.36 
_reflns_shell.number_measured_all         ? 
_reflns_shell.number_measured_obs         ? 
_reflns_shell.number_possible             ? 
_reflns_shell.number_unique_all           ? 
_reflns_shell.number_unique_obs           2853 
_reflns_shell.percent_possible_all        79.2 
_reflns_shell.percent_possible_obs        ? 
_reflns_shell.Rmerge_F_all                ? 
_reflns_shell.Rmerge_F_obs                ? 
_reflns_shell.Rmerge_I_all                ? 
_reflns_shell.Rmerge_I_obs                ? 
_reflns_shell.meanI_over_sigI_gt          ? 
_reflns_shell.meanI_over_uI_all           ? 
_reflns_shell.meanI_over_uI_gt            ? 
_reflns_shell.number_measured_gt          ? 
_reflns_shell.number_unique_gt            ? 
_reflns_shell.percent_possible_gt         ? 
_reflns_shell.Rmerge_F_gt                 ? 
_reflns_shell.Rmerge_I_gt                 ? 
_reflns_shell.pdbx_redundancy             ? 
_reflns_shell.pdbx_Rsym_value             ? 
_reflns_shell.pdbx_chi_squared            ? 
_reflns_shell.pdbx_netI_over_sigmaI_all   ? 
_reflns_shell.pdbx_netI_over_sigmaI_obs   ? 
_reflns_shell.pdbx_Rrim_I_all             1.125 
_reflns_shell.pdbx_Rpim_I_all             ? 
_reflns_shell.pdbx_rejects                ? 
_reflns_shell.pdbx_ordinal                1 
_reflns_shell.pdbx_diffrn_id              1 
_reflns_shell.pdbx_CC_half                0.917 
_reflns_shell.pdbx_R_split                ? 
# 
_refine.aniso_B[1][1]                            ? 
_refine.aniso_B[1][2]                            ? 
_refine.aniso_B[1][3]                            ? 
_refine.aniso_B[2][2]                            ? 
_refine.aniso_B[2][3]                            ? 
_refine.aniso_B[3][3]                            ? 
_refine.B_iso_max                                ? 
_refine.B_iso_mean                               ? 
_refine.B_iso_min                                ? 
_refine.correlation_coeff_Fo_to_Fc               ? 
_refine.correlation_coeff_Fo_to_Fc_free          ? 
_refine.details                                  ? 
_refine.diff_density_max                         ? 
_refine.diff_density_max_esd                     ? 
_refine.diff_density_min                         ? 
_refine.diff_density_min_esd                     ? 
_refine.diff_density_rms                         ? 
_refine.diff_density_rms_esd                     ? 
_refine.entry_id                                 5NMN 
_refine.pdbx_refine_id                           'X-RAY DIFFRACTION' 
_refine.ls_abs_structure_details                 ? 
_refine.ls_abs_structure_Flack                   ? 
_refine.ls_abs_structure_Flack_esd               ? 
_refine.ls_abs_structure_Rogers                  ? 
_refine.ls_abs_structure_Rogers_esd              ? 
_refine.ls_d_res_high                            0.950 
_refine.ls_d_res_low                             29.136 
_refine.ls_extinction_coef                       ? 
_refine.ls_extinction_coef_esd                   ? 
_refine.ls_extinction_expression                 ? 
_refine.ls_extinction_method                     ? 
_refine.ls_goodness_of_fit_all                   ? 
_refine.ls_goodness_of_fit_all_esd               ? 
_refine.ls_goodness_of_fit_obs                   ? 
_refine.ls_goodness_of_fit_obs_esd               ? 
_refine.ls_hydrogen_treatment                    ? 
_refine.ls_matrix_type                           ? 
_refine.ls_number_constraints                    ? 
_refine.ls_number_parameters                     ? 
_refine.ls_number_reflns_all                     ? 
_refine.ls_number_reflns_obs                     20693 
_refine.ls_number_reflns_R_free                  1034 
_refine.ls_number_reflns_R_work                  ? 
_refine.ls_number_restraints                     ? 
_refine.ls_percent_reflns_obs                    92.14 
_refine.ls_percent_reflns_R_free                 5.00 
_refine.ls_R_factor_all                          ? 
_refine.ls_R_factor_obs                          0.1555 
_refine.ls_R_factor_R_free                       0.1538 
_refine.ls_R_factor_R_free_error                 ? 
_refine.ls_R_factor_R_free_error_details         ? 
_refine.ls_R_factor_R_work                       0.1557 
_refine.ls_R_Fsqd_factor_obs                     ? 
_refine.ls_R_I_factor_obs                        ? 
_refine.ls_redundancy_reflns_all                 ? 
_refine.ls_redundancy_reflns_obs                 ? 
_refine.ls_restrained_S_all                      ? 
_refine.ls_restrained_S_obs                      ? 
_refine.ls_shift_over_esd_max                    ? 
_refine.ls_shift_over_esd_mean                   ? 
_refine.ls_structure_factor_coef                 ? 
_refine.ls_weighting_details                     ? 
_refine.ls_weighting_scheme                      ? 
_refine.ls_wR_factor_all                         ? 
_refine.ls_wR_factor_obs                         ? 
_refine.ls_wR_factor_R_free                      ? 
_refine.ls_wR_factor_R_work                      ? 
_refine.occupancy_max                            ? 
_refine.occupancy_min                            ? 
_refine.solvent_model_details                    ? 
_refine.solvent_model_param_bsol                 ? 
_refine.solvent_model_param_ksol                 ? 
_refine.ls_R_factor_gt                           ? 
_refine.ls_goodness_of_fit_gt                    ? 
_refine.ls_goodness_of_fit_ref                   ? 
_refine.ls_shift_over_su_max                     ? 
_refine.ls_shift_over_su_max_lt                  ? 
_refine.ls_shift_over_su_mean                    ? 
_refine.ls_shift_over_su_mean_lt                 ? 
_refine.pdbx_ls_sigma_I                          ? 
_refine.pdbx_ls_sigma_F                          1.34 
_refine.pdbx_ls_sigma_Fsqd                       ? 
_refine.pdbx_data_cutoff_high_absF               ? 
_refine.pdbx_data_cutoff_high_rms_absF           ? 
_refine.pdbx_data_cutoff_low_absF                ? 
_refine.pdbx_isotropic_thermal_model             ? 
_refine.pdbx_ls_cross_valid_method               THROUGHOUT 
_refine.pdbx_method_to_determine_struct          'AB INITIO PHASING' 
_refine.pdbx_starting_model                      ? 
_refine.pdbx_stereochemistry_target_values       ? 
_refine.pdbx_R_Free_selection_details            ? 
_refine.pdbx_stereochem_target_val_spec_case     ? 
_refine.pdbx_overall_ESU_R                       ? 
_refine.pdbx_overall_ESU_R_Free                  ? 
_refine.pdbx_solvent_vdw_probe_radii             1.11 
_refine.pdbx_solvent_ion_probe_radii             ? 
_refine.pdbx_solvent_shrinkage_radii             0.90 
_refine.pdbx_real_space_R                        ? 
_refine.pdbx_density_correlation                 ? 
_refine.pdbx_pd_number_of_powder_patterns        ? 
_refine.pdbx_pd_number_of_points                 ? 
_refine.pdbx_pd_meas_number_of_points            ? 
_refine.pdbx_pd_proc_ls_prof_R_factor            ? 
_refine.pdbx_pd_proc_ls_prof_wR_factor           ? 
_refine.pdbx_pd_Marquardt_correlation_coeff      ? 
_refine.pdbx_pd_Fsqrd_R_factor                   ? 
_refine.pdbx_pd_ls_matrix_band_width             ? 
_refine.pdbx_overall_phase_error                 24.13 
_refine.pdbx_overall_SU_R_free_Cruickshank_DPI   ? 
_refine.pdbx_overall_SU_R_free_Blow_DPI          ? 
_refine.pdbx_overall_SU_R_Blow_DPI               ? 
_refine.pdbx_TLS_residual_ADP_flag               ? 
_refine.pdbx_diffrn_id                           1 
_refine.overall_SU_B                             ? 
_refine.overall_SU_ML                            0.08 
_refine.overall_SU_R_Cruickshank_DPI             ? 
_refine.overall_SU_R_free                        ? 
_refine.overall_FOM_free_R_set                   ? 
_refine.overall_FOM_work_R_set                   ? 
_refine.pdbx_average_fsc_overall                 ? 
_refine.pdbx_average_fsc_work                    ? 
_refine.pdbx_average_fsc_free                    ? 
# 
_refine_hist.pdbx_refine_id                   'X-RAY DIFFRACTION' 
_refine_hist.cycle_id                         LAST 
_refine_hist.pdbx_number_atoms_protein        295 
_refine_hist.pdbx_number_atoms_nucleic_acid   0 
_refine_hist.pdbx_number_atoms_ligand         1 
_refine_hist.number_atoms_solvent             15 
_refine_hist.number_atoms_total               311 
_refine_hist.d_res_high                       0.950 
_refine_hist.d_res_low                        29.136 
# 
loop_
_refine_ls_restr.pdbx_refine_id 
_refine_ls_restr.criterion 
_refine_ls_restr.dev_ideal 
_refine_ls_restr.dev_ideal_target 
_refine_ls_restr.number 
_refine_ls_restr.rejects 
_refine_ls_restr.type 
_refine_ls_restr.weight 
_refine_ls_restr.pdbx_restraint_function 
'X-RAY DIFFRACTION' ? 0.005  ? 336 ? f_bond_d           ? ? 
'X-RAY DIFFRACTION' ? 0.920  ? 445 ? f_angle_d          ? ? 
'X-RAY DIFFRACTION' ? 10.017 ? 147 ? f_dihedral_angle_d ? ? 
'X-RAY DIFFRACTION' ? 0.036  ? 45  ? f_chiral_restr     ? ? 
'X-RAY DIFFRACTION' ? 0.004  ? 57  ? f_plane_restr      ? ? 
# 
loop_
_refine_ls_shell.pdbx_refine_id 
_refine_ls_shell.d_res_high 
_refine_ls_shell.d_res_low 
_refine_ls_shell.number_reflns_all 
_refine_ls_shell.number_reflns_obs 
_refine_ls_shell.number_reflns_R_free 
_refine_ls_shell.number_reflns_R_work 
_refine_ls_shell.percent_reflns_obs 
_refine_ls_shell.percent_reflns_R_free 
_refine_ls_shell.R_factor_all 
_refine_ls_shell.R_factor_obs 
_refine_ls_shell.R_factor_R_free 
_refine_ls_shell.R_factor_R_free_error 
_refine_ls_shell.R_factor_R_work 
_refine_ls_shell.redundancy_reflns_all 
_refine_ls_shell.redundancy_reflns_obs 
_refine_ls_shell.wR_factor_all 
_refine_ls_shell.wR_factor_obs 
_refine_ls_shell.wR_factor_R_free 
_refine_ls_shell.wR_factor_R_work 
_refine_ls_shell.pdbx_total_number_of_bins_used 
_refine_ls_shell.pdbx_phase_error 
_refine_ls_shell.pdbx_fsc_work 
_refine_ls_shell.pdbx_fsc_free 
'X-RAY DIFFRACTION' 0.9500 1.0001  . . 120 2297 77.00 . . . 0.3780 . 0.3703 . . . . . . . . . . 
'X-RAY DIFFRACTION' 1.0001 1.0628  . . 145 2731 90.00 . . . 0.2047 . 0.2064 . . . . . . . . . . 
'X-RAY DIFFRACTION' 1.0628 1.1448  . . 145 2789 93.00 . . . 0.1750 . 0.1348 . . . . . . . . . . 
'X-RAY DIFFRACTION' 1.1448 1.2600  . . 152 2879 94.00 . . . 0.1513 . 0.1156 . . . . . . . . . . 
'X-RAY DIFFRACTION' 1.2600 1.4423  . . 153 2908 96.00 . . . 0.1337 . 0.1101 . . . . . . . . . . 
'X-RAY DIFFRACTION' 1.4423 1.8172  . . 156 2958 97.00 . . . 0.1369 . 0.1326 . . . . . . . . . . 
'X-RAY DIFFRACTION' 1.8172 29.1501 . . 163 3097 98.00 . . . 0.1521 . 0.1677 . . . . . . . . . . 
# 
_struct.entry_id                     5NMN 
_struct.title                        'Atomic resolution structure of LL-37 in a monomeric state' 
_struct.pdbx_model_details           ? 
_struct.pdbx_formula_weight          ? 
_struct.pdbx_formula_weight_method   ? 
_struct.pdbx_model_type_details      ? 
_struct.pdbx_CASP_flag               N 
# 
_struct_keywords.entry_id        5NMN 
_struct_keywords.text            'antimicrobial peptide, cathelicidin, LL-37, atomic resolution, antimicrobial protein' 
_struct_keywords.pdbx_keywords   'ANTIMICROBIAL PROTEIN' 
# 
loop_
_struct_asym.id 
_struct_asym.pdbx_blank_PDB_chainid_flag 
_struct_asym.pdbx_modified 
_struct_asym.entity_id 
_struct_asym.details 
A N N 1 ? 
B N N 2 ? 
C N N 3 ? 
# 
_struct_ref.id                         1 
_struct_ref.db_name                    UNP 
_struct_ref.db_code                    CAMP_HUMAN 
_struct_ref.pdbx_db_accession          P49913 
_struct_ref.pdbx_db_isoform            ? 
_struct_ref.entity_id                  1 
_struct_ref.pdbx_seq_one_letter_code   LLGDFFRKSKEKIGKEFKRIVQRIKDFLRNLVPRTES 
_struct_ref.pdbx_align_begin           134 
# 
_struct_ref_seq.align_id                      1 
_struct_ref_seq.ref_id                        1 
_struct_ref_seq.pdbx_PDB_id_code              5NMN 
_struct_ref_seq.pdbx_strand_id                A 
_struct_ref_seq.seq_align_beg                 1 
_struct_ref_seq.pdbx_seq_align_beg_ins_code   ? 
_struct_ref_seq.seq_align_end                 37 
_struct_ref_seq.pdbx_seq_align_end_ins_code   ? 
_struct_ref_seq.pdbx_db_accession             P49913 
_struct_ref_seq.db_align_beg                  134 
_struct_ref_seq.pdbx_db_align_beg_ins_code    ? 
_struct_ref_seq.db_align_end                  170 
_struct_ref_seq.pdbx_db_align_end_ins_code    ? 
_struct_ref_seq.pdbx_auth_seq_align_beg       1 
_struct_ref_seq.pdbx_auth_seq_align_end       37 
# 
_pdbx_struct_assembly.id                   1 
_pdbx_struct_assembly.details              author_and_software_defined_assembly 
_pdbx_struct_assembly.method_details       PISA 
_pdbx_struct_assembly.oligomeric_details   monomeric 
_pdbx_struct_assembly.oligomeric_count     1 
# 
loop_
_pdbx_struct_assembly_prop.biol_id 
_pdbx_struct_assembly_prop.type 
_pdbx_struct_assembly_prop.value 
_pdbx_struct_assembly_prop.details 
1 'ABSA (A^2)' 100  ? 
1 MORE         -7   ? 
1 'SSA (A^2)'  3750 ? 
# 
_pdbx_struct_assembly_gen.assembly_id       1 
_pdbx_struct_assembly_gen.oper_expression   1 
_pdbx_struct_assembly_gen.asym_id_list      A,B,C 
# 
_pdbx_struct_assembly_auth_evidence.id                     1 
_pdbx_struct_assembly_auth_evidence.assembly_id            1 
_pdbx_struct_assembly_auth_evidence.experimental_support   none 
_pdbx_struct_assembly_auth_evidence.details                ? 
# 
_pdbx_struct_oper_list.id                   1 
_pdbx_struct_oper_list.type                 'identity operation' 
_pdbx_struct_oper_list.name                 1_555 
_pdbx_struct_oper_list.symmetry_operation   x,y,z 
_pdbx_struct_oper_list.matrix[1][1]         1.0000000000 
_pdbx_struct_oper_list.matrix[1][2]         0.0000000000 
_pdbx_struct_oper_list.matrix[1][3]         0.0000000000 
_pdbx_struct_oper_list.vector[1]            0.0000000000 
_pdbx_struct_oper_list.matrix[2][1]         0.0000000000 
_pdbx_struct_oper_list.matrix[2][2]         1.0000000000 
_pdbx_struct_oper_list.matrix[2][3]         0.0000000000 
_pdbx_struct_oper_list.vector[2]            0.0000000000 
_pdbx_struct_oper_list.matrix[3][1]         0.0000000000 
_pdbx_struct_oper_list.matrix[3][2]         0.0000000000 
_pdbx_struct_oper_list.matrix[3][3]         1.0000000000 
_pdbx_struct_oper_list.vector[3]            0.0000000000 
# 
_struct_conf.conf_type_id            HELX_P 
_struct_conf.id                      HELX_P1 
_struct_conf.pdbx_PDB_helix_id       AA1 
_struct_conf.beg_label_comp_id       LEU 
_struct_conf.beg_label_asym_id       A 
_struct_conf.beg_label_seq_id        1 
_struct_conf.pdbx_beg_PDB_ins_code   ? 
_struct_conf.end_label_comp_id       LEU 
_struct_conf.end_label_asym_id       A 
_struct_conf.end_label_seq_id        31 
_struct_conf.pdbx_end_PDB_ins_code   ? 
_struct_conf.beg_auth_comp_id        LEU 
_struct_conf.beg_auth_asym_id        A 
_struct_conf.beg_auth_seq_id         1 
_struct_conf.end_auth_comp_id        LEU 
_struct_conf.end_auth_asym_id        A 
_struct_conf.end_auth_seq_id         31 
_struct_conf.pdbx_PDB_helix_class    1 
_struct_conf.details                 ? 
_struct_conf.pdbx_PDB_helix_length   31 
# 
_struct_conf_type.id          HELX_P 
_struct_conf_type.criteria    ? 
_struct_conf_type.reference   ? 
# 
_struct_site.id                   AC1 
_struct_site.pdbx_evidence_code   Software 
_struct_site.pdbx_auth_asym_id    A 
_struct_site.pdbx_auth_comp_id    NA 
_struct_site.pdbx_auth_seq_id     101 
_struct_site.pdbx_auth_ins_code   ? 
_struct_site.pdbx_num_residues    4 
_struct_site.details              'binding site for residue NA A 101' 
# 
loop_
_struct_site_gen.id 
_struct_site_gen.site_id 
_struct_site_gen.pdbx_num_res 
_struct_site_gen.label_comp_id 
_struct_site_gen.label_asym_id 
_struct_site_gen.label_seq_id 
_struct_site_gen.pdbx_auth_ins_code 
_struct_site_gen.auth_comp_id 
_struct_site_gen.auth_asym_id 
_struct_site_gen.auth_seq_id 
_struct_site_gen.label_atom_id 
_struct_site_gen.label_alt_id 
_struct_site_gen.symmetry 
_struct_site_gen.details 
1 AC1 4 LEU A 1  ? LEU A 1  . ? 3_454 ? 
2 AC1 4 GLY A 3  ? GLY A 3  . ? 3_454 ? 
3 AC1 4 ARG A 23 ? ARG A 23 . ? 1_555 ? 
4 AC1 4 ASN A 30 ? ASN A 30 . ? 1_555 ? 
# 
loop_
_pdbx_validate_close_contact.id 
_pdbx_validate_close_contact.PDB_model_num 
_pdbx_validate_close_contact.auth_atom_id_1 
_pdbx_validate_close_contact.auth_asym_id_1 
_pdbx_validate_close_contact.auth_comp_id_1 
_pdbx_validate_close_contact.auth_seq_id_1 
_pdbx_validate_close_contact.PDB_ins_code_1 
_pdbx_validate_close_contact.label_alt_id_1 
_pdbx_validate_close_contact.auth_atom_id_2 
_pdbx_validate_close_contact.auth_asym_id_2 
_pdbx_validate_close_contact.auth_comp_id_2 
_pdbx_validate_close_contact.auth_seq_id_2 
_pdbx_validate_close_contact.PDB_ins_code_2 
_pdbx_validate_close_contact.label_alt_id_2 
_pdbx_validate_close_contact.dist 
1 1 HH21 A ARG 23  ? ? O A HOH 201 ? ? 1.49 
2 1 NH2  A ARG 23  ? ? O A HOH 201 ? ? 1.85 
3 1 O    A HOH 211 ? ? O A HOH 212 ? ? 2.11 
# 
loop_
_pdbx_unobs_or_zero_occ_residues.id 
_pdbx_unobs_or_zero_occ_residues.PDB_model_num 
_pdbx_unobs_or_zero_occ_residues.polymer_flag 
_pdbx_unobs_or_zero_occ_residues.occupancy_flag 
_pdbx_unobs_or_zero_occ_residues.auth_asym_id 
_pdbx_unobs_or_zero_occ_residues.auth_comp_id 
_pdbx_unobs_or_zero_occ_residues.auth_seq_id 
_pdbx_unobs_or_zero_occ_residues.PDB_ins_code 
_pdbx_unobs_or_zero_occ_residues.label_asym_id 
_pdbx_unobs_or_zero_occ_residues.label_comp_id 
_pdbx_unobs_or_zero_occ_residues.label_seq_id 
1 1 Y 1 A THR 35 ? A THR 35 
2 1 Y 1 A GLU 36 ? A GLU 36 
3 1 Y 1 A SER 37 ? A SER 37 
# 
loop_
_chem_comp_atom.comp_id 
_chem_comp_atom.atom_id 
_chem_comp_atom.type_symbol 
_chem_comp_atom.pdbx_aromatic_flag 
_chem_comp_atom.pdbx_stereo_config 
_chem_comp_atom.pdbx_ordinal 
ARG N    N  N N 1   
ARG CA   C  N S 2   
ARG C    C  N N 3   
ARG O    O  N N 4   
ARG CB   C  N N 5   
ARG CG   C  N N 6   
ARG CD   C  N N 7   
ARG NE   N  N N 8   
ARG CZ   C  N N 9   
ARG NH1  N  N N 10  
ARG NH2  N  N N 11  
ARG OXT  O  N N 12  
ARG H    H  N N 13  
ARG H2   H  N N 14  
ARG HA   H  N N 15  
ARG HB2  H  N N 16  
ARG HB3  H  N N 17  
ARG HG2  H  N N 18  
ARG HG3  H  N N 19  
ARG HD2  H  N N 20  
ARG HD3  H  N N 21  
ARG HE   H  N N 22  
ARG HH11 H  N N 23  
ARG HH12 H  N N 24  
ARG HH21 H  N N 25  
ARG HH22 H  N N 26  
ARG HXT  H  N N 27  
ASN N    N  N N 28  
ASN CA   C  N S 29  
ASN C    C  N N 30  
ASN O    O  N N 31  
ASN CB   C  N N 32  
ASN CG   C  N N 33  
ASN OD1  O  N N 34  
ASN ND2  N  N N 35  
ASN OXT  O  N N 36  
ASN H    H  N N 37  
ASN H2   H  N N 38  
ASN HA   H  N N 39  
ASN HB2  H  N N 40  
ASN HB3  H  N N 41  
ASN HD21 H  N N 42  
ASN HD22 H  N N 43  
ASN HXT  H  N N 44  
ASP N    N  N N 45  
ASP CA   C  N S 46  
ASP C    C  N N 47  
ASP O    O  N N 48  
ASP CB   C  N N 49  
ASP CG   C  N N 50  
ASP OD1  O  N N 51  
ASP OD2  O  N N 52  
ASP OXT  O  N N 53  
ASP H    H  N N 54  
ASP H2   H  N N 55  
ASP HA   H  N N 56  
ASP HB2  H  N N 57  
ASP HB3  H  N N 58  
ASP HD2  H  N N 59  
ASP HXT  H  N N 60  
GLN N    N  N N 61  
GLN CA   C  N S 62  
GLN C    C  N N 63  
GLN O    O  N N 64  
GLN CB   C  N N 65  
GLN CG   C  N N 66  
GLN CD   C  N N 67  
GLN OE1  O  N N 68  
GLN NE2  N  N N 69  
GLN OXT  O  N N 70  
GLN H    H  N N 71  
GLN H2   H  N N 72  
GLN HA   H  N N 73  
GLN HB2  H  N N 74  
GLN HB3  H  N N 75  
GLN HG2  H  N N 76  
GLN HG3  H  N N 77  
GLN HE21 H  N N 78  
GLN HE22 H  N N 79  
GLN HXT  H  N N 80  
GLU N    N  N N 81  
GLU CA   C  N S 82  
GLU C    C  N N 83  
GLU O    O  N N 84  
GLU CB   C  N N 85  
GLU CG   C  N N 86  
GLU CD   C  N N 87  
GLU OE1  O  N N 88  
GLU OE2  O  N N 89  
GLU OXT  O  N N 90  
GLU H    H  N N 91  
GLU H2   H  N N 92  
GLU HA   H  N N 93  
GLU HB2  H  N N 94  
GLU HB3  H  N N 95  
GLU HG2  H  N N 96  
GLU HG3  H  N N 97  
GLU HE2  H  N N 98  
GLU HXT  H  N N 99  
GLY N    N  N N 100 
GLY CA   C  N N 101 
GLY C    C  N N 102 
GLY O    O  N N 103 
GLY OXT  O  N N 104 
GLY H    H  N N 105 
GLY H2   H  N N 106 
GLY HA2  H  N N 107 
GLY HA3  H  N N 108 
GLY HXT  H  N N 109 
HOH O    O  N N 110 
HOH H1   H  N N 111 
HOH H2   H  N N 112 
ILE N    N  N N 113 
ILE CA   C  N S 114 
ILE C    C  N N 115 
ILE O    O  N N 116 
ILE CB   C  N S 117 
ILE CG1  C  N N 118 
ILE CG2  C  N N 119 
ILE CD1  C  N N 120 
ILE OXT  O  N N 121 
ILE H    H  N N 122 
ILE H2   H  N N 123 
ILE HA   H  N N 124 
ILE HB   H  N N 125 
ILE HG12 H  N N 126 
ILE HG13 H  N N 127 
ILE HG21 H  N N 128 
ILE HG22 H  N N 129 
ILE HG23 H  N N 130 
ILE HD11 H  N N 131 
ILE HD12 H  N N 132 
ILE HD13 H  N N 133 
ILE HXT  H  N N 134 
LEU N    N  N N 135 
LEU CA   C  N S 136 
LEU C    C  N N 137 
LEU O    O  N N 138 
LEU CB   C  N N 139 
LEU CG   C  N N 140 
LEU CD1  C  N N 141 
LEU CD2  C  N N 142 
LEU OXT  O  N N 143 
LEU H    H  N N 144 
LEU H2   H  N N 145 
LEU HA   H  N N 146 
LEU HB2  H  N N 147 
LEU HB3  H  N N 148 
LEU HG   H  N N 149 
LEU HD11 H  N N 150 
LEU HD12 H  N N 151 
LEU HD13 H  N N 152 
LEU HD21 H  N N 153 
LEU HD22 H  N N 154 
LEU HD23 H  N N 155 
LEU HXT  H  N N 156 
LYS N    N  N N 157 
LYS CA   C  N S 158 
LYS C    C  N N 159 
LYS O    O  N N 160 
LYS CB   C  N N 161 
LYS CG   C  N N 162 
LYS CD   C  N N 163 
LYS CE   C  N N 164 
LYS NZ   N  N N 165 
LYS OXT  O  N N 166 
LYS H    H  N N 167 
LYS H2   H  N N 168 
LYS HA   H  N N 169 
LYS HB2  H  N N 170 
LYS HB3  H  N N 171 
LYS HG2  H  N N 172 
LYS HG3  H  N N 173 
LYS HD2  H  N N 174 
LYS HD3  H  N N 175 
LYS HE2  H  N N 176 
LYS HE3  H  N N 177 
LYS HZ1  H  N N 178 
LYS HZ2  H  N N 179 
LYS HZ3  H  N N 180 
LYS HXT  H  N N 181 
NA  NA   NA N N 182 
PHE N    N  N N 183 
PHE CA   C  N S 184 
PHE C    C  N N 185 
PHE O    O  N N 186 
PHE CB   C  N N 187 
PHE CG   C  Y N 188 
PHE CD1  C  Y N 189 
PHE CD2  C  Y N 190 
PHE CE1  C  Y N 191 
PHE CE2  C  Y N 192 
PHE CZ   C  Y N 193 
PHE OXT  O  N N 194 
PHE H    H  N N 195 
PHE H2   H  N N 196 
PHE HA   H  N N 197 
PHE HB2  H  N N 198 
PHE HB3  H  N N 199 
PHE HD1  H  N N 200 
PHE HD2  H  N N 201 
PHE HE1  H  N N 202 
PHE HE2  H  N N 203 
PHE HZ   H  N N 204 
PHE HXT  H  N N 205 
PRO N    N  N N 206 
PRO CA   C  N S 207 
PRO C    C  N N 208 
PRO O    O  N N 209 
PRO CB   C  N N 210 
PRO CG   C  N N 211 
PRO CD   C  N N 212 
PRO OXT  O  N N 213 
PRO H    H  N N 214 
PRO HA   H  N N 215 
PRO HB2  H  N N 216 
PRO HB3  H  N N 217 
PRO HG2  H  N N 218 
PRO HG3  H  N N 219 
PRO HD2  H  N N 220 
PRO HD3  H  N N 221 
PRO HXT  H  N N 222 
SER N    N  N N 223 
SER CA   C  N S 224 
SER C    C  N N 225 
SER O    O  N N 226 
SER CB   C  N N 227 
SER OG   O  N N 228 
SER OXT  O  N N 229 
SER H    H  N N 230 
SER H2   H  N N 231 
SER HA   H  N N 232 
SER HB2  H  N N 233 
SER HB3  H  N N 234 
SER HG   H  N N 235 
SER HXT  H  N N 236 
THR N    N  N N 237 
THR CA   C  N S 238 
THR C    C  N N 239 
THR O    O  N N 240 
THR CB   C  N R 241 
THR OG1  O  N N 242 
THR CG2  C  N N 243 
THR OXT  O  N N 244 
THR H    H  N N 245 
THR H2   H  N N 246 
THR HA   H  N N 247 
THR HB   H  N N 248 
THR HG1  H  N N 249 
THR HG21 H  N N 250 
THR HG22 H  N N 251 
THR HG23 H  N N 252 
THR HXT  H  N N 253 
VAL N    N  N N 254 
VAL CA   C  N S 255 
VAL C    C  N N 256 
VAL O    O  N N 257 
VAL CB   C  N N 258 
VAL CG1  C  N N 259 
VAL CG2  C  N N 260 
VAL OXT  O  N N 261 
VAL H    H  N N 262 
VAL H2   H  N N 263 
VAL HA   H  N N 264 
VAL HB   H  N N 265 
VAL HG11 H  N N 266 
VAL HG12 H  N N 267 
VAL HG13 H  N N 268 
VAL HG21 H  N N 269 
VAL HG22 H  N N 270 
VAL HG23 H  N N 271 
VAL HXT  H  N N 272 
# 
loop_
_chem_comp_bond.comp_id 
_chem_comp_bond.atom_id_1 
_chem_comp_bond.atom_id_2 
_chem_comp_bond.value_order 
_chem_comp_bond.pdbx_aromatic_flag 
_chem_comp_bond.pdbx_stereo_config 
_chem_comp_bond.pdbx_ordinal 
ARG N   CA   sing N N 1   
ARG N   H    sing N N 2   
ARG N   H2   sing N N 3   
ARG CA  C    sing N N 4   
ARG CA  CB   sing N N 5   
ARG CA  HA   sing N N 6   
ARG C   O    doub N N 7   
ARG C   OXT  sing N N 8   
ARG CB  CG   sing N N 9   
ARG CB  HB2  sing N N 10  
ARG CB  HB3  sing N N 11  
ARG CG  CD   sing N N 12  
ARG CG  HG2  sing N N 13  
ARG CG  HG3  sing N N 14  
ARG CD  NE   sing N N 15  
ARG CD  HD2  sing N N 16  
ARG CD  HD3  sing N N 17  
ARG NE  CZ   sing N N 18  
ARG NE  HE   sing N N 19  
ARG CZ  NH1  sing N N 20  
ARG CZ  NH2  doub N N 21  
ARG NH1 HH11 sing N N 22  
ARG NH1 HH12 sing N N 23  
ARG NH2 HH21 sing N N 24  
ARG NH2 HH22 sing N N 25  
ARG OXT HXT  sing N N 26  
ASN N   CA   sing N N 27  
ASN N   H    sing N N 28  
ASN N   H2   sing N N 29  
ASN CA  C    sing N N 30  
ASN CA  CB   sing N N 31  
ASN CA  HA   sing N N 32  
ASN C   O    doub N N 33  
ASN C   OXT  sing N N 34  
ASN CB  CG   sing N N 35  
ASN CB  HB2  sing N N 36  
ASN CB  HB3  sing N N 37  
ASN CG  OD1  doub N N 38  
ASN CG  ND2  sing N N 39  
ASN ND2 HD21 sing N N 40  
ASN ND2 HD22 sing N N 41  
ASN OXT HXT  sing N N 42  
ASP N   CA   sing N N 43  
ASP N   H    sing N N 44  
ASP N   H2   sing N N 45  
ASP CA  C    sing N N 46  
ASP CA  CB   sing N N 47  
ASP CA  HA   sing N N 48  
ASP C   O    doub N N 49  
ASP C   OXT  sing N N 50  
ASP CB  CG   sing N N 51  
ASP CB  HB2  sing N N 52  
ASP CB  HB3  sing N N 53  
ASP CG  OD1  doub N N 54  
ASP CG  OD2  sing N N 55  
ASP OD2 HD2  sing N N 56  
ASP OXT HXT  sing N N 57  
GLN N   CA   sing N N 58  
GLN N   H    sing N N 59  
GLN N   H2   sing N N 60  
GLN CA  C    sing N N 61  
GLN CA  CB   sing N N 62  
GLN CA  HA   sing N N 63  
GLN C   O    doub N N 64  
GLN C   OXT  sing N N 65  
GLN CB  CG   sing N N 66  
GLN CB  HB2  sing N N 67  
GLN CB  HB3  sing N N 68  
GLN CG  CD   sing N N 69  
GLN CG  HG2  sing N N 70  
GLN CG  HG3  sing N N 71  
GLN CD  OE1  doub N N 72  
GLN CD  NE2  sing N N 73  
GLN NE2 HE21 sing N N 74  
GLN NE2 HE22 sing N N 75  
GLN OXT HXT  sing N N 76  
GLU N   CA   sing N N 77  
GLU N   H    sing N N 78  
GLU N   H2   sing N N 79  
GLU CA  C    sing N N 80  
GLU CA  CB   sing N N 81  
GLU CA  HA   sing N N 82  
GLU C   O    doub N N 83  
GLU C   OXT  sing N N 84  
GLU CB  CG   sing N N 85  
GLU CB  HB2  sing N N 86  
GLU CB  HB3  sing N N 87  
GLU CG  CD   sing N N 88  
GLU CG  HG2  sing N N 89  
GLU CG  HG3  sing N N 90  
GLU CD  OE1  doub N N 91  
GLU CD  OE2  sing N N 92  
GLU OE2 HE2  sing N N 93  
GLU OXT HXT  sing N N 94  
GLY N   CA   sing N N 95  
GLY N   H    sing N N 96  
GLY N   H2   sing N N 97  
GLY CA  C    sing N N 98  
GLY CA  HA2  sing N N 99  
GLY CA  HA3  sing N N 100 
GLY C   O    doub N N 101 
GLY C   OXT  sing N N 102 
GLY OXT HXT  sing N N 103 
HOH O   H1   sing N N 104 
HOH O   H2   sing N N 105 
ILE N   CA   sing N N 106 
ILE N   H    sing N N 107 
ILE N   H2   sing N N 108 
ILE CA  C    sing N N 109 
ILE CA  CB   sing N N 110 
ILE CA  HA   sing N N 111 
ILE C   O    doub N N 112 
ILE C   OXT  sing N N 113 
ILE CB  CG1  sing N N 114 
ILE CB  CG2  sing N N 115 
ILE CB  HB   sing N N 116 
ILE CG1 CD1  sing N N 117 
ILE CG1 HG12 sing N N 118 
ILE CG1 HG13 sing N N 119 
ILE CG2 HG21 sing N N 120 
ILE CG2 HG22 sing N N 121 
ILE CG2 HG23 sing N N 122 
ILE CD1 HD11 sing N N 123 
ILE CD1 HD12 sing N N 124 
ILE CD1 HD13 sing N N 125 
ILE OXT HXT  sing N N 126 
LEU N   CA   sing N N 127 
LEU N   H    sing N N 128 
LEU N   H2   sing N N 129 
LEU CA  C    sing N N 130 
LEU CA  CB   sing N N 131 
LEU CA  HA   sing N N 132 
LEU C   O    doub N N 133 
LEU C   OXT  sing N N 134 
LEU CB  CG   sing N N 135 
LEU CB  HB2  sing N N 136 
LEU CB  HB3  sing N N 137 
LEU CG  CD1  sing N N 138 
LEU CG  CD2  sing N N 139 
LEU CG  HG   sing N N 140 
LEU CD1 HD11 sing N N 141 
LEU CD1 HD12 sing N N 142 
LEU CD1 HD13 sing N N 143 
LEU CD2 HD21 sing N N 144 
LEU CD2 HD22 sing N N 145 
LEU CD2 HD23 sing N N 146 
LEU OXT HXT  sing N N 147 
LYS N   CA   sing N N 148 
LYS N   H    sing N N 149 
LYS N   H2   sing N N 150 
LYS CA  C    sing N N 151 
LYS CA  CB   sing N N 152 
LYS CA  HA   sing N N 153 
LYS C   O    doub N N 154 
LYS C   OXT  sing N N 155 
LYS CB  CG   sing N N 156 
LYS CB  HB2  sing N N 157 
LYS CB  HB3  sing N N 158 
LYS CG  CD   sing N N 159 
LYS CG  HG2  sing N N 160 
LYS CG  HG3  sing N N 161 
LYS CD  CE   sing N N 162 
LYS CD  HD2  sing N N 163 
LYS CD  HD3  sing N N 164 
LYS CE  NZ   sing N N 165 
LYS CE  HE2  sing N N 166 
LYS CE  HE3  sing N N 167 
LYS NZ  HZ1  sing N N 168 
LYS NZ  HZ2  sing N N 169 
LYS NZ  HZ3  sing N N 170 
LYS OXT HXT  sing N N 171 
PHE N   CA   sing N N 172 
PHE N   H    sing N N 173 
PHE N   H2   sing N N 174 
PHE CA  C    sing N N 175 
PHE CA  CB   sing N N 176 
PHE CA  HA   sing N N 177 
PHE C   O    doub N N 178 
PHE C   OXT  sing N N 179 
PHE CB  CG   sing N N 180 
PHE CB  HB2  sing N N 181 
PHE CB  HB3  sing N N 182 
PHE CG  CD1  doub Y N 183 
PHE CG  CD2  sing Y N 184 
PHE CD1 CE1  sing Y N 185 
PHE CD1 HD1  sing N N 186 
PHE CD2 CE2  doub Y N 187 
PHE CD2 HD2  sing N N 188 
PHE CE1 CZ   doub Y N 189 
PHE CE1 HE1  sing N N 190 
PHE CE2 CZ   sing Y N 191 
PHE CE2 HE2  sing N N 192 
PHE CZ  HZ   sing N N 193 
PHE OXT HXT  sing N N 194 
PRO N   CA   sing N N 195 
PRO N   CD   sing N N 196 
PRO N   H    sing N N 197 
PRO CA  C    sing N N 198 
PRO CA  CB   sing N N 199 
PRO CA  HA   sing N N 200 
PRO C   O    doub N N 201 
PRO C   OXT  sing N N 202 
PRO CB  CG   sing N N 203 
PRO CB  HB2  sing N N 204 
PRO CB  HB3  sing N N 205 
PRO CG  CD   sing N N 206 
PRO CG  HG2  sing N N 207 
PRO CG  HG3  sing N N 208 
PRO CD  HD2  sing N N 209 
PRO CD  HD3  sing N N 210 
PRO OXT HXT  sing N N 211 
SER N   CA   sing N N 212 
SER N   H    sing N N 213 
SER N   H2   sing N N 214 
SER CA  C    sing N N 215 
SER CA  CB   sing N N 216 
SER CA  HA   sing N N 217 
SER C   O    doub N N 218 
SER C   OXT  sing N N 219 
SER CB  OG   sing N N 220 
SER CB  HB2  sing N N 221 
SER CB  HB3  sing N N 222 
SER OG  HG   sing N N 223 
SER OXT HXT  sing N N 224 
THR N   CA   sing N N 225 
THR N   H    sing N N 226 
THR N   H2   sing N N 227 
THR CA  C    sing N N 228 
THR CA  CB   sing N N 229 
THR CA  HA   sing N N 230 
THR C   O    doub N N 231 
THR C   OXT  sing N N 232 
THR CB  OG1  sing N N 233 
THR CB  CG2  sing N N 234 
THR CB  HB   sing N N 235 
THR OG1 HG1  sing N N 236 
THR CG2 HG21 sing N N 237 
THR CG2 HG22 sing N N 238 
THR CG2 HG23 sing N N 239 
THR OXT HXT  sing N N 240 
VAL N   CA   sing N N 241 
VAL N   H    sing N N 242 
VAL N   H2   sing N N 243 
VAL CA  C    sing N N 244 
VAL CA  CB   sing N N 245 
VAL CA  HA   sing N N 246 
VAL C   O    doub N N 247 
VAL C   OXT  sing N N 248 
VAL CB  CG1  sing N N 249 
VAL CB  CG2  sing N N 250 
VAL CB  HB   sing N N 251 
VAL CG1 HG11 sing N N 252 
VAL CG1 HG12 sing N N 253 
VAL CG1 HG13 sing N N 254 
VAL CG2 HG21 sing N N 255 
VAL CG2 HG22 sing N N 256 
VAL CG2 HG23 sing N N 257 
VAL OXT HXT  sing N N 258 
# 
_atom_sites.entry_id                    5NMN 
_atom_sites.fract_transf_matrix[1][1]   -0.00815702 
_atom_sites.fract_transf_matrix[1][2]   0.01424267 
_atom_sites.fract_transf_matrix[1][3]   0.00501141 
_atom_sites.fract_transf_matrix[2][1]   -0.01558948 
_atom_sites.fract_transf_matrix[2][2]   -0.02560451 
_atom_sites.fract_transf_matrix[2][3]   0.04739442 
_atom_sites.fract_transf_matrix[3][1]   0.02073739 
_atom_sites.fract_transf_matrix[3][2]   0.01603717 
_atom_sites.fract_transf_matrix[3][3]   0.01548514 
_atom_sites.fract_transf_vector[1]      0.179244 
_atom_sites.fract_transf_vector[2]      -0.002983 
_atom_sites.fract_transf_vector[3]      0.115917 
# 
loop_
_atom_type.symbol 
C  
H  
N  
NA 
O  
# 
loop_
_atom_site.group_PDB 
_atom_site.id 
_atom_site.type_symbol 
_atom_site.label_atom_id 
_atom_site.label_alt_id 
_atom_site.label_comp_id 
_atom_site.label_asym_id 
_atom_site.label_entity_id 
_atom_site.label_seq_id 
_atom_site.pdbx_PDB_ins_code 
_atom_site.Cartn_x 
_atom_site.Cartn_y 
_atom_site.Cartn_z 
_atom_site.occupancy 
_atom_site.B_iso_or_equiv 
_atom_site.pdbx_formal_charge 
_atom_site.auth_seq_id 
_atom_site.auth_comp_id 
_atom_site.auth_asym_id 
_atom_site.auth_atom_id 
_atom_site.pdbx_PDB_model_num 
ATOM   1   N  N    . LEU A 1 1  ? 4.643   25.762  2.778   1.00 46.02  ? 1   LEU A N    1 
ATOM   2   C  CA   . LEU A 1 1  ? 4.900   25.443  1.347   1.00 27.30  ? 1   LEU A CA   1 
ATOM   3   C  C    . LEU A 1 1  ? 5.929   24.306  1.285   1.00 15.87  ? 1   LEU A C    1 
ATOM   4   O  O    . LEU A 1 1  ? 5.581   23.168  0.990   1.00 14.93  ? 1   LEU A O    1 
ATOM   5   C  CB   . LEU A 1 1  ? 5.345   26.700  0.565   1.00 51.30  ? 1   LEU A CB   1 
ATOM   6   C  CG   . LEU A 1 1  ? 4.379   27.908  0.515   1.00 67.15  ? 1   LEU A CG   1 
ATOM   7   C  CD1  . LEU A 1 1  ? 3.784   28.214  1.892   1.00 75.34  ? 1   LEU A CD1  1 
ATOM   8   C  CD2  . LEU A 1 1  ? 5.055   29.145  -0.093  1.00 73.37  ? 1   LEU A CD2  1 
ATOM   9   H  H1   . LEU A 1 1  ? 5.091   26.579  3.009   1.00 55.22  ? 1   LEU A H1   1 
ATOM   10  H  H2   . LEU A 1 1  ? 3.698   25.865  2.918   1.00 55.22  ? 1   LEU A H2   1 
ATOM   11  H  H3   . LEU A 1 1  ? 4.972   25.049  3.330   1.00 55.22  ? 1   LEU A H3   1 
ATOM   12  H  HA   . LEU A 1 1  ? 4.071   25.117  0.941   1.00 32.75  ? 1   LEU A HA   1 
ATOM   13  H  HB2  . LEU A 1 1  ? 6.172   27.018  0.959   1.00 61.56  ? 1   LEU A HB2  1 
ATOM   14  H  HB3  . LEU A 1 1  ? 5.514   26.436  -0.352  1.00 61.56  ? 1   LEU A HB3  1 
ATOM   15  H  HG   . LEU A 1 1  ? 3.639   27.674  -0.067  1.00 80.58  ? 1   LEU A HG   1 
ATOM   16  H  HD11 . LEU A 1 1  ? 3.298   27.444  2.199   1.00 90.40  ? 1   LEU A HD11 1 
ATOM   17  H  HD12 . LEU A 1 1  ? 4.496   28.416  2.501   1.00 90.40  ? 1   LEU A HD12 1 
ATOM   18  H  HD13 . LEU A 1 1  ? 3.193   28.966  1.815   1.00 90.40  ? 1   LEU A HD13 1 
ATOM   19  H  HD21 . LEU A 1 1  ? 5.814   29.382  0.444   1.00 88.04  ? 1   LEU A HD21 1 
ATOM   20  H  HD22 . LEU A 1 1  ? 5.336   28.939  -0.987  1.00 88.04  ? 1   LEU A HD22 1 
ATOM   21  H  HD23 . LEU A 1 1  ? 4.424   29.869  -0.107  1.00 88.04  ? 1   LEU A HD23 1 
ATOM   22  N  N    . LEU A 1 2  ? 7.185   24.594  1.604   1.00 15.64  ? 2   LEU A N    1 
ATOM   23  C  CA   . LEU A 1 2  ? 8.199   23.544  1.598   1.00 15.10  ? 2   LEU A CA   1 
ATOM   24  C  C    . LEU A 1 2  ? 7.887   22.428  2.607   1.00 13.09  ? 2   LEU A C    1 
ATOM   25  O  O    . LEU A 1 2  ? 8.122   21.250  2.336   1.00 13.12  ? 2   LEU A O    1 
ATOM   26  C  CB   . LEU A 1 2  ? 9.579   24.127  1.880   1.00 17.00  ? 2   LEU A CB   1 
ATOM   27  C  CG   . LEU A 1 2  ? 10.735  23.134  1.750   1.00 18.10  ? 2   LEU A CG   1 
ATOM   28  C  CD1  . LEU A 1 2  ? 10.820  22.578  0.342   1.00 21.86  ? 2   LEU A CD1  1 
ATOM   29  C  CD2  . LEU A 1 2  ? 12.041  23.798  2.141   1.00 21.48  ? 2   LEU A CD2  1 
ATOM   30  H  H    . LEU A 1 2  ? 7.474   25.375  1.824   1.00 18.77  ? 2   LEU A H    1 
ATOM   31  H  HA   . LEU A 1 2  ? 8.224   23.140  0.706   1.00 18.12  ? 2   LEU A HA   1 
ATOM   32  H  HB2  . LEU A 1 2  ? 9.743   24.852  1.256   1.00 20.40  ? 2   LEU A HB2  1 
ATOM   33  H  HB3  . LEU A 1 2  ? 9.590   24.471  2.788   1.00 20.40  ? 2   LEU A HB3  1 
ATOM   34  H  HG   . LEU A 1 2  ? 10.583  22.392  2.356   1.00 21.71  ? 2   LEU A HG   1 
ATOM   35  H  HD11 . LEU A 1 2  ? 11.553  21.960  0.294   1.00 26.23  ? 2   LEU A HD11 1 
ATOM   36  H  HD12 . LEU A 1 2  ? 9.999   22.127  0.133   1.00 26.23  ? 2   LEU A HD12 1 
ATOM   37  H  HD13 . LEU A 1 2  ? 10.962  23.302  -0.273  1.00 26.23  ? 2   LEU A HD13 1 
ATOM   38  H  HD21 . LEU A 1 2  ? 12.754  23.161  2.052   1.00 25.78  ? 2   LEU A HD21 1 
ATOM   39  H  HD22 . LEU A 1 2  ? 12.197  24.546  1.560   1.00 25.78  ? 2   LEU A HD22 1 
ATOM   40  H  HD23 . LEU A 1 2  ? 11.979  24.096  3.051   1.00 25.78  ? 2   LEU A HD23 1 
ATOM   41  N  N    . GLY A 1 3  ? 7.384   22.801  3.781   1.00 13.35  ? 3   GLY A N    1 
ATOM   42  C  CA   . GLY A 1 3  ? 7.002   21.803  4.770   1.00 13.54  ? 3   GLY A CA   1 
ATOM   43  C  C    . GLY A 1 3  ? 5.940   20.861  4.237   1.00 12.44  ? 3   GLY A C    1 
ATOM   44  O  O    . GLY A 1 3  ? 5.991   19.645  4.462   1.00 12.54  ? 3   GLY A O    1 
ATOM   45  H  H    . GLY A 1 3  ? 7.256   23.615  4.025   1.00 16.02  ? 3   GLY A H    1 
ATOM   46  H  HA2  . GLY A 1 3  ? 7.780   21.282  5.024   1.00 16.25  ? 3   GLY A HA2  1 
ATOM   47  H  HA3  . GLY A 1 3  ? 6.656   22.245  5.561   1.00 16.25  ? 3   GLY A HA3  1 
ATOM   48  N  N    . ASP A 1 4  ? 4.972   21.417  3.520   1.00 12.22  ? 4   ASP A N    1 
ATOM   49  C  CA   . ASP A 1 4  ? 3.920   20.607  2.916   1.00 12.90  ? 4   ASP A CA   1 
ATOM   50  C  C    . ASP A 1 4  ? 4.485   19.658  1.862   1.00 11.84  ? 4   ASP A C    1 
ATOM   51  O  O    . ASP A 1 4  ? 4.041   18.515  1.756   1.00 12.40  ? 4   ASP A O    1 
ATOM   52  C  CB   . ASP A 1 4  ? 2.837   21.494  2.308   1.00 13.36  ? 4   ASP A CB   1 
ATOM   53  C  CG   . ASP A 1 4  ? 2.224   22.434  3.325   1.00 18.52  ? 4   ASP A CG   1 
ATOM   54  O  OD1  . ASP A 1 4  ? 1.243   22.043  3.991   1.00 20.80  ? 4   ASP A OD1  1 
ATOM   55  O  OD2  . ASP A 1 4  ? 2.739   23.561  3.465   1.00 19.29  ? 4   ASP A OD2  1 
ATOM   56  H  H    . ASP A 1 4  ? 4.901   22.261  3.367   1.00 14.66  ? 4   ASP A H    1 
ATOM   57  H  HA   . ASP A 1 4  ? 3.502   20.063  3.615   1.00 15.48  ? 4   ASP A HA   1 
ATOM   58  H  HB2  . ASP A 1 4  ? 3.227   22.031  1.600   1.00 16.03  ? 4   ASP A HB2  1 
ATOM   59  H  HB3  . ASP A 1 4  ? 2.130   20.934  1.952   1.00 16.03  ? 4   ASP A HB3  1 
ATOM   60  N  N    . PHE A 1 5  ? 5.473   20.111  1.096   1.00 12.35  ? 5   PHE A N    1 
ATOM   61  C  CA   . PHE A 1 5  ? 6.101   19.258  0.096   1.00 11.72  ? 5   PHE A CA   1 
ATOM   62  C  C    . PHE A 1 5  ? 6.755   18.042  0.764   1.00 10.72  ? 5   PHE A C    1 
ATOM   63  O  O    . PHE A 1 5  ? 6.544   16.900  0.345   1.00 11.89  ? 5   PHE A O    1 
ATOM   64  C  CB   . PHE A 1 5  ? 7.138   20.043  -0.702  1.00 12.91  ? 5   PHE A CB   1 
ATOM   65  C  CG   . PHE A 1 5  ? 7.946   19.186  -1.625  1.00 16.11  ? 5   PHE A CG   1 
ATOM   66  C  CD1  . PHE A 1 5  ? 7.461   18.846  -2.874  1.00 18.51  ? 5   PHE A CD1  1 
ATOM   67  C  CD2  . PHE A 1 5  ? 9.177   18.696  -1.230  1.00 22.66  ? 5   PHE A CD2  1 
ATOM   68  C  CE1  . PHE A 1 5  ? 8.199   18.044  -3.721  1.00 21.92  ? 5   PHE A CE1  1 
ATOM   69  C  CE2  . PHE A 1 5  ? 9.920   17.895  -2.071  1.00 25.88  ? 5   PHE A CE2  1 
ATOM   70  C  CZ   . PHE A 1 5  ? 9.430   17.568  -3.319  1.00 25.83  ? 5   PHE A CZ   1 
ATOM   71  H  H    . PHE A 1 5  ? 5.796   20.906  1.138   1.00 14.81  ? 5   PHE A H    1 
ATOM   72  H  HA   . PHE A 1 5  ? 5.417   18.934  -0.527  1.00 14.07  ? 5   PHE A HA   1 
ATOM   73  H  HB2  . PHE A 1 5  ? 6.684   20.711  -1.237  1.00 15.49  ? 5   PHE A HB2  1 
ATOM   74  H  HB3  . PHE A 1 5  ? 7.749   20.474  -0.085  1.00 15.49  ? 5   PHE A HB3  1 
ATOM   75  H  HD1  . PHE A 1 5  ? 6.632   19.164  -3.149  1.00 22.21  ? 5   PHE A HD1  1 
ATOM   76  H  HD2  . PHE A 1 5  ? 9.511   18.915  -0.389  1.00 27.19  ? 5   PHE A HD2  1 
ATOM   77  H  HE1  . PHE A 1 5  ? 7.867   17.825  -4.563  1.00 26.30  ? 5   PHE A HE1  1 
ATOM   78  H  HE2  . PHE A 1 5  ? 10.750  17.576  -1.798  1.00 31.05  ? 5   PHE A HE2  1 
ATOM   79  H  HZ   . PHE A 1 5  ? 9.930   17.029  -3.888  1.00 30.99  ? 5   PHE A HZ   1 
ATOM   80  N  N    . PHE A 1 6  ? 7.547   18.280  1.806   1.00 11.18  ? 6   PHE A N    1 
ATOM   81  C  CA   . PHE A 1 6  ? 8.178   17.165  2.515   1.00 11.68  ? 6   PHE A CA   1 
ATOM   82  C  C    . PHE A 1 6  ? 7.134   16.252  3.173   1.00 11.37  ? 6   PHE A C    1 
ATOM   83  O  O    . PHE A 1 6  ? 7.261   15.025  3.136   1.00 12.51  ? 6   PHE A O    1 
ATOM   84  C  CB   . PHE A 1 6  ? 9.176   17.657  3.562   1.00 11.66  ? 6   PHE A CB   1 
ATOM   85  C  CG   . PHE A 1 6  ? 10.430  18.261  2.992   1.00 11.84  ? 6   PHE A CG   1 
ATOM   86  C  CD1  . PHE A 1 6  ? 11.175  17.612  2.025   1.00 13.76  ? 6   PHE A CD1  1 
ATOM   87  C  CD2  . PHE A 1 6  ? 10.886  19.473  3.455   1.00 12.88  ? 6   PHE A CD2  1 
ATOM   88  C  CE1  . PHE A 1 6  ? 12.345  18.179  1.530   1.00 14.86  ? 6   PHE A CE1  1 
ATOM   89  C  CE2  . PHE A 1 6  ? 12.046  20.035  2.969   1.00 14.25  ? 6   PHE A CE2  1 
ATOM   90  C  CZ   . PHE A 1 6  ? 12.778  19.393  2.008   1.00 14.83  ? 6   PHE A CZ   1 
ATOM   91  H  H    . PHE A 1 6  ? 7.735   19.059  2.119   1.00 13.42  ? 6   PHE A H    1 
ATOM   92  H  HA   . PHE A 1 6  ? 8.674   16.625  1.865   1.00 14.02  ? 6   PHE A HA   1 
ATOM   93  H  HB2  . PHE A 1 6  ? 8.746   18.335  4.107   1.00 13.99  ? 6   PHE A HB2  1 
ATOM   94  H  HB3  . PHE A 1 6  ? 9.437   16.907  4.118   1.00 13.99  ? 6   PHE A HB3  1 
ATOM   95  H  HD1  . PHE A 1 6  ? 10.890  16.789  1.700   1.00 16.51  ? 6   PHE A HD1  1 
ATOM   96  H  HD2  . PHE A 1 6  ? 10.403  19.920  4.112   1.00 15.46  ? 6   PHE A HD2  1 
ATOM   97  H  HE1  . PHE A 1 6  ? 12.835  17.736  0.875   1.00 17.84  ? 6   PHE A HE1  1 
ATOM   98  H  HE2  . PHE A 1 6  ? 12.332  20.859  3.294   1.00 17.10  ? 6   PHE A HE2  1 
ATOM   99  H  HZ   . PHE A 1 6  ? 13.557  19.778  1.675   1.00 17.80  ? 6   PHE A HZ   1 
ATOM   100 N  N    . ARG A 1 7  ? 6.106   16.846  3.771   1.00 11.36  ? 7   ARG A N    1 
ATOM   101 C  CA   . ARG A 1 7  ? 5.059   16.059  4.399   1.00 11.53  ? 7   ARG A CA   1 
ATOM   102 C  C    . ARG A 1 7  ? 4.390   15.138  3.381   1.00 11.48  ? 7   ARG A C    1 
ATOM   103 O  O    . ARG A 1 7  ? 4.170   13.950  3.641   1.00 12.53  ? 7   ARG A O    1 
ATOM   104 C  CB   . ARG A 1 7  ? 4.000   16.951  5.047   1.00 11.57  ? 7   ARG A CB   1 
ATOM   105 C  CG   . ARG A 1 7  ? 3.004   16.130  5.854   1.00 12.76  ? 7   ARG A CG   1 
ATOM   106 C  CD   . ARG A 1 7  ? 1.796   16.917  6.318   1.00 12.45  ? 7   ARG A CD   1 
ATOM   107 N  NE   . ARG A 1 7  ? 0.977   17.371  5.204   1.00 13.22  ? 7   ARG A NE   1 
ATOM   108 C  CZ   . ARG A 1 7  ? 0.870   18.630  4.786   1.00 12.91  ? 7   ARG A CZ   1 
ATOM   109 N  NH1  . ARG A 1 7  ? 1.527   19.617  5.389   1.00 13.18  ? 7   ARG A NH1  1 
ATOM   110 N  NH2  . ARG A 1 7  ? 0.081   18.900  3.755   1.00 14.53  ? 7   ARG A NH2  1 
ATOM   111 H  H    . ARG A 1 7  ? 5.994   17.697  3.826   1.00 13.63  ? 7   ARG A H    1 
ATOM   112 H  HA   . ARG A 1 7  ? 5.455   15.500  5.100   1.00 13.83  ? 7   ARG A HA   1 
ATOM   113 H  HB2  . ARG A 1 7  ? 4.434   17.578  5.647   1.00 13.88  ? 7   ARG A HB2  1 
ATOM   114 H  HB3  . ARG A 1 7  ? 3.514   17.426  4.356   1.00 13.88  ? 7   ARG A HB3  1 
ATOM   115 H  HG2  . ARG A 1 7  ? 2.687   15.396  5.304   1.00 15.31  ? 7   ARG A HG2  1 
ATOM   116 H  HG3  . ARG A 1 7  ? 3.452   15.781  6.641   1.00 15.31  ? 7   ARG A HG3  1 
ATOM   117 H  HD2  . ARG A 1 7  ? 1.248   16.353  6.886   1.00 14.94  ? 7   ARG A HD2  1 
ATOM   118 H  HD3  . ARG A 1 7  ? 2.095   17.698  6.811   1.00 14.94  ? 7   ARG A HD3  1 
ATOM   119 H  HE   . ARG A 1 7  ? 0.525   16.776  4.780   1.00 15.87  ? 7   ARG A HE   1 
ATOM   120 H  HH11 . ARG A 1 7  ? 2.039   19.446  6.059   1.00 15.82  ? 7   ARG A HH11 1 
ATOM   121 H  HH12 . ARG A 1 7  ? 1.445   20.424  5.106   1.00 15.82  ? 7   ARG A HH12 1 
ATOM   122 H  HH21 . ARG A 1 7  ? -0.348  18.265  3.364   1.00 17.43  ? 7   ARG A HH21 1 
ATOM   123 H  HH22 . ARG A 1 7  ? 0.000   19.709  3.475   1.00 17.43  ? 7   ARG A HH22 1 
ATOM   124 N  N    . LYS A 1 8  ? 4.061   15.682  2.219   1.00 11.54  ? 8   LYS A N    1 
ATOM   125 C  CA   . LYS A 1 8  ? 3.374   14.908  1.197   1.00 12.46  ? 8   LYS A CA   1 
ATOM   126 C  C    . LYS A 1 8  ? 4.269   13.788  0.683   1.00 13.16  ? 8   LYS A C    1 
ATOM   127 O  O    . LYS A 1 8  ? 3.777   12.725  0.318   1.00 14.35  ? 8   LYS A O    1 
ATOM   128 C  CB   . LYS A 1 8  ? 2.893   15.819  0.072   1.00 13.30  ? 8   LYS A CB   1 
ATOM   129 C  CG   . LYS A 1 8  ? 1.716   16.698  0.489   1.00 13.60  ? 8   LYS A CG   1 
ATOM   130 C  CD   . LYS A 1 8  ? 1.405   17.741  -0.568  1.00 16.35  ? 8   LYS A CD   1 
ATOM   131 C  CE   . LYS A 1 8  ? 0.356   18.727  -0.092  1.00 15.65  ? 8   LYS A CE   1 
ATOM   132 N  NZ   . LYS A 1 8  ? -0.949  18.066  0.133   1.00 15.82  ? 8   LYS A NZ   1 
ATOM   133 H  H    . LYS A 1 8  ? 4.224   16.497  1.997   1.00 13.85  ? 8   LYS A H    1 
ATOM   134 H  HA   . LYS A 1 8  ? 2.584   14.493  1.601   1.00 14.95  ? 8   LYS A HA   1 
ATOM   135 H  HB2  . LYS A 1 8  ? 3.621   16.400  -0.198  1.00 15.96  ? 8   LYS A HB2  1 
ATOM   136 H  HB3  . LYS A 1 8  ? 2.609   15.272  -0.677  1.00 15.96  ? 8   LYS A HB3  1 
ATOM   137 H  HG2  . LYS A 1 8  ? 0.930   16.144  0.610   1.00 16.32  ? 8   LYS A HG2  1 
ATOM   138 H  HG3  . LYS A 1 8  ? 1.936   17.157  1.314   1.00 16.32  ? 8   LYS A HG3  1 
ATOM   139 H  HD2  . LYS A 1 8  ? 2.212   18.236  -0.777  1.00 19.62  ? 8   LYS A HD2  1 
ATOM   140 H  HD3  . LYS A 1 8  ? 1.066   17.300  -1.362  1.00 19.62  ? 8   LYS A HD3  1 
ATOM   141 H  HE2  . LYS A 1 8  ? 0.645   19.122  0.747   1.00 18.77  ? 8   LYS A HE2  1 
ATOM   142 H  HE3  . LYS A 1 8  ? 0.236   19.417  -0.763  1.00 18.77  ? 8   LYS A HE3  1 
ATOM   143 H  HZ1  . LYS A 1 8  ? -0.866  17.431  0.750   1.00 18.99  ? 8   LYS A HZ1  1 
ATOM   144 H  HZ2  . LYS A 1 8  ? -1.548  18.663  0.411   1.00 18.99  ? 8   LYS A HZ2  1 
ATOM   145 H  HZ3  . LYS A 1 8  ? -1.238  17.699  -0.625  1.00 18.99  ? 8   LYS A HZ3  1 
ATOM   146 N  N    A SER A 1 9  ? 5.578   14.016  0.667   0.31 14.01  ? 9   SER A N    1 
ATOM   147 N  N    B SER A 1 9  ? 5.579   14.016  0.652   0.69 14.39  ? 9   SER A N    1 
ATOM   148 C  CA   A SER A 1 9  ? 6.515   12.958  0.314   0.31 13.83  ? 9   SER A CA   1 
ATOM   149 C  CA   B SER A 1 9  ? 6.513   12.954  0.284   0.69 16.20  ? 9   SER A CA   1 
ATOM   150 C  C    A SER A 1 9  ? 6.360   11.788  1.286   0.31 15.02  ? 9   SER A C    1 
ATOM   151 C  C    B SER A 1 9  ? 6.435   11.788  1.282   0.69 16.26  ? 9   SER A C    1 
ATOM   152 O  O    A SER A 1 9  ? 6.258   10.630  0.886   0.31 15.48  ? 9   SER A O    1 
ATOM   153 O  O    B SER A 1 9  ? 6.463   10.624  0.885   0.69 19.58  ? 9   SER A O    1 
ATOM   154 C  CB   A SER A 1 9  ? 7.947   13.485  0.351   0.31 15.69  ? 9   SER A CB   1 
ATOM   155 C  CB   B SER A 1 9  ? 7.940   13.495  0.196   0.69 17.52  ? 9   SER A CB   1 
ATOM   156 O  OG   A SER A 1 9  ? 8.864   12.464  0.007   0.31 18.62  ? 9   SER A OG   1 
ATOM   157 O  OG   B SER A 1 9  ? 8.045   14.503  -0.797  0.69 24.00  ? 9   SER A OG   1 
ATOM   158 H  H    A SER A 1 9  ? 5.947   14.770  0.855   0.31 16.81  ? 9   SER A H    1 
ATOM   159 H  H    B SER A 1 9  ? 5.950   14.769  0.838   0.69 17.27  ? 9   SER A H    1 
ATOM   160 H  HA   A SER A 1 9  ? 6.324   12.639  -0.592  0.31 16.59  ? 9   SER A HA   1 
ATOM   161 H  HA   B SER A 1 9  ? 6.269   12.609  -0.600  0.69 19.43  ? 9   SER A HA   1 
ATOM   162 H  HB2  A SER A 1 9  ? 8.032   14.213  -0.282  0.31 18.83  ? 9   SER A HB2  1 
ATOM   163 H  HB2  B SER A 1 9  ? 8.187   13.873  1.055   0.69 21.02  ? 9   SER A HB2  1 
ATOM   164 H  HB3  A SER A 1 9  ? 8.145   13.799  1.248   0.31 18.83  ? 9   SER A HB3  1 
ATOM   165 H  HB3  B SER A 1 9  ? 8.539   12.767  -0.029  0.69 21.02  ? 9   SER A HB3  1 
ATOM   166 H  HG   A SER A 1 9  ? 9.630   12.756  0.030   0.31 22.34  ? 9   SER A HG   1 
ATOM   167 H  HG   B SER A 1 9  ? 7.316   14.621  -1.154  0.69 28.81  ? 9   SER A HG   1 
ATOM   168 N  N    . LYS A 1 10 ? 6.338   12.101  2.572   1.00 14.76  ? 10  LYS A N    1 
ATOM   169 C  CA   . LYS A 1 10 ? 6.176   11.084  3.604   1.00 15.66  ? 10  LYS A CA   1 
ATOM   170 C  C    . LYS A 1 10 ? 4.837   10.375  3.447   1.00 14.58  ? 10  LYS A C    1 
ATOM   171 O  O    . LYS A 1 10 ? 4.750   9.152   3.555   1.00 16.87  ? 10  LYS A O    1 
ATOM   172 C  CB   . LYS A 1 10 ? 6.231   11.721  4.994   1.00 16.32  ? 10  LYS A CB   1 
ATOM   173 C  CG   . LYS A 1 10 ? 7.542   12.400  5.351   1.00 19.22  ? 10  LYS A CG   1 
ATOM   174 C  CD   . LYS A 1 10 ? 7.433   13.085  6.707   1.00 45.10  ? 10  LYS A CD   1 
ATOM   175 C  CE   . LYS A 1 10 ? 8.737   13.738  7.126   1.00 51.46  ? 10  LYS A CE   1 
ATOM   176 N  NZ   . LYS A 1 10 ? 8.613   14.376  8.465   1.00 56.47  ? 10  LYS A NZ   1 
ATOM   177 H  H    A LYS A 1 10 ? 6.415   12.902  2.878   0.31 17.71  ? 10  LYS A H    1 
ATOM   178 H  H    B LYS A 1 10 ? 6.364   12.905  2.877   0.69 17.71  ? 10  LYS A H    1 
ATOM   179 H  HA   . LYS A 1 10 ? 6.895   10.421  3.532   1.00 18.79  ? 10  LYS A HA   1 
ATOM   180 H  HB2  . LYS A 1 10 ? 5.531   12.389  5.053   1.00 19.58  ? 10  LYS A HB2  1 
ATOM   181 H  HB3  . LYS A 1 10 ? 6.074   11.028  5.655   1.00 19.58  ? 10  LYS A HB3  1 
ATOM   182 H  HG2  . LYS A 1 10 ? 8.249   11.738  5.397   1.00 23.06  ? 10  LYS A HG2  1 
ATOM   183 H  HG3  . LYS A 1 10 ? 7.750   13.072  4.682   1.00 23.06  ? 10  LYS A HG3  1 
ATOM   184 H  HD2  . LYS A 1 10 ? 6.751   13.774  6.660   1.00 54.12  ? 10  LYS A HD2  1 
ATOM   185 H  HD3  . LYS A 1 10 ? 7.196   12.425  7.377   1.00 54.12  ? 10  LYS A HD3  1 
ATOM   186 H  HE2  . LYS A 1 10 ? 9.433   13.064  7.172   1.00 61.75  ? 10  LYS A HE2  1 
ATOM   187 H  HE3  . LYS A 1 10 ? 8.974   14.424  6.483   1.00 61.75  ? 10  LYS A HE3  1 
ATOM   188 H  HZ1  . LYS A 1 10 ? 9.385   14.753  8.695   1.00 67.76  ? 10  LYS A HZ1  1 
ATOM   189 H  HZ2  . LYS A 1 10 ? 7.979   15.001  8.446   1.00 67.76  ? 10  LYS A HZ2  1 
ATOM   190 H  HZ3  . LYS A 1 10 ? 8.397   13.764  9.074   1.00 67.76  ? 10  LYS A HZ3  1 
ATOM   191 N  N    . GLU A 1 11 ? 3.786   11.150  3.212   1.00 14.05  ? 11  GLU A N    1 
ATOM   192 C  CA   . GLU A 1 11 ? 2.450   10.589  3.082   1.00 14.68  ? 11  GLU A CA   1 
ATOM   193 C  C    . GLU A 1 11 ? 2.370   9.633   1.896   1.00 15.29  ? 11  GLU A C    1 
ATOM   194 O  O    . GLU A 1 11 ? 1.720   8.596   1.969   1.00 16.55  ? 11  GLU A O    1 
ATOM   195 C  CB   . GLU A 1 11 ? 1.419   11.712  2.956   1.00 13.90  ? 11  GLU A CB   1 
ATOM   196 C  CG   . GLU A 1 11 ? 1.257   12.493  4.250   1.00 14.40  ? 11  GLU A CG   1 
ATOM   197 C  CD   . GLU A 1 11 ? 0.438   13.764  4.106   1.00 13.56  ? 11  GLU A CD   1 
ATOM   198 O  OE1  . GLU A 1 11 ? 0.053   14.115  2.971   1.00 15.92  ? 11  GLU A OE1  1 
ATOM   199 O  OE2  . GLU A 1 11 ? 0.190   14.416  5.138   1.00 16.89  ? 11  GLU A OE2  1 
ATOM   200 H  H    . GLU A 1 11 ? 3.819   12.005  3.124   1.00 16.86  ? 11  GLU A H    1 
ATOM   201 H  HA   . GLU A 1 11 ? 2.241   10.079  3.893   1.00 17.61  ? 11  GLU A HA   1 
ATOM   202 H  HB2  . GLU A 1 11 ? 1.705   12.329  2.264   1.00 16.68  ? 11  GLU A HB2  1 
ATOM   203 H  HB3  . GLU A 1 11 ? 0.558   11.328  2.725   1.00 16.68  ? 11  GLU A HB3  1 
ATOM   204 H  HG2  . GLU A 1 11 ? 0.814   11.928  4.903   1.00 17.28  ? 11  GLU A HG2  1 
ATOM   205 H  HG3  . GLU A 1 11 ? 2.135   12.743  4.576   1.00 17.28  ? 11  GLU A HG3  1 
ATOM   206 N  N    . LYS A 1 12 ? 3.052   9.973   0.810   1.00 16.98  ? 12  LYS A N    1 
ATOM   207 C  CA   . LYS A 1 12 ? 3.056   9.122   -0.377  1.00 17.45  ? 12  LYS A CA   1 
ATOM   208 C  C    . LYS A 1 12 ? 3.728   7.783   -0.076  1.00 17.93  ? 12  LYS A C    1 
ATOM   209 O  O    . LYS A 1 12 ? 3.269   6.743   -0.529  1.00 18.82  ? 12  LYS A O    1 
ATOM   210 C  CB   . LYS A 1 12 ? 3.725   9.825   -1.571  1.00 23.97  ? 12  LYS A CB   1 
ATOM   211 C  CG   . LYS A 1 12 ? 5.184   10.128  -1.376  1.00 54.83  ? 12  LYS A CG   1 
ATOM   212 C  CD   . LYS A 1 12 ? 5.955   10.496  -2.647  1.00 70.82  ? 12  LYS A CD   1 
ATOM   213 C  CE   . LYS A 1 12 ? 7.435   10.676  -2.284  1.00 78.94  ? 12  LYS A CE   1 
ATOM   214 N  NZ   . LYS A 1 12 ? 8.256   11.429  -3.272  1.00 80.36  ? 12  LYS A NZ   1 
ATOM   215 H  H    . LYS A 1 12 ? 3.521   10.691  0.731   1.00 20.37  ? 12  LYS A H    1 
ATOM   216 H  HA   . LYS A 1 12 ? 2.127   8.935   -0.628  1.00 20.93  ? 12  LYS A HA   1 
ATOM   217 H  HB2  . LYS A 1 12 ? 3.644   9.255   -2.351  1.00 28.76  ? 12  LYS A HB2  1 
ATOM   218 H  HB3  . LYS A 1 12 ? 3.269   10.666  -1.731  1.00 28.76  ? 12  LYS A HB3  1 
ATOM   219 H  HG2  . LYS A 1 12 ? 5.263   10.874  -0.762  1.00 65.80  ? 12  LYS A HG2  1 
ATOM   220 H  HG3  . LYS A 1 12 ? 5.612   9.347   -0.994  1.00 65.80  ? 12  LYS A HG3  1 
ATOM   221 H  HD2  . LYS A 1 12 ? 5.875   9.783   -3.299  1.00 84.99  ? 12  LYS A HD2  1 
ATOM   222 H  HD3  . LYS A 1 12 ? 5.616   11.331  -3.006  1.00 84.99  ? 12  LYS A HD3  1 
ATOM   223 H  HE2  . LYS A 1 12 ? 7.488   11.151  -1.441  1.00 94.73  ? 12  LYS A HE2  1 
ATOM   224 H  HE3  . LYS A 1 12 ? 7.835   9.797   -2.186  1.00 94.73  ? 12  LYS A HE3  1 
ATOM   225 H  HZ1  . LYS A 1 12 ? 8.245   11.012  -4.058  1.00 96.43  ? 12  LYS A HZ1  1 
ATOM   226 H  HZ2  . LYS A 1 12 ? 7.929   12.250  -3.376  1.00 96.43  ? 12  LYS A HZ2  1 
ATOM   227 H  HZ3  . LYS A 1 12 ? 9.098   11.488  -2.987  1.00 96.43  ? 12  LYS A HZ3  1 
ATOM   228 N  N    . ILE A 1 13 ? 4.812   7.797   0.693   1.00 19.38  ? 13  ILE A N    1 
ATOM   229 C  CA   . ILE A 1 13 ? 5.451   6.550   1.103   1.00 21.08  ? 13  ILE A CA   1 
ATOM   230 C  C    . ILE A 1 13 ? 4.456   5.689   1.877   1.00 16.49  ? 13  ILE A C    1 
ATOM   231 O  O    . ILE A 1 13 ? 4.354   4.480   1.653   1.00 17.04  ? 13  ILE A O    1 
ATOM   232 C  CB   . ILE A 1 13 ? 6.713   6.814   1.963   1.00 24.09  ? 13  ILE A CB   1 
ATOM   233 C  CG1  . ILE A 1 13 ? 7.795   7.490   1.120   1.00 25.86  ? 13  ILE A CG1  1 
ATOM   234 C  CG2  . ILE A 1 13 ? 7.244   5.514   2.552   1.00 23.22  ? 13  ILE A CG2  1 
ATOM   235 C  CD1  . ILE A 1 13 ? 8.902   8.145   1.928   1.00 48.72  ? 13  ILE A CD1  1 
ATOM   236 H  H    . ILE A 1 13 ? 5.195   8.509   0.988   1.00 23.25  ? 13  ILE A H    1 
ATOM   237 H  HA   . ILE A 1 13 ? 5.727   6.054   0.304   1.00 25.30  ? 13  ILE A HA   1 
ATOM   238 H  HB   . ILE A 1 13 ? 6.472   7.408   2.691   1.00 28.90  ? 13  ILE A HB   1 
ATOM   239 H  HG12 . ILE A 1 13 ? 8.203   6.823   0.548   1.00 31.03  ? 13  ILE A HG12 1 
ATOM   240 H  HG13 . ILE A 1 13 ? 7.380   8.178   0.577   1.00 31.03  ? 13  ILE A HG13 1 
ATOM   241 H  HG21 . ILE A 1 13 ? 8.024   5.706   3.078   1.00 27.86  ? 13  ILE A HG21 1 
ATOM   242 H  HG22 . ILE A 1 13 ? 6.564   5.120   3.103   1.00 27.86  ? 13  ILE A HG22 1 
ATOM   243 H  HG23 . ILE A 1 13 ? 7.471   4.917   1.835   1.00 27.86  ? 13  ILE A HG23 1 
ATOM   244 H  HD11 . ILE A 1 13 ? 8.519   8.820   2.493   1.00 58.46  ? 13  ILE A HD11 1 
ATOM   245 H  HD12 . ILE A 1 13 ? 9.336   7.477   2.464   1.00 58.46  ? 13  ILE A HD12 1 
ATOM   246 H  HD13 . ILE A 1 13 ? 9.535   8.543   1.325   1.00 58.46  ? 13  ILE A HD13 1 
ATOM   247 N  N    . GLY A 1 14 ? 3.717   6.313   2.783   1.00 15.80  ? 14  GLY A N    1 
ATOM   248 C  CA   . GLY A 1 14 ? 2.709   5.608   3.549   1.00 16.22  ? 14  GLY A CA   1 
ATOM   249 C  C    . GLY A 1 14 ? 1.615   5.014   2.677   1.00 14.41  ? 14  GLY A C    1 
ATOM   250 O  O    . GLY A 1 14 ? 1.197   3.878   2.873   1.00 15.48  ? 14  GLY A O    1 
ATOM   251 H  H    . GLY A 1 14 ? 3.781   7.149   2.972   1.00 18.95  ? 14  GLY A H    1 
ATOM   252 H  HA2  . GLY A 1 14 ? 3.128   4.888   4.046   1.00 19.46  ? 14  GLY A HA2  1 
ATOM   253 H  HA3  . GLY A 1 14 ? 2.299   6.219   4.181   1.00 19.46  ? 14  GLY A HA3  1 
ATOM   254 N  N    . LYS A 1 15 ? 1.146   5.783   1.704   1.00 14.97  ? 15  LYS A N    1 
ATOM   255 C  CA   . LYS A 1 15 ? 0.102   5.303   0.814   1.00 19.09  ? 15  LYS A CA   1 
ATOM   256 C  C    . LYS A 1 15 ? 0.604   4.117   0.006   1.00 17.41  ? 15  LYS A C    1 
ATOM   257 O  O    . LYS A 1 15 ? -0.114  3.140   -0.198  1.00 17.58  ? 15  LYS A O    1 
ATOM   258 C  CB   . LYS A 1 15 ? -0.333  6.408   -0.138  1.00 22.15  ? 15  LYS A CB   1 
ATOM   259 C  CG   . LYS A 1 15 ? -1.092  7.544   0.493   1.00 45.50  ? 15  LYS A CG   1 
ATOM   260 C  CD   . LYS A 1 15 ? -1.386  8.558   -0.586  1.00 70.12  ? 15  LYS A CD   1 
ATOM   261 C  CE   . LYS A 1 15 ? -2.243  9.703   -0.132  1.00 90.36  ? 15  LYS A CE   1 
ATOM   262 N  NZ   . LYS A 1 15 ? -2.350  10.668  -1.252  1.00 111.77 ? 15  LYS A NZ   1 
ATOM   263 H  H    . LYS A 1 15 ? 1.414   6.583   1.540   1.00 17.96  ? 15  LYS A H    1 
ATOM   264 H  HA   . LYS A 1 15 ? -0.673  5.018   1.340   1.00 22.91  ? 15  LYS A HA   1 
ATOM   265 H  HB2  . LYS A 1 15 ? 0.457   6.782   -0.556  1.00 26.58  ? 15  LYS A HB2  1 
ATOM   266 H  HB3  . LYS A 1 15 ? -0.906  6.018   -0.818  1.00 26.58  ? 15  LYS A HB3  1 
ATOM   267 H  HG2  . LYS A 1 15 ? -1.929  7.221   0.859   1.00 54.60  ? 15  LYS A HG2  1 
ATOM   268 H  HG3  . LYS A 1 15 ? -0.550  7.963   1.180   1.00 54.60  ? 15  LYS A HG3  1 
ATOM   269 H  HD2  . LYS A 1 15 ? -0.547  8.926   -0.907  1.00 84.14  ? 15  LYS A HD2  1 
ATOM   270 H  HD3  . LYS A 1 15 ? -1.848  8.114   -1.314  1.00 84.14  ? 15  LYS A HD3  1 
ATOM   271 H  HE2  . LYS A 1 15 ? -3.130  9.383   0.094   1.00 108.43 ? 15  LYS A HE2  1 
ATOM   272 H  HE3  . LYS A 1 15 ? -1.830  10.145  0.626   1.00 108.43 ? 15  LYS A HE3  1 
ATOM   273 H  HZ1  . LYS A 1 15 ? -2.854  11.359  -1.010  1.00 134.12 ? 15  LYS A HZ1  1 
ATOM   274 H  HZ2  . LYS A 1 15 ? -1.541  10.964  -1.476  1.00 134.12 ? 15  LYS A HZ2  1 
ATOM   275 H  HZ3  . LYS A 1 15 ? -2.719  10.273  -1.959  1.00 134.12 ? 15  LYS A HZ3  1 
ATOM   276 N  N    . GLU A 1 16 ? 1.841   4.201   -0.462  1.00 16.98  ? 16  GLU A N    1 
ATOM   277 C  CA   . GLU A 1 16 ? 2.388   3.130   -1.276  1.00 17.02  ? 16  GLU A CA   1 
ATOM   278 C  C    . GLU A 1 16 ? 2.553   1.872   -0.435  1.00 15.55  ? 16  GLU A C    1 
ATOM   279 O  O    . GLU A 1 16 ? 2.257   0.771   -0.895  1.00 16.56  ? 16  GLU A O    1 
ATOM   280 C  CB   . GLU A 1 16 ? 3.718   3.540   -1.899  1.00 23.10  ? 16  GLU A CB   1 
ATOM   281 C  CG   . GLU A 1 16 ? 4.278   2.489   -2.852  1.00 57.51  ? 16  GLU A CG   1 
ATOM   282 C  CD   . GLU A 1 16 ? 3.455   2.342   -4.122  1.00 89.92  ? 16  GLU A CD   1 
ATOM   283 O  OE1  . GLU A 1 16 ? 2.560   3.180   -4.359  1.00 98.04  ? 16  GLU A OE1  1 
ATOM   284 O  OE2  . GLU A 1 16 ? 3.709   1.389   -4.888  1.00 106.11 ? 16  GLU A OE2  1 
ATOM   285 H  H    . GLU A 1 16 ? 2.378   4.859   -0.325  1.00 20.38  ? 16  GLU A H    1 
ATOM   286 H  HA   . GLU A 1 16 ? 1.761   2.929   -2.002  1.00 20.42  ? 16  GLU A HA   1 
ATOM   287 H  HB2  . GLU A 1 16 ? 3.590   4.360   -2.401  1.00 27.72  ? 16  GLU A HB2  1 
ATOM   288 H  HB3  . GLU A 1 16 ? 4.367   3.681   -1.193  1.00 27.72  ? 16  GLU A HB3  1 
ATOM   289 H  HG2  . GLU A 1 16 ? 5.179   2.741   -3.105  1.00 69.01  ? 16  GLU A HG2  1 
ATOM   290 H  HG3  . GLU A 1 16 ? 4.288   1.630   -2.401  1.00 69.01  ? 16  GLU A HG3  1 
ATOM   291 N  N    . PHE A 1 17 ? 3.007   2.034   0.801   1.00 15.00  ? 17  PHE A N    1 
ATOM   292 C  CA   . PHE A 1 17 ? 3.111   0.909   1.711   1.00 16.27  ? 17  PHE A CA   1 
ATOM   293 C  C    . PHE A 1 17 ? 1.765   0.205   1.867   1.00 15.06  ? 17  PHE A C    1 
ATOM   294 O  O    . PHE A 1 17 ? 1.668   -1.016  1.734   1.00 15.48  ? 17  PHE A O    1 
ATOM   295 C  CB   . PHE A 1 17 ? 3.612   1.374   3.075   1.00 16.82  ? 17  PHE A CB   1 
ATOM   296 C  CG   . PHE A 1 17 ? 3.676   0.277   4.091   1.00 17.08  ? 17  PHE A CG   1 
ATOM   297 C  CD1  . PHE A 1 17 ? 4.614   -0.735  3.973   1.00 21.11  ? 17  PHE A CD1  1 
ATOM   298 C  CD2  . PHE A 1 17 ? 2.792   0.243   5.157   1.00 22.18  ? 17  PHE A CD2  1 
ATOM   299 C  CE1  . PHE A 1 17 ? 4.678   -1.752  4.901   1.00 22.77  ? 17  PHE A CE1  1 
ATOM   300 C  CE2  . PHE A 1 17 ? 2.852   -0.776  6.091   1.00 25.98  ? 17  PHE A CE2  1 
ATOM   301 C  CZ   . PHE A 1 17 ? 3.797   -1.773  5.961   1.00 23.78  ? 17  PHE A CZ   1 
ATOM   302 H  H    . PHE A 1 17 ? 3.261   2.785   1.134   1.00 18.00  ? 17  PHE A H    1 
ATOM   303 H  HA   . PHE A 1 17 ? 3.755   0.262   1.353   1.00 19.53  ? 17  PHE A HA   1 
ATOM   304 H  HB2  . PHE A 1 17 ? 4.504   1.740   2.974   1.00 20.18  ? 17  PHE A HB2  1 
ATOM   305 H  HB3  . PHE A 1 17 ? 3.012   2.058   3.412   1.00 20.18  ? 17  PHE A HB3  1 
ATOM   306 H  HD1  . PHE A 1 17 ? 5.212   -0.725  3.260   1.00 25.33  ? 17  PHE A HD1  1 
ATOM   307 H  HD2  . PHE A 1 17 ? 2.155   0.915   5.249   1.00 26.62  ? 17  PHE A HD2  1 
ATOM   308 H  HE1  . PHE A 1 17 ? 5.315   -2.424  4.811   1.00 27.32  ? 17  PHE A HE1  1 
ATOM   309 H  HE2  . PHE A 1 17 ? 2.257   -0.789  6.805   1.00 31.18  ? 17  PHE A HE2  1 
ATOM   310 H  HZ   . PHE A 1 17 ? 3.839   -2.460  6.588   1.00 28.54  ? 17  PHE A HZ   1 
ATOM   311 N  N    . LYS A 1 18 ? 0.726   0.981   2.148   1.00 15.90  ? 18  LYS A N    1 
ATOM   312 C  CA   . LYS A 1 18 ? -0.601  0.428   2.355   1.00 16.21  ? 18  LYS A CA   1 
ATOM   313 C  C    . LYS A 1 18 ? -1.083  -0.304  1.118   1.00 17.05  ? 18  LYS A C    1 
ATOM   314 O  O    . LYS A 1 18 ? -1.657  -1.379  1.217   1.00 17.24  ? 18  LYS A O    1 
ATOM   315 C  CB   . LYS A 1 18 ? -1.604  1.525   2.707   1.00 20.09  ? 18  LYS A CB   1 
ATOM   316 C  CG   . LYS A 1 18 ? -1.395  2.155   4.073   1.00 28.56  ? 18  LYS A CG   1 
ATOM   317 C  CD   . LYS A 1 18 ? -2.492  3.170   4.381   1.00 54.38  ? 18  LYS A CD   1 
ATOM   318 C  CE   . LYS A 1 18 ? -2.316  3.818   5.750   1.00 78.81  ? 18  LYS A CE   1 
ATOM   319 N  NZ   . LYS A 1 18 ? -1.074  4.633   5.845   1.00 90.24  ? 18  LYS A NZ   1 
ATOM   320 H  H    . LYS A 1 18 ? 0.765   1.837   2.223   1.00 19.08  ? 18  LYS A H    1 
ATOM   321 H  HA   . LYS A 1 18 ? -0.573  -0.211  3.099   1.00 19.46  ? 18  LYS A HA   1 
ATOM   322 H  HB2  . LYS A 1 18 ? -1.536  2.231   2.045   1.00 24.11  ? 18  LYS A HB2  1 
ATOM   323 H  HB3  . LYS A 1 18 ? -2.496  1.148   2.691   1.00 24.11  ? 18  LYS A HB3  1 
ATOM   324 H  HG2  . LYS A 1 18 ? -1.418  1.464   4.754   1.00 34.27  ? 18  LYS A HG2  1 
ATOM   325 H  HG3  . LYS A 1 18 ? -0.540  2.615   4.088   1.00 34.27  ? 18  LYS A HG3  1 
ATOM   326 H  HD2  . LYS A 1 18 ? -2.473  3.871   3.712   1.00 65.25  ? 18  LYS A HD2  1 
ATOM   327 H  HD3  . LYS A 1 18 ? -3.351  2.721   4.369   1.00 65.25  ? 18  LYS A HD3  1 
ATOM   328 H  HE2  . LYS A 1 18 ? -3.071  4.403   5.922   1.00 94.57  ? 18  LYS A HE2  1 
ATOM   329 H  HE3  . LYS A 1 18 ? -2.273  3.123   6.425   1.00 94.57  ? 18  LYS A HE3  1 
ATOM   330 H  HZ1  . LYS A 1 18 ? -1.089  5.284   5.239   1.00 108.28 ? 18  LYS A HZ1  1 
ATOM   331 H  HZ2  . LYS A 1 18 ? -1.008  4.993   6.656   1.00 108.28 ? 18  LYS A HZ2  1 
ATOM   332 H  HZ3  . LYS A 1 18 ? -0.361  4.119   5.699   1.00 108.28 ? 18  LYS A HZ3  1 
ATOM   333 N  N    . ARG A 1 19 ? -0.863  0.286   -0.047  1.00 16.56  ? 19  ARG A N    1 
ATOM   334 C  CA   . ARG A 1 19 ? -1.332  -0.314  -1.285  1.00 16.28  ? 19  ARG A CA   1 
ATOM   335 C  C    . ARG A 1 19 ? -0.615  -1.623  -1.571  1.00 14.92  ? 19  ARG A C    1 
ATOM   336 O  O    . ARG A 1 19 ? -1.234  -2.588  -2.011  1.00 15.00  ? 19  ARG A O    1 
ATOM   337 C  CB   . ARG A 1 19 ? -1.159  0.667   -2.444  1.00 18.03  ? 19  ARG A CB   1 
ATOM   338 C  CG   . ARG A 1 19 ? -2.154  1.810   -2.395  1.00 25.25  ? 19  ARG A CG   1 
ATOM   339 C  CD   . ARG A 1 19 ? -1.922  2.831   -3.497  1.00 47.35  ? 19  ARG A CD   1 
ATOM   340 N  NE   . ARG A 1 19 ? -2.237  2.302   -4.820  1.00 76.17  ? 19  ARG A NE   1 
ATOM   341 C  CZ   . ARG A 1 19 ? -3.469  2.188   -5.308  1.00 93.06  ? 19  ARG A CZ   1 
ATOM   342 N  NH1  . ARG A 1 19 ? -4.515  2.556   -4.580  1.00 97.71  ? 19  ARG A NH1  1 
ATOM   343 N  NH2  . ARG A 1 19 ? -3.656  1.696   -6.526  1.00 89.19  ? 19  ARG A NH2  1 
ATOM   344 H  H    . ARG A 1 19 ? -0.446  1.031   -0.149  1.00 19.87  ? 19  ARG A H    1 
ATOM   345 H  HA   . ARG A 1 19 ? -2.288  -0.509  -1.199  1.00 19.54  ? 19  ARG A HA   1 
ATOM   346 H  HB2  . ARG A 1 19 ? -0.267  1.044   -2.409  1.00 21.64  ? 19  ARG A HB2  1 
ATOM   347 H  HB3  . ARG A 1 19 ? -1.287  0.192   -3.281  1.00 21.64  ? 19  ARG A HB3  1 
ATOM   348 H  HG2  . ARG A 1 19 ? -3.051  1.454   -2.500  1.00 30.30  ? 19  ARG A HG2  1 
ATOM   349 H  HG3  . ARG A 1 19 ? -2.073  2.264   -1.542  1.00 30.30  ? 19  ARG A HG3  1 
ATOM   350 H  HD2  . ARG A 1 19 ? -2.488  3.604   -3.338  1.00 56.82  ? 19  ARG A HD2  1 
ATOM   351 H  HD3  . ARG A 1 19 ? -0.989  3.096   -3.493  1.00 56.82  ? 19  ARG A HD3  1 
ATOM   352 H  HE   . ARG A 1 19 ? -1.583  2.047   -5.317  1.00 91.40  ? 19  ARG A HE   1 
ATOM   353 H  HH11 . ARG A 1 19 ? -4.398  2.876   -3.790  1.00 117.25 ? 19  ARG A HH11 1 
ATOM   354 H  HH12 . ARG A 1 19 ? -5.310  2.480   -4.899  1.00 117.25 ? 19  ARG A HH12 1 
ATOM   355 H  HH21 . ARG A 1 19 ? -2.982  1.453   -7.001  1.00 107.03 ? 19  ARG A HH21 1 
ATOM   356 H  HH22 . ARG A 1 19 ? -4.453  1.619   -6.840  1.00 107.03 ? 19  ARG A HH22 1 
ATOM   357 N  N    . ILE A 1 20 ? 0.687   -1.659  -1.323  1.00 14.10  ? 20  ILE A N    1 
ATOM   358 C  CA   . ILE A 1 20 ? 1.470   -2.868  -1.546  1.00 14.25  ? 20  ILE A CA   1 
ATOM   359 C  C    . ILE A 1 20 ? 1.030   -3.981  -0.601  1.00 13.27  ? 20  ILE A C    1 
ATOM   360 O  O    . ILE A 1 20 ? 0.846   -5.125  -1.026  1.00 13.72  ? 20  ILE A O    1 
ATOM   361 C  CB   . ILE A 1 20 ? 2.962   -2.579  -1.377  1.00 14.35  ? 20  ILE A CB   1 
ATOM   362 C  CG1  . ILE A 1 20 ? 3.455   -1.737  -2.556  1.00 15.50  ? 20  ILE A CG1  1 
ATOM   363 C  CG2  . ILE A 1 20 ? 3.759   -3.866  -1.253  1.00 18.13  ? 20  ILE A CG2  1 
ATOM   364 C  CD1  . ILE A 1 20 ? 4.819   -1.138  -2.347  1.00 19.25  ? 20  ILE A CD1  1 
ATOM   365 H  H    . ILE A 1 20 ? 1.144   -0.994  -1.023  1.00 16.92  ? 20  ILE A H    1 
ATOM   366 H  HA   . ILE A 1 20 ? 1.324   -3.177  -2.465  1.00 17.10  ? 20  ILE A HA   1 
ATOM   367 H  HB   . ILE A 1 20 ? 3.083   -2.065  -0.563  1.00 17.23  ? 20  ILE A HB   1 
ATOM   368 H  HG12 . ILE A 1 20 ? 3.496   -2.298  -3.346  1.00 18.59  ? 20  ILE A HG12 1 
ATOM   369 H  HG13 . ILE A 1 20 ? 2.831   -1.009  -2.703  1.00 18.59  ? 20  ILE A HG13 1 
ATOM   370 H  HG21 . ILE A 1 20 ? 4.688   -3.649  -1.148  1.00 21.76  ? 20  ILE A HG21 1 
ATOM   371 H  HG22 . ILE A 1 20 ? 3.448   -4.353  -0.487  1.00 21.76  ? 20  ILE A HG22 1 
ATOM   372 H  HG23 . ILE A 1 20 ? 3.632   -4.389  -2.049  1.00 21.76  ? 20  ILE A HG23 1 
ATOM   373 H  HD11 . ILE A 1 20 ? 5.058   -0.628  -3.124  1.00 23.10  ? 20  ILE A HD11 1 
ATOM   374 H  HD12 . ILE A 1 20 ? 4.794   -0.567  -1.575  1.00 23.10  ? 20  ILE A HD12 1 
ATOM   375 H  HD13 . ILE A 1 20 ? 5.453   -1.846  -2.212  1.00 23.10  ? 20  ILE A HD13 1 
ATOM   376 N  N    . VAL A 1 21 ? 0.834   -3.655  0.670   1.00 14.35  ? 21  VAL A N    1 
ATOM   377 C  CA   . VAL A 1 21 ? 0.412   -4.659  1.631   1.00 14.74  ? 21  VAL A CA   1 
ATOM   378 C  C    . VAL A 1 21 ? -0.980  -5.184  1.267   1.00 15.12  ? 21  VAL A C    1 
ATOM   379 O  O    . VAL A 1 21 ? -1.230  -6.388  1.345   1.00 15.22  ? 21  VAL A O    1 
ATOM   380 C  CB   . VAL A 1 21 ? 0.444   -4.122  3.075   1.00 17.51  ? 21  VAL A CB   1 
ATOM   381 C  CG1  . VAL A 1 21 ? -0.240  -5.095  4.020   1.00 22.05  ? 21  VAL A CG1  1 
ATOM   382 C  CG2  . VAL A 1 21 ? 1.879   -3.877  3.504   1.00 20.27  ? 21  VAL A CG2  1 
ATOM   383 H  H    . VAL A 1 21 ? 0.938   -2.866  0.998   1.00 17.22  ? 21  VAL A H    1 
ATOM   384 H  HA   . VAL A 1 21 ? 1.034   -5.415  1.584   1.00 17.69  ? 21  VAL A HA   1 
ATOM   385 H  HB   . VAL A 1 21 ? -0.037  -3.269  3.112   1.00 21.01  ? 21  VAL A HB   1 
ATOM   386 H  HG11 . VAL A 1 21 ? -0.207  -4.740  4.911   1.00 26.46  ? 21  VAL A HG11 1 
ATOM   387 H  HG12 . VAL A 1 21 ? -1.152  -5.208  3.745   1.00 26.46  ? 21  VAL A HG12 1 
ATOM   388 H  HG13 . VAL A 1 21 ? 0.219   -5.938  3.985   1.00 26.46  ? 21  VAL A HG13 1 
ATOM   389 H  HG21 . VAL A 1 21 ? 1.884   -3.543  4.404   1.00 24.33  ? 21  VAL A HG21 1 
ATOM   390 H  HG22 . VAL A 1 21 ? 2.364   -4.704  3.459   1.00 24.33  ? 21  VAL A HG22 1 
ATOM   391 H  HG23 . VAL A 1 21 ? 2.277   -3.232  2.913   1.00 24.33  ? 21  VAL A HG23 1 
ATOM   392 N  N    . GLN A 1 22 ? -1.878  -4.293  0.852   1.00 15.13  ? 22  GLN A N    1 
ATOM   393 C  CA   . GLN A 1 22 ? -3.215  -4.717  0.447   1.00 16.07  ? 22  GLN A CA   1 
ATOM   394 C  C    . GLN A 1 22 ? -3.146  -5.647  -0.765  1.00 14.61  ? 22  GLN A C    1 
ATOM   395 O  O    . GLN A 1 22 ? -3.851  -6.652  -0.824  1.00 15.40  ? 22  GLN A O    1 
ATOM   396 C  CB   . GLN A 1 22 ? -4.106  -3.519  0.120   1.00 19.22  ? 22  GLN A CB   1 
ATOM   397 C  CG   . GLN A 1 22 ? -5.512  -3.923  -0.290  1.00 23.09  ? 22  GLN A CG   1 
ATOM   398 C  CD   . GLN A 1 22 ? -6.272  -4.582  0.841   1.00 27.49  ? 22  GLN A CD   1 
ATOM   399 O  OE1  . GLN A 1 22 ? -6.208  -4.139  1.988   1.00 35.92  ? 22  GLN A OE1  1 
ATOM   400 N  NE2  . GLN A 1 22 ? -6.996  -5.648  0.526   1.00 26.49  ? 22  GLN A NE2  1 
ATOM   401 H  H    . GLN A 1 22 ? -1.740  -3.446  0.795   1.00 18.15  ? 22  GLN A H    1 
ATOM   402 H  HA   . GLN A 1 22 ? -3.630  -5.211  1.184   1.00 19.28  ? 22  GLN A HA   1 
ATOM   403 H  HB2  . GLN A 1 22 ? -4.173  -2.953  0.904   1.00 23.06  ? 22  GLN A HB2  1 
ATOM   404 H  HB3  . GLN A 1 22 ? -3.711  -3.023  -0.615  1.00 23.06  ? 22  GLN A HB3  1 
ATOM   405 H  HG2  . GLN A 1 22 ? -6.002  -3.132  -0.563  1.00 27.71  ? 22  GLN A HG2  1 
ATOM   406 H  HG3  . GLN A 1 22 ? -5.459  -4.553  -1.026  1.00 27.71  ? 22  GLN A HG3  1 
ATOM   407 H  HE21 . GLN A 1 22 ? -7.015  -5.930  -0.286  1.00 31.78  ? 22  GLN A HE21 1 
ATOM   408 H  HE22 . GLN A 1 22 ? -7.446  -6.057  1.134   1.00 31.78  ? 22  GLN A HE22 1 
ATOM   409 N  N    . ARG A 1 23 ? -2.300  -5.308  -1.732  1.00 14.34  ? 23  ARG A N    1 
ATOM   410 C  CA   . ARG A 1 23 ? -2.143  -6.123  -2.929  1.00 14.08  ? 23  ARG A CA   1 
ATOM   411 C  C    . ARG A 1 23 ? -1.642  -7.514  -2.558  1.00 12.09  ? 23  ARG A C    1 
ATOM   412 O  O    . ARG A 1 23 ? -2.114  -8.516  -3.090  1.00 13.09  ? 23  ARG A O    1 
ATOM   413 C  CB   . ARG A 1 23 ? -1.172  -5.445  -3.895  1.00 16.25  ? 23  ARG A CB   1 
ATOM   414 C  CG   . ARG A 1 23 ? -0.838  -6.250  -5.132  1.00 27.55  ? 23  ARG A CG   1 
ATOM   415 C  CD   . ARG A 1 23 ? -1.915  -6.164  -6.196  1.00 56.27  ? 23  ARG A CD   1 
ATOM   416 N  NE   . ARG A 1 23 ? -1.679  -7.151  -7.246  1.00 66.76  ? 23  ARG A NE   1 
ATOM   417 C  CZ   . ARG A 1 23 ? -2.265  -8.343  -7.303  1.00 65.11  ? 23  ARG A CZ   1 
ATOM   418 N  NH1  . ARG A 1 23 ? -3.144  -8.706  -6.376  1.00 57.89  ? 23  ARG A NH1  1 
ATOM   419 N  NH2  . ARG A 1 23 ? -1.976  -9.173  -8.294  1.00 76.38  ? 23  ARG A NH2  1 
ATOM   420 H  H    . ARG A 1 23 ? -1.803  -4.606  -1.717  1.00 17.21  ? 23  ARG A H    1 
ATOM   421 H  HA   . ARG A 1 23 ? -3.011  -6.215  -3.376  1.00 16.89  ? 23  ARG A HA   1 
ATOM   422 H  HB2  . ARG A 1 23 ? -1.563  -4.607  -4.188  1.00 19.50  ? 23  ARG A HB2  1 
ATOM   423 H  HB3  . ARG A 1 23 ? -0.341  -5.270  -3.427  1.00 19.50  ? 23  ARG A HB3  1 
ATOM   424 H  HG2  . ARG A 1 23 ? -0.011  -5.916  -5.514  1.00 33.06  ? 23  ARG A HG2  1 
ATOM   425 H  HG3  . ARG A 1 23 ? -0.735  -7.183  -4.884  1.00 33.06  ? 23  ARG A HG3  1 
ATOM   426 H  HD2  . ARG A 1 23 ? -2.781  -6.343  -5.794  1.00 67.52  ? 23  ARG A HD2  1 
ATOM   427 H  HD3  . ARG A 1 23 ? -1.904  -5.281  -6.597  1.00 67.52  ? 23  ARG A HD3  1 
ATOM   428 H  HE   . ARG A 1 23 ? -1.124  -6.947  -7.870  1.00 80.12  ? 23  ARG A HE   1 
ATOM   429 H  HH11 . ARG A 1 23 ? -3.333  -8.171  -5.730  1.00 69.47  ? 23  ARG A HH11 1 
ATOM   430 H  HH12 . ARG A 1 23 ? -3.521  -9.478  -6.420  1.00 69.47  ? 23  ARG A HH12 1 
ATOM   431 H  HH21 . ARG A 1 23 ? -1.411  -8.941  -8.899  1.00 91.65  ? 23  ARG A HH21 1 
ATOM   432 H  HH22 . ARG A 1 23 ? -2.358  -9.943  -8.336  1.00 91.65  ? 23  ARG A HH22 1 
ATOM   433 N  N    . ILE A 1 24 ? -0.685  -7.576  -1.643  1.00 12.68  ? 24  ILE A N    1 
ATOM   434 C  CA   . ILE A 1 24 ? -0.165  -8.854  -1.178  1.00 12.60  ? 24  ILE A CA   1 
ATOM   435 C  C    . ILE A 1 24 ? -1.251  -9.678  -0.488  1.00 12.73  ? 24  ILE A C    1 
ATOM   436 O  O    . ILE A 1 24 ? -1.388  -10.876 -0.744  1.00 12.90  ? 24  ILE A O    1 
ATOM   437 C  CB   . ILE A 1 24 ? 1.025   -8.648  -0.231  1.00 13.38  ? 24  ILE A CB   1 
ATOM   438 C  CG1  . ILE A 1 24 ? 2.243   -8.186  -1.027  1.00 14.40  ? 24  ILE A CG1  1 
ATOM   439 C  CG2  . ILE A 1 24 ? 1.343   -9.930  0.524   1.00 15.71  ? 24  ILE A CG2  1 
ATOM   440 C  CD1  . ILE A 1 24 ? 3.396   -7.743  -0.160  1.00 18.87  ? 24  ILE A CD1  1 
ATOM   441 H  H    . ILE A 1 24 ? -0.319  -6.890  -1.274  1.00 15.21  ? 24  ILE A H    1 
ATOM   442 H  HA   . ILE A 1 24 ? 0.153   -9.365  -1.951  1.00 15.12  ? 24  ILE A HA   1 
ATOM   443 H  HB   . ILE A 1 24 ? 0.795   -7.959  0.411   1.00 16.05  ? 24  ILE A HB   1 
ATOM   444 H  HG12 . ILE A 1 24 ? 2.552   -8.919  -1.582  1.00 17.28  ? 24  ILE A HG12 1 
ATOM   445 H  HG13 . ILE A 1 24 ? 1.984   -7.435  -1.586  1.00 17.28  ? 24  ILE A HG13 1 
ATOM   446 H  HG21 . ILE A 1 24 ? 2.089   -9.772  1.107   1.00 18.85  ? 24  ILE A HG21 1 
ATOM   447 H  HG22 . ILE A 1 24 ? 0.574   -10.187 1.039   1.00 18.85  ? 24  ILE A HG22 1 
ATOM   448 H  HG23 . ILE A 1 24 ? 1.560   -10.619 -0.108  1.00 18.85  ? 24  ILE A HG23 1 
ATOM   449 H  HD11 . ILE A 1 24 ? 4.122   -7.466  -0.724  1.00 22.65  ? 24  ILE A HD11 1 
ATOM   450 H  HD12 . ILE A 1 24 ? 3.109   -7.009  0.389   1.00 22.65  ? 24  ILE A HD12 1 
ATOM   451 H  HD13 . ILE A 1 24 ? 3.671   -8.477  0.393   1.00 22.65  ? 24  ILE A HD13 1 
ATOM   452 N  N    A LYS A 1 25 ? -2.020  -9.043  0.387   0.62 13.51  ? 25  LYS A N    1 
ATOM   453 N  N    B LYS A 1 25 ? -2.020  -9.031  0.382   0.38 13.43  ? 25  LYS A N    1 
ATOM   454 C  CA   A LYS A 1 25 ? -3.094  -9.743  1.077   0.62 14.15  ? 25  LYS A CA   1 
ATOM   455 C  CA   B LYS A 1 25 ? -3.104  -9.706  1.088   0.38 15.32  ? 25  LYS A CA   1 
ATOM   456 C  C    A LYS A 1 25 ? -4.074  -10.330 0.072   0.62 13.07  ? 25  LYS A C    1 
ATOM   457 C  C    B LYS A 1 25 ? -4.102  -10.305 0.105   0.38 13.99  ? 25  LYS A C    1 
ATOM   458 O  O    A LYS A 1 25 ? -4.457  -11.497 0.173   0.62 15.56  ? 25  LYS A O    1 
ATOM   459 O  O    B LYS A 1 25 ? -4.525  -11.453 0.255   0.38 13.56  ? 25  LYS A O    1 
ATOM   460 C  CB   A LYS A 1 25 ? -3.838  -8.805  2.027   0.62 16.92  ? 25  LYS A CB   1 
ATOM   461 C  CB   B LYS A 1 25 ? -3.834  -8.733  2.014   0.38 17.54  ? 25  LYS A CB   1 
ATOM   462 C  CG   A LYS A 1 25 ? -3.105  -8.517  3.323   0.62 25.35  ? 25  LYS A CG   1 
ATOM   463 C  CG   B LYS A 1 25 ? -3.066  -8.351  3.266   0.38 27.29  ? 25  LYS A CG   1 
ATOM   464 C  CD   A LYS A 1 25 ? -3.945  -7.654  4.257   0.62 37.78  ? 25  LYS A CD   1 
ATOM   465 C  CD   B LYS A 1 25 ? -3.869  -7.376  4.112   0.38 31.32  ? 25  LYS A CD   1 
ATOM   466 C  CE   A LYS A 1 25 ? -5.252  -8.338  4.635   0.62 44.53  ? 25  LYS A CE   1 
ATOM   467 C  CE   B LYS A 1 25 ? -3.190  -7.083  5.437   0.38 31.45  ? 25  LYS A CE   1 
ATOM   468 N  NZ   A LYS A 1 25 ? -6.071  -7.513  5.568   0.62 51.19  ? 25  LYS A NZ   1 
ATOM   469 N  NZ   B LYS A 1 25 ? -3.989  -6.139  6.269   0.38 30.53  ? 25  LYS A NZ   1 
ATOM   470 H  H    A LYS A 1 25 ? -1.941  -8.214  0.598   0.62 16.21  ? 25  LYS A H    1 
ATOM   471 H  H    B LYS A 1 25 ? -1.934  -8.199  0.581   0.38 16.12  ? 25  LYS A H    1 
ATOM   472 H  HA   A LYS A 1 25 ? -2.716  -10.478 1.604   0.62 16.98  ? 25  LYS A HA   1 
ATOM   473 H  HA   B LYS A 1 25 ? -2.735  -10.432 1.633   0.38 18.39  ? 25  LYS A HA   1 
ATOM   474 H  HB2  A LYS A 1 25 ? -3.984  -7.958  1.576   0.62 20.31  ? 25  LYS A HB2  1 
ATOM   475 H  HB2  B LYS A 1 25 ? -4.018  -7.917  1.522   0.38 21.04  ? 25  LYS A HB2  1 
ATOM   476 H  HB3  A LYS A 1 25 ? -4.692  -9.205  2.254   0.62 20.31  ? 25  LYS A HB3  1 
ATOM   477 H  HB3  B LYS A 1 25 ? -4.669  -9.140  2.295   0.38 21.04  ? 25  LYS A HB3  1 
ATOM   478 H  HG2  A LYS A 1 25 ? -2.911  -9.353  3.774   0.62 30.42  ? 25  LYS A HG2  1 
ATOM   479 H  HG2  B LYS A 1 25 ? -2.895  -9.147  3.794   0.38 32.75  ? 25  LYS A HG2  1 
ATOM   480 H  HG3  A LYS A 1 25 ? -2.283  -8.042  3.127   0.62 30.42  ? 25  LYS A HG3  1 
ATOM   481 H  HG3  B LYS A 1 25 ? -2.232  -7.925  3.015   0.38 32.75  ? 25  LYS A HG3  1 
ATOM   482 H  HD2  A LYS A 1 25 ? -3.445  -7.484  5.071   0.62 45.34  ? 25  LYS A HD2  1 
ATOM   483 H  HD2  B LYS A 1 25 ? -3.966  -6.540  3.630   0.38 37.58  ? 25  LYS A HD2  1 
ATOM   484 H  HD3  A LYS A 1 25 ? -4.157  -6.817  3.814   0.62 45.34  ? 25  LYS A HD3  1 
ATOM   485 H  HD3  B LYS A 1 25 ? -4.742  -7.758  4.297   0.38 37.58  ? 25  LYS A HD3  1 
ATOM   486 H  HE2  A LYS A 1 25 ? -5.774  -8.492  3.832   0.62 53.44  ? 25  LYS A HE2  1 
ATOM   487 H  HE2  B LYS A 1 25 ? -3.085  -7.910  5.934   0.38 37.74  ? 25  LYS A HE2  1 
ATOM   488 H  HE3  A LYS A 1 25 ? -5.055  -9.181  5.072   0.62 53.44  ? 25  LYS A HE3  1 
ATOM   489 H  HE3  B LYS A 1 25 ? -2.323  -6.680  5.271   0.38 37.74  ? 25  LYS A HE3  1 
ATOM   490 H  HZ1  A LYS A 1 25 ? -6.825  -7.938  5.769   0.62 61.43  ? 25  LYS A HZ1  1 
ATOM   491 H  HZ1  B LYS A 1 25 ? -3.571  -5.984  7.039   0.38 36.63  ? 25  LYS A HZ1  1 
ATOM   492 H  HZ2  A LYS A 1 25 ? -5.616  -7.360  6.318   0.62 61.43  ? 25  LYS A HZ2  1 
ATOM   493 H  HZ2  B LYS A 1 25 ? -4.096  -5.370  5.837   0.38 36.63  ? 25  LYS A HZ2  1 
ATOM   494 H  HZ3  A LYS A 1 25 ? -6.271  -6.733  5.187   0.62 61.43  ? 25  LYS A HZ3  1 
ATOM   495 H  HZ3  B LYS A 1 25 ? -4.790  -6.489  6.440   0.38 36.63  ? 25  LYS A HZ3  1 
ATOM   496 N  N    . ASP A 1 26 ? -4.483  -9.514  -0.893  1.00 13.42  ? 26  ASP A N    1 
ATOM   497 C  CA   . ASP A 1 26 ? -5.442  -9.952  -1.904  1.00 14.23  ? 26  ASP A CA   1 
ATOM   498 C  C    . ASP A 1 26 ? -4.883  -11.111 -2.716  1.00 12.46  ? 26  ASP A C    1 
ATOM   499 O  O    . ASP A 1 26 ? -5.573  -12.100 -2.951  1.00 13.31  ? 26  ASP A O    1 
ATOM   500 C  CB   . ASP A 1 26 ? -5.812  -8.798  -2.844  1.00 16.83  ? 26  ASP A CB   1 
ATOM   501 C  CG   . ASP A 1 26 ? -6.684  -7.750  -2.176  1.00 19.57  ? 26  ASP A CG   1 
ATOM   502 O  OD1  . ASP A 1 26 ? -7.313  -8.049  -1.139  1.00 26.43  ? 26  ASP A OD1  1 
ATOM   503 O  OD2  . ASP A 1 26 ? -6.748  -6.619  -2.700  1.00 24.55  ? 26  ASP A OD2  1 
ATOM   504 H  H    A ASP A 1 26 ? -4.221  -8.700  -0.986  0.62 16.11  ? 26  ASP A H    1 
ATOM   505 H  H    B ASP A 1 26 ? -4.198  -8.711  -1.008  0.38 16.11  ? 26  ASP A H    1 
ATOM   506 H  HA   . ASP A 1 26 ? -6.260  -10.258 -1.460  1.00 17.08  ? 26  ASP A HA   1 
ATOM   507 H  HB2  . ASP A 1 26 ? -4.999  -8.363  -3.145  1.00 20.20  ? 26  ASP A HB2  1 
ATOM   508 H  HB3  . ASP A 1 26 ? -6.299  -9.154  -3.603  1.00 20.20  ? 26  ASP A HB3  1 
ATOM   509 N  N    . PHE A 1 27 ? -3.630  -10.987 -3.145  1.00 12.43  ? 27  PHE A N    1 
ATOM   510 C  CA   . PHE A 1 27 ? -2.976  -12.042 -3.908  1.00 11.86  ? 27  PHE A CA   1 
ATOM   511 C  C    . PHE A 1 27 ? -2.980  -13.359 -3.134  1.00 11.00  ? 27  PHE A C    1 
ATOM   512 O  O    . PHE A 1 27 ? -3.377  -14.398 -3.661  1.00 12.14  ? 27  PHE A O    1 
ATOM   513 C  CB   . PHE A 1 27 ? -1.544  -11.621 -4.259  1.00 12.53  ? 27  PHE A CB   1 
ATOM   514 C  CG   . PHE A 1 27 ? -0.725  -12.696 -4.921  1.00 12.94  ? 27  PHE A CG   1 
ATOM   515 C  CD1  . PHE A 1 27 ? -0.847  -12.950 -6.278  1.00 13.65  ? 27  PHE A CD1  1 
ATOM   516 C  CD2  . PHE A 1 27 ? 0.179   -13.440 -4.190  1.00 13.60  ? 27  PHE A CD2  1 
ATOM   517 C  CE1  . PHE A 1 27 ? -0.090  -13.930 -6.885  1.00 14.68  ? 27  PHE A CE1  1 
ATOM   518 C  CE2  . PHE A 1 27 ? 0.940   -14.421 -4.798  1.00 14.46  ? 27  PHE A CE2  1 
ATOM   519 C  CZ   . PHE A 1 27 ? 0.807   -14.661 -6.147  1.00 14.37  ? 27  PHE A CZ   1 
ATOM   520 H  H    . PHE A 1 27 ? -3.136  -10.299 -3.004  1.00 14.91  ? 27  PHE A H    1 
ATOM   521 H  HA   . PHE A 1 27 ? -3.465  -12.180 -4.746  1.00 14.23  ? 27  PHE A HA   1 
ATOM   522 H  HB2  . PHE A 1 27 ? -1.582  -10.864 -4.864  1.00 15.03  ? 27  PHE A HB2  1 
ATOM   523 H  HB3  . PHE A 1 27 ? -1.088  -11.363 -3.443  1.00 15.03  ? 27  PHE A HB3  1 
ATOM   524 H  HD1  . PHE A 1 27 ? -1.450  -12.456 -6.786  1.00 16.37  ? 27  PHE A HD1  1 
ATOM   525 H  HD2  . PHE A 1 27 ? 0.276   -13.280 -3.279  1.00 16.32  ? 27  PHE A HD2  1 
ATOM   526 H  HE1  . PHE A 1 27 ? -0.182  -14.091 -7.796  1.00 17.62  ? 27  PHE A HE1  1 
ATOM   527 H  HE2  . PHE A 1 27 ? 1.545   -14.918 -4.296  1.00 17.35  ? 27  PHE A HE2  1 
ATOM   528 H  HZ   . PHE A 1 27 ? 1.316   -15.324 -6.556  1.00 17.24  ? 27  PHE A HZ   1 
ATOM   529 N  N    . LEU A 1 28 ? -2.548  -13.316 -1.878  1.00 12.06  ? 28  LEU A N    1 
ATOM   530 C  CA   . LEU A 1 28 ? -2.448  -14.536 -1.083  1.00 12.36  ? 28  LEU A CA   1 
ATOM   531 C  C    . LEU A 1 28 ? -3.823  -15.164 -0.883  1.00 13.16  ? 28  LEU A C    1 
ATOM   532 O  O    . LEU A 1 28 ? -3.978  -16.372 -0.982  1.00 14.50  ? 28  LEU A O    1 
ATOM   533 C  CB   . LEU A 1 28 ? -1.764  -14.264 0.258   1.00 13.65  ? 28  LEU A CB   1 
ATOM   534 C  CG   . LEU A 1 28 ? -0.285  -13.883 0.160   1.00 14.17  ? 28  LEU A CG   1 
ATOM   535 C  CD1  . LEU A 1 28 ? 0.234   -13.484 1.527   1.00 15.20  ? 28  LEU A CD1  1 
ATOM   536 C  CD2  . LEU A 1 28 ? 0.551   -15.009 -0.415  1.00 16.27  ? 28  LEU A CD2  1 
ATOM   537 H  H    . LEU A 1 28 ? -2.309  -12.600 -1.464  1.00 14.48  ? 28  LEU A H    1 
ATOM   538 H  HA   . LEU A 1 28 ? -1.896  -15.182 -1.571  1.00 14.84  ? 28  LEU A HA   1 
ATOM   539 H  HB2  . LEU A 1 28 ? -2.226  -13.534 0.699   1.00 16.38  ? 28  LEU A HB2  1 
ATOM   540 H  HB3  . LEU A 1 28 ? -1.824  -15.064 0.804   1.00 16.38  ? 28  LEU A HB3  1 
ATOM   541 H  HG   . LEU A 1 28 ? -0.197  -13.116 -0.428  1.00 17.00  ? 28  LEU A HG   1 
ATOM   542 H  HD11 . LEU A 1 28 ? 1.162   -13.247 1.452   1.00 18.24  ? 28  LEU A HD11 1 
ATOM   543 H  HD12 . LEU A 1 28 ? -0.271  -12.733 1.845   1.00 18.24  ? 28  LEU A HD12 1 
ATOM   544 H  HD13 . LEU A 1 28 ? 0.133   -14.226 2.128   1.00 18.24  ? 28  LEU A HD13 1 
ATOM   545 H  HD21 . LEU A 1 28 ? 1.468   -14.727 -0.458  1.00 19.52  ? 28  LEU A HD21 1 
ATOM   546 H  HD22 . LEU A 1 28 ? 0.472   -15.778 0.154   1.00 19.52  ? 28  LEU A HD22 1 
ATOM   547 H  HD23 . LEU A 1 28 ? 0.231   -15.219 -1.295  1.00 19.52  ? 28  LEU A HD23 1 
ATOM   548 N  N    . ARG A 1 29 ? -4.822  -14.342 -0.587  1.00 12.78  ? 29  ARG A N    1 
ATOM   549 C  CA   A ARG A 1 29 ? -6.200  -14.803 -0.438  0.48 16.50  ? 29  ARG A CA   1 
ATOM   550 C  CA   B ARG A 1 29 ? -6.161  -14.873 -0.416  0.52 12.85  ? 29  ARG A CA   1 
ATOM   551 C  C    . ARG A 1 29 ? -6.689  -15.473 -1.721  1.00 13.66  ? 29  ARG A C    1 
ATOM   552 O  O    . ARG A 1 29 ? -7.368  -16.504 -1.694  1.00 14.13  ? 29  ARG A O    1 
ATOM   553 C  CB   A ARG A 1 29 ? -7.107  -13.613 -0.090  0.48 16.72  ? 29  ARG A CB   1 
ATOM   554 C  CB   B ARG A 1 29 ? -7.100  -13.807 0.136   0.52 15.72  ? 29  ARG A CB   1 
ATOM   555 C  CG   A ARG A 1 29 ? -8.605  -13.892 -0.171  0.48 28.01  ? 29  ARG A CG   1 
ATOM   556 C  CG   B ARG A 1 29 ? -6.742  -13.435 1.559   0.52 14.87  ? 29  ARG A CG   1 
ATOM   557 C  CD   A ARG A 1 29 ? -9.437  -12.776 0.469   0.48 24.15  ? 29  ARG A CD   1 
ATOM   558 C  CD   B ARG A 1 29 ? -7.479  -12.205 2.036   0.52 19.87  ? 29  ARG A CD   1 
ATOM   559 N  NE   A ARG A 1 29 ? -9.252  -11.478 -0.179  0.48 26.70  ? 29  ARG A NE   1 
ATOM   560 N  NE   B ARG A 1 29 ? -7.033  -11.795 3.366   0.52 27.40  ? 29  ARG A NE   1 
ATOM   561 C  CZ   A ARG A 1 29 ? -9.838  -11.116 -1.317  0.48 23.33  ? 29  ARG A CZ   1 
ATOM   562 C  CZ   B ARG A 1 29 ? -6.937  -10.533 3.772   0.52 34.40  ? 29  ARG A CZ   1 
ATOM   563 N  NH1  A ARG A 1 29 ? -10.641 -11.959 -1.954  0.48 27.64  ? 29  ARG A NH1  1 
ATOM   564 N  NH1  B ARG A 1 29 ? -7.252  -9.539  2.953   0.52 40.70  ? 29  ARG A NH1  1 
ATOM   565 N  NH2  A ARG A 1 29 ? -9.611  -9.914  -1.827  0.48 21.95  ? 29  ARG A NH2  1 
ATOM   566 N  NH2  B ARG A 1 29 ? -6.521  -10.259 5.000   0.52 35.19  ? 29  ARG A NH2  1 
ATOM   567 H  H    A ARG A 1 29 ? -4.726  -13.495 -0.465  0.48 15.33  ? 29  ARG A H    1 
ATOM   568 H  H    B ARG A 1 29 ? -4.752  -13.490 -0.482  0.52 15.33  ? 29  ARG A H    1 
ATOM   569 H  HA   A ARG A 1 29 ? -6.250  -15.456 0.292   0.48 19.79  ? 29  ARG A HA   1 
ATOM   570 H  HA   B ARG A 1 29 ? -6.123  -15.597 0.243   0.52 15.42  ? 29  ARG A HA   1 
ATOM   571 H  HB2  A ARG A 1 29 ? -6.911  -13.332 0.819   0.48 20.07  ? 29  ARG A HB2  1 
ATOM   572 H  HB2  B ARG A 1 29 ? -7.035  -13.009 -0.413  0.52 18.86  ? 29  ARG A HB2  1 
ATOM   573 H  HB3  A ARG A 1 29 ? -6.912  -12.887 -0.703  0.48 20.07  ? 29  ARG A HB3  1 
ATOM   574 H  HB3  B ARG A 1 29 ? -8.009  -14.145 0.128   0.52 18.86  ? 29  ARG A HB3  1 
ATOM   575 H  HG2  A ARG A 1 29 ? -8.864  -13.965 -1.103  0.48 33.61  ? 29  ARG A HG2  1 
ATOM   576 H  HG2  B ARG A 1 29 ? -6.974  -14.171 2.147   0.52 17.85  ? 29  ARG A HG2  1 
ATOM   577 H  HG3  A ARG A 1 29 ? -8.799  -14.720 0.295   0.48 33.61  ? 29  ARG A HG3  1 
ATOM   578 H  HG3  B ARG A 1 29 ? -5.791  -13.255 1.611   0.52 17.85  ? 29  ARG A HG3  1 
ATOM   579 H  HD2  A ARG A 1 29 ? -10.376 -13.010 0.408   0.48 28.98  ? 29  ARG A HD2  1 
ATOM   580 H  HD2  B ARG A 1 29 ? -7.312  -11.474 1.421   0.52 23.84  ? 29  ARG A HD2  1 
ATOM   581 H  HD3  A ARG A 1 29 ? -9.179  -12.685 1.400   0.48 28.98  ? 29  ARG A HD3  1 
ATOM   582 H  HD3  B ARG A 1 29 ? -8.428  -12.398 2.079   0.52 23.84  ? 29  ARG A HD3  1 
ATOM   583 H  HE   A ARG A 1 29 ? -8.729  -10.911 0.201   0.48 32.04  ? 29  ARG A HE   1 
ATOM   584 H  HE   B ARG A 1 29 ? -6.818  -12.413 3.924   0.52 32.88  ? 29  ARG A HE   1 
ATOM   585 H  HH11 A ARG A 1 29 ? -10.791 -12.740 -1.626  0.48 33.17  ? 29  ARG A HH11 1 
ATOM   586 H  HH11 B ARG A 1 29 ? -7.523  -9.709  2.154   0.52 48.85  ? 29  ARG A HH11 1 
ATOM   587 H  HH12 A ARG A 1 29 ? -11.016 -11.721 -2.691  0.48 33.17  ? 29  ARG A HH12 1 
ATOM   588 H  HH12 B ARG A 1 29 ? -7.188  -8.724  3.220   0.52 48.85  ? 29  ARG A HH12 1 
ATOM   589 H  HH21 A ARG A 1 29 ? -9.089  -9.366  -1.419  0.48 26.34  ? 29  ARG A HH21 1 
ATOM   590 H  HH21 B ARG A 1 29 ? -6.314  -10.898 5.536   0.52 42.23  ? 29  ARG A HH21 1 
ATOM   591 H  HH22 A ARG A 1 29 ? -9.987  -9.682  -2.565  0.48 26.34  ? 29  ARG A HH22 1 
ATOM   592 H  HH22 B ARG A 1 29 ? -6.459  -9.442  5.262   0.52 42.23  ? 29  ARG A HH22 1 
ATOM   593 N  N    . ASN A 1 30 ? -6.349  -14.865 -2.854  1.00 11.58  ? 30  ASN A N    1 
ATOM   594 C  CA   . ASN A 1 30 ? -6.811  -15.339 -4.150  1.00 11.58  ? 30  ASN A CA   1 
ATOM   595 C  C    . ASN A 1 30 ? -6.158  -16.648 -4.569  1.00 11.91  ? 30  ASN A C    1 
ATOM   596 O  O    . ASN A 1 30 ? -6.654  -17.306 -5.480  1.00 12.54  ? 30  ASN A O    1 
ATOM   597 C  CB   . ASN A 1 30 ? -6.594  -14.264 -5.218  1.00 12.86  ? 30  ASN A CB   1 
ATOM   598 C  CG   . ASN A 1 30 ? -7.571  -13.114 -5.085  1.00 14.10  ? 30  ASN A CG   1 
ATOM   599 O  OD1  . ASN A 1 30 ? -8.617  -13.250 -4.449  1.00 16.71  ? 30  ASN A OD1  1 
ATOM   600 N  ND2  . ASN A 1 30 ? -7.242  -11.978 -5.694  1.00 15.91  ? 30  ASN A ND2  1 
ATOM   601 H  H    . ASN A 1 30 ? -5.846  -14.168 -2.895  1.00 13.90  ? 30  ASN A H    1 
ATOM   602 H  HA   . ASN A 1 30 ? -7.776  -15.499 -4.092  1.00 13.90  ? 30  ASN A HA   1 
ATOM   603 H  HB2  . ASN A 1 30 ? -5.696  -13.907 -5.133  1.00 15.43  ? 30  ASN A HB2  1 
ATOM   604 H  HB3  . ASN A 1 30 ? -6.713  -14.660 -6.096  1.00 15.43  ? 30  ASN A HB3  1 
ATOM   605 H  HD21 . ASN A 1 30 ? -7.766  -11.297 -5.646  1.00 19.09  ? 30  ASN A HD21 1 
ATOM   606 H  HD22 . ASN A 1 30 ? -6.506  -11.923 -6.135  1.00 19.09  ? 30  ASN A HD22 1 
ATOM   607 N  N    . LEU A 1 31 ? -5.083  -17.056 -3.898  1.00 12.21  ? 31  LEU A N    1 
ATOM   608 C  CA   . LEU A 1 31 ? -4.400  -18.308 -4.242  1.00 12.37  ? 31  LEU A CA   1 
ATOM   609 C  C    . LEU A 1 31 ? -5.123  -19.562 -3.763  1.00 13.14  ? 31  LEU A C    1 
ATOM   610 O  O    . LEU A 1 31 ? -4.875  -20.645 -4.276  1.00 15.28  ? 31  LEU A O    1 
ATOM   611 C  CB   . LEU A 1 31 ? -3.001  -18.350 -3.638  1.00 12.75  ? 31  LEU A CB   1 
ATOM   612 C  CG   . LEU A 1 31 ? -1.980  -17.371 -4.194  1.00 13.01  ? 31  LEU A CG   1 
ATOM   613 C  CD1  . LEU A 1 31 ? -0.683  -17.519 -3.425  1.00 14.26  ? 31  LEU A CD1  1 
ATOM   614 C  CD2  . LEU A 1 31 ? -1.757  -17.617 -5.673  1.00 14.14  ? 31  LEU A CD2  1 
ATOM   615 H  H    . LEU A 1 31 ? -4.728  -16.629 -3.240  1.00 14.65  ? 31  LEU A H    1 
ATOM   616 H  HA   . LEU A 1 31 ? -4.311  -18.364 -5.217  1.00 14.84  ? 31  LEU A HA   1 
ATOM   617 H  HB2  . LEU A 1 31 ? -3.077  -18.172 -2.686  1.00 15.30  ? 31  LEU A HB2  1 
ATOM   618 H  HB3  . LEU A 1 31 ? -2.643  -19.241 -3.768  1.00 15.30  ? 31  LEU A HB3  1 
ATOM   619 H  HG   . LEU A 1 31 ? -2.305  -16.465 -4.078  1.00 15.62  ? 31  LEU A HG   1 
ATOM   620 H  HD11 . LEU A 1 31 ? -0.039  -16.901 -3.777  1.00 17.12  ? 31  LEU A HD11 1 
ATOM   621 H  HD12 . LEU A 1 31 ? -0.846  -17.329 -2.498  1.00 17.12  ? 31  LEU A HD12 1 
ATOM   622 H  HD13 . LEU A 1 31 ? -0.361  -18.418 -3.523  1.00 17.12  ? 31  LEU A HD13 1 
ATOM   623 H  HD21 . LEU A 1 31 ? -1.110  -16.988 -6.000  1.00 16.97  ? 31  LEU A HD21 1 
ATOM   624 H  HD22 . LEU A 1 31 ? -1.434  -18.513 -5.795  1.00 16.97  ? 31  LEU A HD22 1 
ATOM   625 H  HD23 . LEU A 1 31 ? -2.589  -17.503 -6.138  1.00 16.97  ? 31  LEU A HD23 1 
ATOM   626 N  N    . VAL A 1 32 ? -5.982  -19.427 -2.759  1.00 13.06  ? 32  VAL A N    1 
ATOM   627 C  CA   . VAL A 1 32 ? -6.564  -20.603 -2.119  1.00 13.39  ? 32  VAL A CA   1 
ATOM   628 C  C    . VAL A 1 32 ? -7.597  -21.240 -3.045  1.00 13.52  ? 32  VAL A C    1 
ATOM   629 O  O    . VAL A 1 32 ? -8.575  -20.597 -3.407  1.00 13.48  ? 32  VAL A O    1 
ATOM   630 C  CB   . VAL A 1 32 ? -7.218  -20.236 -0.778  1.00 14.46  ? 32  VAL A CB   1 
ATOM   631 C  CG1  . VAL A 1 32 ? -7.752  -21.477 -0.092  1.00 16.40  ? 32  VAL A CG1  1 
ATOM   632 C  CG2  . VAL A 1 32 ? -6.218  -19.540 0.124   1.00 16.46  ? 32  VAL A CG2  1 
ATOM   633 H  H    . VAL A 1 32 ? -6.243  -18.676 -2.433  1.00 15.67  ? 32  VAL A H    1 
ATOM   634 H  HA   . VAL A 1 32 ? -5.858  -21.260 -1.947  1.00 16.07  ? 32  VAL A HA   1 
ATOM   635 H  HB   . VAL A 1 32 ? -7.968  -19.624 -0.939  1.00 17.35  ? 32  VAL A HB   1 
ATOM   636 H  HG11 . VAL A 1 32 ? -8.156  -21.224 0.741   1.00 19.68  ? 32  VAL A HG11 1 
ATOM   637 H  HG12 . VAL A 1 32 ? -8.406  -21.892 -0.660  1.00 19.68  ? 32  VAL A HG12 1 
ATOM   638 H  HG13 . VAL A 1 32 ? -7.025  -22.083 0.067   1.00 19.68  ? 32  VAL A HG13 1 
ATOM   639 H  HG21 . VAL A 1 32 ? -6.647  -19.320 0.954   1.00 19.76  ? 32  VAL A HG21 1 
ATOM   640 H  HG22 . VAL A 1 32 ? -5.478  -20.131 0.284   1.00 19.76  ? 32  VAL A HG22 1 
ATOM   641 H  HG23 . VAL A 1 32 ? -5.911  -18.739 -0.309  1.00 19.76  ? 32  VAL A HG23 1 
ATOM   642 N  N    . PRO A 1 33 ? -7.379  -22.507 -3.441  1.00 14.31  ? 33  PRO A N    1 
ATOM   643 C  CA   . PRO A 1 33 ? -8.312  -23.129 -4.382  1.00 15.42  ? 33  PRO A CA   1 
ATOM   644 C  C    . PRO A 1 33 ? -9.712  -23.273 -3.820  1.00 18.79  ? 33  PRO A C    1 
ATOM   645 O  O    . PRO A 1 33 ? -9.910  -23.372 -2.609  1.00 22.42  ? 33  PRO A O    1 
ATOM   646 C  CB   . PRO A 1 33 ? -7.715  -24.520 -4.609  1.00 22.80  ? 33  PRO A CB   1 
ATOM   647 C  CG   . PRO A 1 33 ? -6.313  -24.428 -4.195  1.00 21.08  ? 33  PRO A CG   1 
ATOM   648 C  CD   . PRO A 1 33 ? -6.267  -23.410 -3.103  1.00 16.12  ? 33  PRO A CD   1 
ATOM   649 H  HA   . PRO A 1 33 ? -8.338  -22.635 -5.228  1.00 18.50  ? 33  PRO A HA   1 
ATOM   650 H  HB2  . PRO A 1 33 ? -8.189  -25.169 -4.065  1.00 27.36  ? 33  PRO A HB2  1 
ATOM   651 H  HB3  . PRO A 1 33 ? -7.778  -24.752 -5.549  1.00 27.36  ? 33  PRO A HB3  1 
ATOM   652 H  HG2  . PRO A 1 33 ? -6.015  -25.291 -3.867  1.00 25.29  ? 33  PRO A HG2  1 
ATOM   653 H  HG3  . PRO A 1 33 ? -5.771  -24.144 -4.947  1.00 25.29  ? 33  PRO A HG3  1 
ATOM   654 H  HD2  . PRO A 1 33 ? -6.421  -23.829 -2.242  1.00 19.34  ? 33  PRO A HD2  1 
ATOM   655 H  HD3  . PRO A 1 33 ? -5.424  -22.931 -3.121  1.00 19.34  ? 33  PRO A HD3  1 
ATOM   656 N  N    A ARG A 1 34 ? -10.689 -23.200 -4.713  0.61 18.56  ? 34  ARG A N    1 
ATOM   657 N  N    B ARG A 1 34 ? -10.673 -23.414 -4.723  0.39 36.16  ? 34  ARG A N    1 
ATOM   658 C  CA   A ARG A 1 34 ? -12.083 -23.085 -4.319  0.61 30.38  ? 34  ARG A CA   1 
ATOM   659 C  CA   B ARG A 1 34 ? -12.035 -23.767 -4.347  0.39 40.07  ? 34  ARG A CA   1 
ATOM   660 C  C    A ARG A 1 34 ? -12.821 -24.381 -4.600  0.61 26.98  ? 34  ARG A C    1 
ATOM   661 C  C    B ARG A 1 34 ? -12.245 -25.268 -4.506  0.39 34.43  ? 34  ARG A C    1 
ATOM   662 O  O    A ARG A 1 34 ? -12.919 -24.794 -5.750  0.61 26.86  ? 34  ARG A O    1 
ATOM   663 O  O    B ARG A 1 34 ? -11.331 -25.991 -4.907  0.39 30.64  ? 34  ARG A O    1 
ATOM   664 C  CB   A ARG A 1 34 ? -12.732 -21.941 -5.094  0.61 38.30  ? 34  ARG A CB   1 
ATOM   665 C  CB   B ARG A 1 34 ? -13.023 -23.005 -5.222  0.39 41.79  ? 34  ARG A CB   1 
ATOM   666 C  CG   A ARG A 1 34 ? -11.974 -20.627 -4.978  0.61 43.40  ? 34  ARG A CG   1 
ATOM   667 C  CG   B ARG A 1 34 ? -12.728 -21.522 -5.283  0.39 40.48  ? 34  ARG A CG   1 
ATOM   668 C  CD   A ARG A 1 34 ? -12.362 -19.664 -6.080  0.61 46.24  ? 34  ARG A CD   1 
ATOM   669 C  CD   B ARG A 1 34 ? -13.298 -20.889 -6.532  0.39 44.16  ? 34  ARG A CD   1 
ATOM   670 N  NE   A ARG A 1 34 ? -13.799 -19.432 -6.090  0.61 56.44  ? 34  ARG A NE   1 
ATOM   671 N  NE   B ARG A 1 34 ? -14.489 -20.099 -6.239  0.39 57.28  ? 34  ARG A NE   1 
ATOM   672 C  CZ   A ARG A 1 34 ? -14.423 -18.573 -5.293  0.61 52.44  ? 34  ARG A CZ   1 
ATOM   673 C  CZ   B ARG A 1 34 ? -14.463 -18.838 -5.820  0.39 59.90  ? 34  ARG A CZ   1 
ATOM   674 N  NH1  A ARG A 1 34 ? -13.747 -17.848 -4.412  0.61 55.37  ? 34  ARG A NH1  1 
ATOM   675 N  NH1  B ARG A 1 34 ? -13.304 -18.214 -5.642  0.39 57.39  ? 34  ARG A NH1  1 
ATOM   676 N  NH2  A ARG A 1 34 ? -15.733 -18.443 -5.378  0.61 17.33  ? 34  ARG A NH2  1 
ATOM   677 N  NH2  B ARG A 1 34 ? -15.597 -18.198 -5.576  0.39 39.57  ? 34  ARG A NH2  1 
ATOM   678 H  H    A ARG A 1 34 ? -10.568 -23.215 -5.564  0.61 22.27  ? 34  ARG A H    1 
ATOM   679 H  H    B ARG A 1 34 ? -10.561 -23.309 -5.569  0.39 43.40  ? 34  ARG A H    1 
ATOM   680 H  HA   A ARG A 1 34 ? -12.142 -22.891 -3.360  0.61 36.46  ? 34  ARG A HA   1 
ATOM   681 H  HA   B ARG A 1 34 ? -12.193 -23.524 -3.411  0.39 48.08  ? 34  ARG A HA   1 
ATOM   682 H  HB2  A ARG A 1 34 ? -12.774 -22.180 -6.032  0.61 45.96  ? 34  ARG A HB2  1 
ATOM   683 H  HB2  B ARG A 1 34 ? -12.981 -23.357 -6.125  0.39 50.14  ? 34  ARG A HB2  1 
ATOM   684 H  HB3  A ARG A 1 34 ? -13.629 -21.798 -4.751  0.61 45.96  ? 34  ARG A HB3  1 
ATOM   685 H  HB3  B ARG A 1 34 ? -13.917 -23.120 -4.862  0.39 50.14  ? 34  ARG A HB3  1 
ATOM   686 H  HG2  A ARG A 1 34 ? -12.178 -20.212 -4.126  0.61 52.08  ? 34  ARG A HG2  1 
ATOM   687 H  HG2  B ARG A 1 34 ? -13.125 -21.086 -4.513  0.39 48.57  ? 34  ARG A HG2  1 
ATOM   688 H  HG3  A ARG A 1 34 ? -11.021 -20.801 -5.048  0.61 52.08  ? 34  ARG A HG3  1 
ATOM   689 H  HG3  B ARG A 1 34 ? -11.768 -21.387 -5.286  0.39 48.57  ? 34  ARG A HG3  1 
ATOM   690 H  HD2  A ARG A 1 34 ? -11.916 -18.815 -5.936  0.61 55.49  ? 34  ARG A HD2  1 
ATOM   691 H  HD2  B ARG A 1 34 ? -12.634 -20.301 -6.925  0.39 52.99  ? 34  ARG A HD2  1 
ATOM   692 H  HD3  A ARG A 1 34 ? -12.107 -20.038 -6.939  0.61 55.49  ? 34  ARG A HD3  1 
ATOM   693 H  HD3  B ARG A 1 34 ? -13.544 -21.585 -7.160  0.39 52.99  ? 34  ARG A HD3  1 
ATOM   694 H  HE   A ARG A 1 34 ? -14.274 -19.881 -6.649  0.61 67.73  ? 34  ARG A HE   1 
ATOM   695 H  HE   B ARG A 1 34 ? -15.255 -20.485 -6.306  0.39 68.74  ? 34  ARG A HE   1 
ATOM   696 H  HH11 A ARG A 1 34 ? -12.893 -17.931 -4.351  0.61 66.44  ? 34  ARG A HH11 1 
ATOM   697 H  HH11 B ARG A 1 34 ? -12.566 -18.626 -5.799  0.39 68.87  ? 34  ARG A HH11 1 
ATOM   698 H  HH12 A ARG A 1 34 ? -14.163 -17.295 -3.902  0.61 66.44  ? 34  ARG A HH12 1 
ATOM   699 H  HH12 B ARG A 1 34 ? -13.293 -17.398 -5.371  0.39 68.87  ? 34  ARG A HH12 1 
ATOM   700 H  HH21 A ARG A 1 34 ? -16.175 -18.911 -5.949  0.61 20.79  ? 34  ARG A HH21 1 
ATOM   701 H  HH21 B ARG A 1 34 ? -16.351 -18.599 -5.689  0.39 47.48  ? 34  ARG A HH21 1 
ATOM   702 H  HH22 A ARG A 1 34 ? -16.144 -17.887 -4.867  0.61 20.79  ? 34  ARG A HH22 1 
ATOM   703 H  HH22 B ARG A 1 34 ? -15.582 -17.382 -5.305  0.39 47.48  ? 34  ARG A HH22 1 
HETATM 704 NA NA   . NA  B 2 .  ? -4.366  -11.453 -7.310  1.00 14.40  ? 101 NA  A NA   1 
HETATM 705 O  O    . HOH C 3 .  ? -2.190  -9.260  -10.130 1.00 35.25  ? 201 HOH A O    1 
HETATM 706 O  O    . HOH C 3 .  ? 10.262  15.327  10.062  1.00 48.98  ? 202 HOH A O    1 
HETATM 707 O  O    . HOH C 3 .  ? -1.096  16.568  2.621   1.00 15.12  ? 203 HOH A O    1 
HETATM 708 O  O    . HOH C 3 .  ? -0.898  13.157  0.578   1.00 22.42  ? 204 HOH A O    1 
HETATM 709 O  O    . HOH C 3 .  ? -11.382 -24.177 -0.390  1.00 38.18  ? 205 HOH A O    1 
HETATM 710 O  O    . HOH C 3 .  ? -3.524  -2.225  -3.579  1.00 39.72  ? 206 HOH A O    1 
HETATM 711 O  O    . HOH C 3 .  ? 5.797   15.636  -2.118  1.00 39.78  ? 207 HOH A O    1 
HETATM 712 O  O    . HOH C 3 .  ? -8.810  -9.410  -5.610  1.00 26.84  ? 208 HOH A O    1 
HETATM 713 O  O    . HOH C 3 .  ? -8.727  -6.800  3.120   1.00 42.70  ? 209 HOH A O    1 
HETATM 714 O  O    . HOH C 3 .  ? -8.381  -11.542 7.216   1.00 46.42  ? 210 HOH A O    1 
HETATM 715 O  O    . HOH C 3 .  ? 1.473   -9.418  -5.127  1.00 40.57  ? 211 HOH A O    1 
HETATM 716 O  O    . HOH C 3 .  ? 2.362   -8.468  -6.785  1.00 49.84  ? 212 HOH A O    1 
HETATM 717 O  O    . HOH C 3 .  ? 1.352   27.145  0.411   1.00 29.65  ? 213 HOH A O    1 
HETATM 718 O  O    . HOH C 3 .  ? 2.037   -10.680 -6.975  1.00 45.62  ? 214 HOH A O    1 
HETATM 719 O  O    . HOH C 3 .  ? 9.135   15.574  12.806  1.00 48.54  ? 215 HOH A O    1 
# 
loop_
_atom_site_anisotrop.id 
_atom_site_anisotrop.type_symbol 
_atom_site_anisotrop.pdbx_label_atom_id 
_atom_site_anisotrop.pdbx_label_alt_id 
_atom_site_anisotrop.pdbx_label_comp_id 
_atom_site_anisotrop.pdbx_label_asym_id 
_atom_site_anisotrop.pdbx_label_seq_id 
_atom_site_anisotrop.pdbx_PDB_ins_code 
_atom_site_anisotrop.U[1][1] 
_atom_site_anisotrop.U[2][2] 
_atom_site_anisotrop.U[3][3] 
_atom_site_anisotrop.U[1][2] 
_atom_site_anisotrop.U[1][3] 
_atom_site_anisotrop.U[2][3] 
_atom_site_anisotrop.pdbx_auth_seq_id 
_atom_site_anisotrop.pdbx_auth_comp_id 
_atom_site_anisotrop.pdbx_auth_asym_id 
_atom_site_anisotrop.pdbx_auth_atom_id 
1   N  N   . LEU A 1  ? 0.5556 0.4809 0.7119 0.0926  -0.0102 -0.0785 1   LEU A N   
2   C  CA  . LEU A 1  ? 0.5057 0.1605 0.3711 0.0768  0.0366  0.0258  1   LEU A CA  
3   C  C   . LEU A 1  ? 0.1902 0.1735 0.2392 0.0165  0.0265  0.0357  1   LEU A C   
4   O  O   . LEU A 1  ? 0.2036 0.1508 0.2128 -0.0193 -0.0003 0.0267  1   LEU A O   
5   C  CB  . LEU A 1  ? 0.6573 0.6072 0.6845 -0.0256 -0.0256 0.0234  1   LEU A CB  
6   C  CG  . LEU A 1  ? 0.8247 0.8472 0.8796 0.0354  0.0117  0.0573  1   LEU A CG  
7   C  CD1 . LEU A 1  ? 0.8815 0.9215 1.0594 0.0640  -0.0307 -0.0195 1   LEU A CD1 
8   C  CD2 . LEU A 1  ? 0.8777 0.9055 1.0044 0.0305  -0.0114 -0.0041 1   LEU A CD2 
22  N  N   . LEU A 2  ? 0.2473 0.1397 0.2072 -0.0056 0.0155  0.0155  2   LEU A N   
23  C  CA  . LEU A 2  ? 0.1923 0.1837 0.1977 -0.0372 0.0036  0.0142  2   LEU A CA  
24  C  C   . LEU A 2  ? 0.1809 0.1440 0.1725 -0.0353 -0.0049 -0.0032 2   LEU A C   
25  O  O   . LEU A 2  ? 0.1669 0.1429 0.1885 -0.0134 0.0072  -0.0142 2   LEU A O   
26  C  CB  . LEU A 2  ? 0.2134 0.1926 0.2399 -0.0586 0.0071  0.0483  2   LEU A CB  
27  C  CG  . LEU A 2  ? 0.2157 0.2529 0.2190 -0.0284 -0.0114 0.0693  2   LEU A CG  
28  C  CD1 . LEU A 2  ? 0.2498 0.3689 0.2120 0.0799  0.0080  0.0896  2   LEU A CD1 
29  C  CD2 . LEU A 2  ? 0.2137 0.2712 0.3314 -0.0652 0.0223  0.0984  2   LEU A CD2 
41  N  N   . GLY A 3  ? 0.1954 0.1270 0.1848 -0.0367 -0.0086 -0.0064 3   GLY A N   
42  C  CA  . GLY A 3  ? 0.2117 0.1324 0.1705 -0.0337 0.0059  0.0017  3   GLY A CA  
43  C  C   . GLY A 3  ? 0.1841 0.1273 0.1614 -0.0176 0.0028  -0.0216 3   GLY A C   
44  O  O   . GLY A 3  ? 0.1927 0.1179 0.1660 -0.0168 0.0036  -0.0081 3   GLY A O   
48  N  N   . ASP A 4  ? 0.1707 0.1188 0.1746 -0.0148 0.0035  -0.0086 4   ASP A N   
49  C  CA  . ASP A 4  ? 0.1644 0.1254 0.2003 -0.0103 0.0156  -0.0071 4   ASP A CA  
50  C  C   . ASP A 4  ? 0.1493 0.1132 0.1874 -0.0220 0.0035  -0.0001 4   ASP A C   
51  O  O   . ASP A 4  ? 0.1619 0.1213 0.1881 -0.0124 0.0026  -0.0067 4   ASP A O   
52  C  CB  . ASP A 4  ? 0.1613 0.1363 0.2098 -0.0060 0.0051  -0.0021 4   ASP A CB  
53  C  CG  . ASP A 4  ? 0.1837 0.1490 0.3712 0.0147  0.0110  -0.0132 4   ASP A CG  
54  O  OD1 . ASP A 4  ? 0.2410 0.1673 0.3820 0.0237  0.1004  0.0351  4   ASP A OD1 
55  O  OD2 . ASP A 4  ? 0.2068 0.1910 0.3351 -0.0156 0.0415  -0.0728 4   ASP A OD2 
60  N  N   . PHE A 5  ? 0.1663 0.1120 0.1908 -0.0075 -0.0109 -0.0091 5   PHE A N   
61  C  CA  . PHE A 5  ? 0.1524 0.1303 0.1626 -0.0126 -0.0021 -0.0012 5   PHE A CA  
62  C  C   . PHE A 5  ? 0.1552 0.1199 0.1323 -0.0057 0.0048  0.0059  5   PHE A C   
63  O  O   . PHE A 5  ? 0.1768 0.1211 0.1539 -0.0065 -0.0082 -0.0109 5   PHE A O   
64  C  CB  . PHE A 5  ? 0.1893 0.1489 0.1522 -0.0100 0.0074  0.0062  5   PHE A CB  
65  C  CG  . PHE A 5  ? 0.2390 0.1638 0.2095 0.0010  0.0309  0.0261  5   PHE A CG  
66  C  CD1 . PHE A 5  ? 0.3851 0.1614 0.1568 0.0114  0.0468  0.0053  5   PHE A CD1 
67  C  CD2 . PHE A 5  ? 0.2478 0.3476 0.2656 0.1101  0.0581  0.0437  5   PHE A CD2 
68  C  CE1 . PHE A 5  ? 0.3802 0.2380 0.2145 0.0348  0.0417  -0.0063 5   PHE A CE1 
69  C  CE2 . PHE A 5  ? 0.3026 0.3179 0.3627 0.1159  0.0729  0.0354  5   PHE A CE2 
70  C  CZ  . PHE A 5  ? 0.3913 0.2667 0.3233 0.0825  0.0931  -0.0122 5   PHE A CZ  
80  N  N   . PHE A 6  ? 0.1455 0.1207 0.1586 -0.0044 -0.0025 -0.0034 6   PHE A N   
81  C  CA  . PHE A 6  ? 0.1511 0.1357 0.1571 -0.0031 0.0015  -0.0147 6   PHE A CA  
82  C  C   . PHE A 6  ? 0.1469 0.1228 0.1623 -0.0058 0.0074  -0.0059 6   PHE A C   
83  O  O   . PHE A 6  ? 0.1667 0.1228 0.1859 0.0084  0.0065  -0.0056 6   PHE A O   
84  C  CB  . PHE A 6  ? 0.1586 0.1381 0.1461 -0.0024 -0.0016 -0.0059 6   PHE A CB  
85  C  CG  . PHE A 6  ? 0.1586 0.1440 0.1474 0.0043  -0.0060 -0.0118 6   PHE A CG  
86  C  CD1 . PHE A 6  ? 0.1583 0.1720 0.1924 -0.0143 0.0129  -0.0484 6   PHE A CD1 
87  C  CD2 . PHE A 6  ? 0.1645 0.1376 0.1873 -0.0106 0.0146  -0.0285 6   PHE A CD2 
88  C  CE1 . PHE A 6  ? 0.1901 0.2006 0.1743 0.0082  0.0044  -0.0496 6   PHE A CE1 
89  C  CE2 . PHE A 6  ? 0.1518 0.1509 0.2389 -0.0144 0.0189  -0.0274 6   PHE A CE2 
90  C  CZ  . PHE A 6  ? 0.1444 0.1948 0.2244 -0.0311 0.0204  -0.0144 6   PHE A CZ  
100 N  N   . ARG A 7  ? 0.1596 0.1183 0.1538 -0.0104 -0.0048 -0.0021 7   ARG A N   
101 C  CA  . ARG A 7  ? 0.1542 0.1189 0.1649 -0.0175 0.0109  -0.0076 7   ARG A CA  
102 C  C   . ARG A 7  ? 0.1620 0.1072 0.1670 -0.0195 0.0113  -0.0149 7   ARG A C   
103 O  O   . ARG A 7  ? 0.1856 0.1164 0.1740 -0.0122 0.0078  -0.0148 7   ARG A O   
104 C  CB  . ARG A 7  ? 0.1708 0.1116 0.1572 -0.0164 0.0009  -0.0085 7   ARG A CB  
105 C  CG  . ARG A 7  ? 0.1951 0.1187 0.1711 -0.0265 0.0098  0.0025  7   ARG A CG  
106 C  CD  . ARG A 7  ? 0.1836 0.1292 0.1601 -0.0168 0.0180  -0.0009 7   ARG A CD  
107 N  NE  . ARG A 7  ? 0.1823 0.1528 0.1675 -0.0210 0.0054  -0.0131 7   ARG A NE  
108 C  CZ  . ARG A 7  ? 0.1686 0.1663 0.1555 0.0007  0.0110  -0.0079 7   ARG A CZ  
109 N  NH1 . ARG A 7  ? 0.1955 0.1336 0.1719 0.0024  -0.0096 0.0058  7   ARG A NH1 
110 N  NH2 . ARG A 7  ? 0.1892 0.1969 0.1658 0.0194  -0.0139 -0.0048 7   ARG A NH2 
124 N  N   . LYS A 8  ? 0.1551 0.1127 0.1707 -0.0110 -0.0033 -0.0215 8   LYS A N   
125 C  CA  . LYS A 8  ? 0.1698 0.1285 0.1751 -0.0086 -0.0023 -0.0279 8   LYS A CA  
126 C  C   . LYS A 8  ? 0.1786 0.1274 0.1942 -0.0112 -0.0017 -0.0206 8   LYS A C   
127 O  O   . LYS A 8  ? 0.2021 0.1264 0.2167 -0.0233 0.0096  -0.0366 8   LYS A O   
128 C  CB  . LYS A 8  ? 0.1761 0.1448 0.1843 -0.0056 -0.0149 -0.0312 8   LYS A CB  
129 C  CG  . LYS A 8  ? 0.1770 0.1591 0.1806 -0.0123 0.0038  -0.0263 8   LYS A CG  
130 C  CD  . LYS A 8  ? 0.2353 0.1947 0.1912 0.0167  -0.0175 0.0106  8   LYS A CD  
131 C  CE  . LYS A 8  ? 0.2124 0.1852 0.1969 0.0149  0.0094  -0.0007 8   LYS A CE  
132 N  NZ  . LYS A 8  ? 0.2188 0.1866 0.1956 0.0226  -0.0194 -0.0212 8   LYS A NZ  
146 N  N   A SER A 9  ? 0.1017 0.1998 0.2307 -0.0519 0.0514  0.0149  9   SER A N   
147 N  N   B SER A 9  ? 0.2712 0.0963 0.1794 0.0070  -0.0093 -0.0373 9   SER A N   
148 C  CA  A SER A 9  ? 0.1440 0.1460 0.2356 -0.0419 -0.0194 0.0154  9   SER A CA  
149 C  CA  B SER A 9  ? 0.2075 0.1870 0.2208 -0.0040 0.0515  -0.0711 9   SER A CA  
150 C  C   A SER A 9  ? 0.1761 0.1386 0.2559 -0.0143 0.0600  -0.0208 9   SER A C   
151 C  C   B SER A 9  ? 0.2467 0.1257 0.2453 0.0137  0.0259  -0.0387 9   SER A C   
152 O  O   A SER A 9  ? 0.1663 0.1292 0.2928 -0.0378 0.0933  -0.0290 9   SER A O   
153 O  O   B SER A 9  ? 0.3093 0.1688 0.2659 0.0633  -0.0338 -0.0651 9   SER A O   
154 C  CB  A SER A 9  ? 0.1494 0.2395 0.2073 -0.0168 0.0940  -0.0049 9   SER A CB  
155 C  CB  B SER A 9  ? 0.2850 0.1490 0.2316 0.0085  0.0356  -0.0259 9   SER A CB  
156 O  OG  A SER A 9  ? 0.2041 0.1924 0.3109 0.0410  0.0363  -0.0352 9   SER A OG  
157 O  OG  B SER A 9  ? 0.3063 0.2572 0.3486 0.0155  0.1071  -0.0822 9   SER A OG  
168 N  N   . LYS A 10 ? 0.1942 0.1320 0.2344 0.0073  0.0200  -0.0139 10  LYS A N   
169 C  CA  . LYS A 10 ? 0.1964 0.1416 0.2568 0.0130  0.0176  -0.0101 10  LYS A CA  
170 C  C   . LYS A 10 ? 0.1754 0.1171 0.2616 -0.0099 0.0120  -0.0157 10  LYS A C   
171 O  O   . LYS A 10 ? 0.2213 0.1199 0.2999 0.0084  -0.0007 -0.0262 10  LYS A O   
172 C  CB  . LYS A 10 ? 0.1911 0.1602 0.2686 -0.0126 -0.0228 0.0198  10  LYS A CB  
173 C  CG  . LYS A 10 ? 0.2822 0.2126 0.2354 -0.0280 -0.0563 0.0312  10  LYS A CG  
174 C  CD  . LYS A 10 ? 0.5732 0.4730 0.6673 0.0190  -0.0608 -0.0839 10  LYS A CD  
175 C  CE  . LYS A 10 ? 0.6521 0.6179 0.6852 0.0320  -0.0294 0.0238  10  LYS A CE  
176 N  NZ  . LYS A 10 ? 0.7138 0.6187 0.8131 0.0306  -0.0706 -0.0037 10  LYS A NZ  
191 N  N   . GLU A 11 ? 0.1849 0.1151 0.2337 -0.0126 0.0161  -0.0139 11  GLU A N   
192 C  CA  . GLU A 11 ? 0.1981 0.1133 0.2464 -0.0139 0.0385  -0.0268 11  GLU A CA  
193 C  C   . GLU A 11 ? 0.2087 0.1244 0.2479 -0.0273 0.0104  -0.0264 11  GLU A C   
194 O  O   . GLU A 11 ? 0.2369 0.1159 0.2760 -0.0402 0.0384  -0.0298 11  GLU A O   
195 C  CB  . GLU A 11 ? 0.1608 0.1263 0.2409 -0.0310 0.0101  -0.0235 11  GLU A CB  
196 C  CG  . GLU A 11 ? 0.1674 0.1414 0.2384 -0.0182 0.0204  -0.0370 11  GLU A CG  
197 C  CD  . GLU A 11 ? 0.1630 0.1534 0.1989 -0.0049 -0.0010 -0.0330 11  GLU A CD  
198 O  OE1 . GLU A 11 ? 0.2091 0.1788 0.2173 0.0190  -0.0187 -0.0319 11  GLU A OE1 
199 O  OE2 . GLU A 11 ? 0.2081 0.1827 0.2508 0.0306  -0.0057 -0.0408 11  GLU A OE2 
206 N  N   . LYS A 12 ? 0.2725 0.1190 0.2536 -0.0444 0.0243  -0.0442 12  LYS A N   
207 C  CA  . LYS A 12 ? 0.2700 0.1584 0.2345 -0.0406 0.0450  -0.0328 12  LYS A CA  
208 C  C   . LYS A 12 ? 0.2451 0.1335 0.3029 -0.0412 0.0722  -0.0656 12  LYS A C   
209 O  O   . LYS A 12 ? 0.2867 0.1426 0.2859 -0.0505 0.0429  -0.0696 12  LYS A O   
210 C  CB  . LYS A 12 ? 0.4377 0.2095 0.2634 -0.0523 0.0136  -0.0995 12  LYS A CB  
211 C  CG  . LYS A 12 ? 0.7337 0.5913 0.7585 0.0109  0.0141  -0.1031 12  LYS A CG  
212 C  CD  . LYS A 12 ? 0.8512 0.8522 0.9876 0.0698  0.0176  -0.0290 12  LYS A CD  
213 C  CE  . LYS A 12 ? 0.9378 0.9737 1.0882 0.0421  -0.0015 -0.0240 12  LYS A CE  
214 N  NZ  . LYS A 12 ? 0.9972 1.0197 1.0366 0.0047  0.0197  0.0210  12  LYS A NZ  
228 N  N   . ILE A 13 ? 0.2567 0.1336 0.3460 -0.0420 0.0849  -0.0787 13  ILE A N   
229 C  CA  . ILE A 13 ? 0.2108 0.1664 0.4239 -0.0343 0.0827  -0.1131 13  ILE A CA  
230 C  C   . ILE A 13 ? 0.1612 0.1336 0.3316 -0.0135 0.0291  -0.0512 13  ILE A C   
231 O  O   . ILE A 13 ? 0.1845 0.1374 0.3253 -0.0185 0.0264  -0.0736 13  ILE A O   
232 C  CB  . ILE A 13 ? 0.1781 0.1788 0.5583 0.0000  0.0113  -0.1130 13  ILE A CB  
233 C  CG1 . ILE A 13 ? 0.1906 0.1816 0.6104 -0.0236 0.0969  -0.0670 13  ILE A CG1 
234 C  CG2 . ILE A 13 ? 0.1880 0.2063 0.4878 -0.0085 -0.0028 -0.1079 13  ILE A CG2 
235 C  CD1 . ILE A 13 ? 0.4312 0.5826 0.8373 0.0614  -0.0425 -0.0953 13  ILE A CD1 
247 N  N   . GLY A 14 ? 0.1717 0.1372 0.2912 -0.0034 -0.0014 -0.0499 14  GLY A N   
248 C  CA  . GLY A 14 ? 0.1805 0.1476 0.2881 -0.0234 -0.0015 -0.0362 14  GLY A CA  
249 C  C   . GLY A 14 ? 0.1704 0.1468 0.2301 -0.0128 -0.0050 -0.0302 14  GLY A C   
250 O  O   . GLY A 14 ? 0.1938 0.1250 0.2694 -0.0253 0.0077  -0.0228 14  GLY A O   
254 N  N   . LYS A 15 ? 0.1912 0.1322 0.2452 -0.0236 -0.0036 -0.0321 15  LYS A N   
255 C  CA  . LYS A 15 ? 0.2267 0.1364 0.3621 -0.0099 -0.0385 -0.0648 15  LYS A CA  
256 C  C   . LYS A 15 ? 0.2221 0.1547 0.2848 -0.0334 -0.0206 -0.0393 15  LYS A C   
257 O  O   . LYS A 15 ? 0.2336 0.1369 0.2976 -0.0489 -0.0277 -0.0272 15  LYS A O   
258 C  CB  . LYS A 15 ? 0.3183 0.1297 0.3937 0.0174  -0.1207 -0.0265 15  LYS A CB  
259 C  CG  . LYS A 15 ? 0.6082 0.4801 0.6405 -0.0818 0.0025  0.0175  15  LYS A CG  
260 C  CD  . LYS A 15 ? 0.8584 0.8492 0.9566 -0.0309 0.0040  0.0015  15  LYS A CD  
261 C  CE  . LYS A 15 ? 1.0464 1.1476 1.2393 0.0405  0.0182  0.0473  15  LYS A CE  
262 N  NZ  . LYS A 15 ? 1.1940 1.4362 1.6164 0.0846  -0.0655 -0.0285 15  LYS A NZ  
276 N  N   . GLU A 16 ? 0.2565 0.1354 0.2534 -0.0377 -0.0122 -0.0349 16  GLU A N   
277 C  CA  . GLU A 16 ? 0.2679 0.1399 0.2389 -0.0409 0.0046  -0.0312 16  GLU A CA  
278 C  C   . GLU A 16 ? 0.2155 0.1396 0.2356 -0.0218 0.0114  -0.0467 16  GLU A C   
279 O  O   . GLU A 16 ? 0.2352 0.1312 0.2629 -0.0418 0.0246  -0.0422 16  GLU A O   
280 C  CB  . GLU A 16 ? 0.4396 0.1828 0.2551 -0.0935 0.1377  -0.0518 16  GLU A CB  
281 C  CG  . GLU A 16 ? 0.8357 0.6765 0.6729 -0.0795 0.0653  0.0069  16  GLU A CG  
282 C  CD  . GLU A 16 ? 1.0664 1.1030 1.2473 0.0408  0.0219  -0.0521 16  GLU A CD  
283 O  OE1 . GLU A 16 ? 1.1047 1.2130 1.4075 0.1003  0.0348  -0.0391 16  GLU A OE1 
284 O  OE2 . GLU A 16 ? 1.1767 1.3458 1.5093 0.1011  0.0104  -0.0405 16  GLU A OE2 
291 N  N   . PHE A 17 ? 0.2067 0.1311 0.2321 -0.0396 0.0216  -0.0316 17  PHE A N   
292 C  CA  . PHE A 17 ? 0.1962 0.1354 0.2867 -0.0122 -0.0167 -0.0409 17  PHE A CA  
293 C  C   . PHE A 17 ? 0.1803 0.1351 0.2567 -0.0207 0.0100  -0.0547 17  PHE A C   
294 O  O   . PHE A 17 ? 0.2091 0.1296 0.2494 -0.0232 0.0096  -0.0427 17  PHE A O   
295 C  CB  . PHE A 17 ? 0.1955 0.1769 0.2666 -0.0201 -0.0042 -0.0711 17  PHE A CB  
296 C  CG  . PHE A 17 ? 0.2307 0.1545 0.2638 -0.0209 -0.0015 -0.0332 17  PHE A CG  
297 C  CD1 . PHE A 17 ? 0.2241 0.1750 0.4030 0.0084  0.0054  0.0018  17  PHE A CD1 
298 C  CD2 . PHE A 17 ? 0.3090 0.2237 0.3102 0.0268  0.0168  -0.0344 17  PHE A CD2 
299 C  CE1 . PHE A 17 ? 0.2554 0.1965 0.4132 -0.0018 -0.0641 -0.0154 17  PHE A CE1 
300 C  CE2 . PHE A 17 ? 0.4255 0.2715 0.2901 0.0170  0.0032  -0.0330 17  PHE A CE2 
301 C  CZ  . PHE A 17 ? 0.3880 0.2208 0.2948 -0.0207 -0.1263 0.0120  17  PHE A CZ  
311 N  N   . LYS A 18 ? 0.1911 0.1426 0.2705 -0.0276 0.0136  -0.0516 18  LYS A N   
312 C  CA  . LYS A 18 ? 0.2020 0.1513 0.2628 -0.0168 0.0191  -0.0347 18  LYS A CA  
313 C  C   . LYS A 18 ? 0.1760 0.1239 0.3480 -0.0291 0.0150  -0.0567 18  LYS A C   
314 O  O   . LYS A 18 ? 0.1922 0.1408 0.3220 -0.0305 0.0152  -0.0405 18  LYS A O   
315 C  CB  . LYS A 18 ? 0.2119 0.1979 0.3534 -0.0487 0.0616  -0.0882 18  LYS A CB  
316 C  CG  . LYS A 18 ? 0.5151 0.2334 0.3367 -0.0671 0.1751  -0.0845 18  LYS A CG  
317 C  CD  . LYS A 18 ? 0.7211 0.6250 0.7200 -0.0180 0.0712  0.0013  18  LYS A CD  
318 C  CE  . LYS A 18 ? 0.9136 0.9174 1.1634 0.0683  0.0228  -0.0603 18  LYS A CE  
319 N  NZ  . LYS A 18 ? 1.0017 1.0924 1.3343 0.1326  0.0640  -0.0403 18  LYS A NZ  
333 N  N   . ARG A 19 ? 0.1762 0.1321 0.3208 -0.0116 -0.0055 -0.0479 19  ARG A N   
334 C  CA  . ARG A 19 ? 0.1844 0.1468 0.2874 -0.0168 -0.0149 -0.0419 19  ARG A CA  
335 C  C   . ARG A 19 ? 0.1952 0.1306 0.2411 -0.0102 -0.0308 -0.0194 19  ARG A C   
336 O  O   . ARG A 19 ? 0.1809 0.1283 0.2606 -0.0190 -0.0359 -0.0240 19  ARG A O   
337 C  CB  . ARG A 19 ? 0.2593 0.1442 0.2818 -0.0118 -0.0495 -0.0048 19  ARG A CB  
338 C  CG  . ARG A 19 ? 0.4531 0.1872 0.3190 -0.0554 -0.1366 0.0506  19  ARG A CG  
339 C  CD  . ARG A 19 ? 0.6217 0.5739 0.6035 -0.0668 -0.0067 0.0674  19  ARG A CD  
340 N  NE  . ARG A 19 ? 0.8972 0.9079 1.0890 0.0423  -0.0590 -0.0343 19  ARG A NE  
341 C  CZ  . ARG A 19 ? 1.0965 1.1255 1.3138 0.0340  -0.0777 -0.0378 19  ARG A CZ  
342 N  NH1 . ARG A 19 ? 1.1507 1.2174 1.3443 0.0840  -0.0417 0.0301  19  ARG A NH1 
343 N  NH2 . ARG A 19 ? 1.1369 1.1076 1.1442 -0.0336 -0.0186 0.0633  19  ARG A NH2 
357 N  N   . ILE A 20 ? 0.1938 0.1207 0.2214 -0.0175 -0.0188 -0.0175 20  ILE A N   
358 C  CA  . ILE A 20 ? 0.1986 0.1248 0.2182 -0.0161 -0.0162 -0.0348 20  ILE A CA  
359 C  C   . ILE A 20 ? 0.1766 0.1310 0.1965 -0.0262 -0.0106 -0.0367 20  ILE A C   
360 O  O   . ILE A 20 ? 0.1907 0.1297 0.2008 -0.0184 -0.0118 -0.0264 20  ILE A O   
361 C  CB  . ILE A 20 ? 0.1781 0.1614 0.2059 -0.0235 -0.0294 -0.0273 20  ILE A CB  
362 C  CG1 . ILE A 20 ? 0.1812 0.1810 0.2265 -0.0212 0.0110  -0.0279 20  ILE A CG1 
363 C  CG2 . ILE A 20 ? 0.2215 0.1739 0.2934 -0.0069 -0.0375 -0.0411 20  ILE A CG2 
364 C  CD1 . ILE A 20 ? 0.2173 0.2379 0.2764 -0.0411 0.0090  0.0026  20  ILE A CD1 
376 N  N   . VAL A 21 ? 0.1720 0.1258 0.2474 -0.0283 -0.0240 -0.0232 21  VAL A N   
377 C  CA  . VAL A 21 ? 0.2055 0.1350 0.2195 -0.0241 -0.0237 -0.0334 21  VAL A CA  
378 C  C   . VAL A 21 ? 0.2296 0.1186 0.2264 -0.0236 -0.0020 -0.0409 21  VAL A C   
379 O  O   . VAL A 21 ? 0.2225 0.1340 0.2219 -0.0290 0.0104  -0.0308 21  VAL A O   
380 C  CB  . VAL A 21 ? 0.2957 0.1750 0.1946 -0.0698 -0.0123 -0.0100 21  VAL A CB  
381 C  CG1 . VAL A 21 ? 0.3786 0.2442 0.2148 -0.0884 0.0041  -0.0568 21  VAL A CG1 
382 C  CG2 . VAL A 21 ? 0.3094 0.2022 0.2587 -0.0467 -0.0867 -0.0262 21  VAL A CG2 
392 N  N   . GLN A 22 ? 0.2046 0.1331 0.2369 -0.0364 0.0328  -0.0370 22  GLN A N   
393 C  CA  . GLN A 22 ? 0.1941 0.1471 0.2694 -0.0278 0.0337  -0.0391 22  GLN A CA  
394 C  C   . GLN A 22 ? 0.1819 0.1115 0.2619 -0.0279 -0.0168 -0.0247 22  GLN A C   
395 O  O   . GLN A 22 ? 0.1856 0.1401 0.2594 -0.0197 0.0050  -0.0222 22  GLN A O   
396 C  CB  . GLN A 22 ? 0.1928 0.1528 0.3844 -0.0134 0.0529  -0.0629 22  GLN A CB  
397 C  CG  . GLN A 22 ? 0.2415 0.2046 0.4314 -0.0002 0.0666  -0.0857 22  GLN A CG  
398 C  CD  . GLN A 22 ? 0.3010 0.2785 0.4649 0.0099  0.0463  -0.1579 22  GLN A CD  
399 O  OE1 . GLN A 22 ? 0.3764 0.4015 0.5870 -0.0317 0.0886  -0.0535 22  GLN A OE1 
400 N  NE2 . GLN A 22 ? 0.2909 0.2540 0.4615 -0.0669 0.0869  -0.0885 22  GLN A NE2 
409 N  N   . ARG A 23 ? 0.1701 0.1194 0.2553 -0.0163 -0.0302 -0.0107 23  ARG A N   
410 C  CA  . ARG A 23 ? 0.1855 0.1281 0.2213 -0.0107 -0.0497 -0.0099 23  ARG A CA  
411 C  C   . ARG A 23 ? 0.1577 0.1214 0.1804 -0.0205 -0.0233 -0.0107 23  ARG A C   
412 O  O   . ARG A 23 ? 0.1781 0.1326 0.1866 -0.0169 -0.0279 -0.0122 23  ARG A O   
413 C  CB  . ARG A 23 ? 0.2692 0.1426 0.2058 -0.0322 -0.0444 -0.0008 23  ARG A CB  
414 C  CG  . ARG A 23 ? 0.4597 0.2118 0.3752 -0.1089 0.0060  0.0322  23  ARG A CG  
415 C  CD  . ARG A 23 ? 0.7062 0.6221 0.8096 0.0228  -0.0445 -0.0549 23  ARG A CD  
416 N  NE  . ARG A 23 ? 0.8078 0.8097 0.9192 0.0356  -0.0521 -0.0354 23  ARG A NE  
417 C  CZ  . ARG A 23 ? 0.8672 0.8113 0.7954 -0.0092 0.0198  0.1090  23  ARG A CZ  
418 N  NH1 . ARG A 23 ? 0.9033 0.6535 0.6430 -0.1587 -0.0272 0.0404  23  ARG A NH1 
419 N  NH2 . ARG A 23 ? 0.9346 0.9224 1.0451 0.0297  -0.0543 -0.0303 23  ARG A NH2 
433 N  N   . ILE A 24 ? 0.1760 0.1212 0.1844 -0.0124 -0.0147 -0.0155 24  ILE A N   
434 C  CA  . ILE A 24 ? 0.1660 0.1296 0.1833 -0.0110 -0.0144 -0.0261 24  ILE A CA  
435 C  C   . ILE A 24 ? 0.1793 0.1269 0.1776 -0.0142 -0.0179 -0.0271 24  ILE A C   
436 O  O   . ILE A 24 ? 0.1887 0.1209 0.1807 -0.0138 -0.0250 -0.0204 24  ILE A O   
437 C  CB  . ILE A 24 ? 0.1702 0.1333 0.2048 -0.0026 -0.0366 -0.0222 24  ILE A CB  
438 C  CG1 . ILE A 24 ? 0.1568 0.1519 0.2385 -0.0028 -0.0276 -0.0333 24  ILE A CG1 
439 C  CG2 . ILE A 24 ? 0.2030 0.1466 0.2473 0.0075  -0.0784 -0.0211 24  ILE A CG2 
440 C  CD1 . ILE A 24 ? 0.1882 0.1712 0.3576 -0.0258 -0.0536 -0.0429 24  ILE A CD1 
452 N  N   A LYS A 25 ? 0.1849 0.1498 0.1787 -0.0193 -0.0257 -0.0484 25  LYS A N   
453 N  N   B LYS A 25 ? 0.1828 0.0942 0.2333 -0.0338 0.0246  0.0026  25  LYS A N   
454 C  CA  A LYS A 25 ? 0.2195 0.1416 0.1765 -0.0158 0.0037  -0.0450 25  LYS A CA  
455 C  CA  B LYS A 25 ? 0.1856 0.1614 0.2352 -0.0448 -0.0015 0.0056  25  LYS A CA  
456 C  C   A LYS A 25 ? 0.1845 0.1635 0.1484 -0.0203 0.0014  -0.0227 25  LYS A C   
457 C  C   B LYS A 25 ? 0.1751 0.1112 0.2453 -0.0365 0.0158  -0.0128 25  LYS A C   
458 O  O   A LYS A 25 ? 0.2411 0.1652 0.1848 -0.0435 0.0089  -0.0212 25  LYS A O   
459 O  O   B LYS A 25 ? 0.1744 0.1144 0.2263 -0.0339 0.0174  -0.0156 25  LYS A O   
460 C  CB  A LYS A 25 ? 0.2598 0.1877 0.1955 -0.0483 0.0332  -0.0677 25  LYS A CB  
461 C  CB  B LYS A 25 ? 0.2528 0.2217 0.1918 -0.0325 0.0165  -0.0221 25  LYS A CB  
462 C  CG  A LYS A 25 ? 0.4903 0.2470 0.2258 -0.0672 -0.0111 -0.0993 25  LYS A CG  
463 C  CG  B LYS A 25 ? 0.4058 0.2873 0.3439 -0.0159 0.0052  -0.0349 25  LYS A CG  
464 C  CD  A LYS A 25 ? 0.5424 0.4082 0.4849 -0.0221 0.0345  -0.0589 25  LYS A CD  
465 C  CD  B LYS A 25 ? 0.4640 0.3259 0.3999 0.0018  0.0238  -0.0640 25  LYS A CD  
466 C  CE  A LYS A 25 ? 0.5728 0.5468 0.5723 0.0053  0.0626  0.0018  25  LYS A CE  
467 C  CE  B LYS A 25 ? 0.4707 0.3154 0.4090 -0.0353 0.0438  -0.0405 25  LYS A CE  
468 N  NZ  A LYS A 25 ? 0.6388 0.5966 0.7095 0.0205  0.0411  -0.0333 25  LYS A NZ  
469 N  NZ  B LYS A 25 ? 0.5023 0.3242 0.3334 -0.0543 0.0664  -0.0784 25  LYS A NZ  
496 N  N   . ASP A 26 ? 0.1598 0.1329 0.2174 -0.0249 0.0064  -0.0323 26  ASP A N   
497 C  CA  . ASP A 26 ? 0.1578 0.1312 0.2518 -0.0102 -0.0010 -0.0241 26  ASP A CA  
498 C  C   . ASP A 26 ? 0.1620 0.1287 0.1828 -0.0349 -0.0091 -0.0045 26  ASP A C   
499 O  O   . ASP A 26 ? 0.1748 0.1309 0.2001 -0.0286 -0.0133 -0.0107 26  ASP A O   
500 C  CB  . ASP A 26 ? 0.1843 0.1554 0.2997 0.0015  -0.0519 -0.0259 26  ASP A CB  
501 C  CG  . ASP A 26 ? 0.2434 0.1523 0.3479 0.0280  -0.0347 -0.0529 26  ASP A CG  
502 O  OD1 . ASP A 26 ? 0.3166 0.2786 0.4092 0.0707  0.0670  -0.0691 26  ASP A OD1 
503 O  OD2 . ASP A 26 ? 0.3178 0.1711 0.4440 0.0519  -0.1047 -0.0414 26  ASP A OD2 
509 N  N   . PHE A 27 ? 0.1740 0.1177 0.1805 -0.0199 -0.0217 -0.0109 27  PHE A N   
510 C  CA  . PHE A 27 ? 0.1781 0.1187 0.1539 -0.0256 -0.0199 -0.0024 27  PHE A CA  
511 C  C   . PHE A 27 ? 0.1514 0.1213 0.1452 -0.0150 0.0020  -0.0108 27  PHE A C   
512 O  O   . PHE A 27 ? 0.1753 0.1289 0.1572 -0.0134 -0.0139 -0.0158 27  PHE A O   
513 C  CB  . PHE A 27 ? 0.1669 0.1484 0.1607 -0.0292 -0.0123 -0.0249 27  PHE A CB  
514 C  CG  . PHE A 27 ? 0.1781 0.1635 0.1499 -0.0518 0.0028  -0.0249 27  PHE A CG  
515 C  CD1 . PHE A 27 ? 0.1933 0.1557 0.1694 -0.0425 -0.0128 -0.0119 27  PHE A CD1 
516 C  CD2 . PHE A 27 ? 0.1804 0.1763 0.1602 -0.0062 -0.0302 -0.0287 27  PHE A CD2 
517 C  CE1 . PHE A 27 ? 0.2068 0.1842 0.1669 -0.0317 0.0055  -0.0416 27  PHE A CE1 
518 C  CE2 . PHE A 27 ? 0.1703 0.1963 0.1827 -0.0053 -0.0228 -0.0225 27  PHE A CE2 
519 C  CZ  . PHE A 27 ? 0.1747 0.1888 0.1823 -0.0155 0.0021  -0.0532 27  PHE A CZ  
529 N  N   . LEU A 28 ? 0.1807 0.1225 0.1552 -0.0090 -0.0256 -0.0110 28  LEU A N   
530 C  CA  . LEU A 28 ? 0.1930 0.1256 0.1513 -0.0148 -0.0154 -0.0102 28  LEU A CA  
531 C  C   . LEU A 28 ? 0.2163 0.1286 0.1552 -0.0074 -0.0177 -0.0095 28  LEU A C   
532 O  O   . LEU A 28 ? 0.2353 0.1246 0.1910 -0.0331 -0.0129 -0.0051 28  LEU A O   
533 C  CB  . LEU A 28 ? 0.2108 0.1446 0.1631 -0.0153 -0.0245 -0.0057 28  LEU A CB  
534 C  CG  . LEU A 28 ? 0.2230 0.1504 0.1650 -0.0103 -0.0387 -0.0054 28  LEU A CG  
535 C  CD1 . LEU A 28 ? 0.2036 0.1938 0.1801 -0.0132 -0.0603 0.0080  28  LEU A CD1 
536 C  CD2 . LEU A 28 ? 0.1883 0.1696 0.2603 -0.0012 -0.0391 -0.0131 28  LEU A CD2 
548 N  N   . ARG A 29 ? 0.1980 0.1389 0.1487 -0.0318 -0.0085 -0.0061 29  ARG A N   
549 C  CA  A ARG A 29 ? 0.2390 0.2587 0.1291 -0.0262 -0.0044 -0.0057 29  ARG A CA  
550 C  CA  B ARG A 29 ? 0.2069 0.1265 0.1551 -0.0762 0.0480  -0.0346 29  ARG A CA  
551 C  C   . ARG A 29 ? 0.1963 0.1313 0.1914 -0.0405 0.0186  -0.0075 29  ARG A C   
552 O  O   . ARG A 29 ? 0.2078 0.1508 0.1783 -0.0487 0.0042  -0.0001 29  ARG A O   
553 C  CB  A ARG A 29 ? 0.2760 0.1946 0.1647 -0.0816 0.0610  -0.0493 29  ARG A CB  
554 C  CB  B ARG A 29 ? 0.2049 0.1929 0.1995 -0.0832 0.0376  -0.0261 29  ARG A CB  
555 C  CG  A ARG A 29 ? 0.3355 0.2321 0.4965 -0.0560 -0.0103 -0.0706 29  ARG A CG  
556 C  CG  B ARG A 29 ? 0.2116 0.1782 0.1754 -0.0360 0.0061  -0.0173 29  ARG A CG  
557 C  CD  A ARG A 29 ? 0.2353 0.2535 0.4288 -0.0217 0.0591  -0.0037 29  ARG A CD  
558 C  CD  B ARG A 29 ? 0.2526 0.2568 0.2453 -0.0091 0.0698  -0.0517 29  ARG A CD  
559 N  NE  A ARG A 29 ? 0.3250 0.2765 0.4131 -0.0424 0.0125  -0.0866 29  ARG A NE  
560 N  NE  B ARG A 29 ? 0.4480 0.3339 0.2590 0.0037  0.0222  -0.1394 29  ARG A NE  
561 C  CZ  A ARG A 29 ? 0.2800 0.1812 0.4253 -0.0590 -0.0186 0.0057  29  ARG A CZ  
562 C  CZ  B ARG A 29 ? 0.4537 0.3854 0.4679 -0.0018 0.0593  -0.0160 29  ARG A CZ  
563 N  NH1 A ARG A 29 ? 0.3788 0.2277 0.4437 -0.0720 -0.0668 0.0659  29  ARG A NH1 
564 N  NH1 B ARG A 29 ? 0.4907 0.4576 0.5983 0.0351  0.0316  -0.0507 29  ARG A NH1 
565 N  NH2 A ARG A 29 ? 0.2937 0.3027 0.2376 -0.0447 0.0368  -0.0936 29  ARG A NH2 
566 N  NH2 B ARG A 29 ? 0.5027 0.4102 0.4242 -0.0130 0.0399  -0.0436 29  ARG A NH2 
593 N  N   . ASN A 30 ? 0.1675 0.1153 0.1573 -0.0269 0.0100  -0.0079 30  ASN A N   
594 C  CA  . ASN A 30 ? 0.1640 0.1243 0.1517 -0.0144 -0.0152 -0.0025 30  ASN A CA  
595 C  C   . ASN A 30 ? 0.1767 0.1256 0.1503 -0.0342 0.0115  -0.0058 30  ASN A C   
596 O  O   . ASN A 30 ? 0.1824 0.1332 0.1609 -0.0177 -0.0148 -0.0149 30  ASN A O   
597 C  CB  . ASN A 30 ? 0.1914 0.1296 0.1675 -0.0160 -0.0016 -0.0023 30  ASN A CB  
598 C  CG  . ASN A 30 ? 0.2119 0.1477 0.1762 -0.0188 -0.0193 0.0089  30  ASN A CG  
599 O  OD1 . ASN A 30 ? 0.2120 0.1781 0.2448 0.0184  -0.0110 -0.0008 30  ASN A OD1 
600 N  ND2 . ASN A 30 ? 0.2582 0.1379 0.2083 -0.0026 -0.0597 -0.0067 30  ASN A ND2 
607 N  N   . LEU A 31 ? 0.1697 0.1300 0.1642 -0.0206 -0.0092 -0.0109 31  LEU A N   
608 C  CA  . LEU A 31 ? 0.1669 0.1305 0.1725 -0.0229 0.0031  -0.0131 31  LEU A CA  
609 C  C   . LEU A 31 ? 0.1769 0.1425 0.1799 -0.0219 -0.0007 0.0068  31  LEU A C   
610 O  O   . LEU A 31 ? 0.2107 0.1210 0.2487 -0.0093 0.0243  -0.0189 31  LEU A O   
611 C  CB  . LEU A 31 ? 0.1743 0.1467 0.1634 -0.0110 -0.0057 -0.0050 31  LEU A CB  
612 C  CG  . LEU A 31 ? 0.1579 0.1483 0.1882 -0.0155 0.0022  -0.0230 31  LEU A CG  
613 C  CD1 . LEU A 31 ? 0.1838 0.1750 0.1832 0.0019  0.0001  -0.0292 31  LEU A CD1 
614 C  CD2 . LEU A 31 ? 0.1724 0.1812 0.1838 0.0005  0.0088  0.0090  31  LEU A CD2 
626 N  N   . VAL A 32 ? 0.1784 0.1371 0.1808 -0.0237 0.0094  -0.0027 32  VAL A N   
627 C  CA  . VAL A 32 ? 0.1911 0.1536 0.1642 -0.0234 0.0070  0.0173  32  VAL A CA  
628 C  C   . VAL A 32 ? 0.1936 0.1632 0.1567 -0.0415 0.0184  0.0229  32  VAL A C   
629 O  O   . VAL A 32 ? 0.1751 0.1642 0.1729 -0.0123 -0.0082 0.0098  32  VAL A O   
630 C  CB  . VAL A 32 ? 0.2090 0.1627 0.1777 -0.0255 -0.0082 0.0172  32  VAL A CB  
631 C  CG1 . VAL A 32 ? 0.2318 0.1927 0.1987 -0.0434 -0.0147 0.0367  32  VAL A CG1 
632 C  CG2 . VAL A 32 ? 0.2472 0.1910 0.1873 -0.0338 -0.0177 0.0183  32  VAL A CG2 
642 N  N   . PRO A 33 ? 0.1823 0.1442 0.2173 -0.0315 0.0101  0.0070  33  PRO A N   
643 C  CA  . PRO A 33 ? 0.2340 0.1482 0.2036 -0.0428 -0.0194 0.0253  33  PRO A CA  
644 C  C   . PRO A 33 ? 0.2494 0.2113 0.2532 -0.0357 0.0537  -0.0048 33  PRO A C   
645 O  O   . PRO A 33 ? 0.3071 0.3371 0.2077 -0.1402 0.0237  0.0189  33  PRO A O   
646 C  CB  . PRO A 33 ? 0.3617 0.1627 0.3420 -0.0116 -0.0356 -0.0431 33  PRO A CB  
647 C  CG  . PRO A 33 ? 0.2851 0.1721 0.3436 0.0141  -0.0296 -0.0605 33  PRO A CG  
648 C  CD  . PRO A 33 ? 0.2027 0.1422 0.2676 -0.0071 -0.0114 0.0337  33  PRO A CD  
656 N  N   A ARG A 34 ? 0.1516 0.3112 0.2422 -0.0319 -0.0367 -0.0344 34  ARG A N   
657 N  N   B ARG A 34 ? 0.3698 0.4451 0.5591 0.0872  -0.0500 -0.0321 34  ARG A N   
658 C  CA  A ARG A 34 ? 0.3458 0.4024 0.4063 -0.0045 -0.0371 -0.0400 34  ARG A CA  
659 C  CA  B ARG A 34 ? 0.4553 0.4723 0.5947 0.0546  -0.0451 -0.0333 34  ARG A CA  
660 C  C   A ARG A 34 ? 0.2842 0.3876 0.3534 -0.0462 -0.0378 -0.0140 34  ARG A C   
661 C  C   B ARG A 34 ? 0.4287 0.4258 0.4537 -0.0110 -0.0115 0.0555  34  ARG A C   
662 O  O   A ARG A 34 ? 0.3589 0.3470 0.3146 -0.0823 -0.0680 -0.0843 34  ARG A O   
663 O  O   B ARG A 34 ? 0.4330 0.2973 0.4340 -0.1054 -0.0126 0.0408  34  ARG A O   
664 C  CB  A ARG A 34 ? 0.4409 0.4331 0.5810 0.0066  -0.0192 -0.0109 34  ARG A CB  
665 C  CB  B ARG A 34 ? 0.4895 0.4905 0.6076 0.0067  -0.0281 -0.0055 34  ARG A CB  
666 C  CG  A ARG A 34 ? 0.5116 0.5050 0.6326 -0.0193 -0.0285 0.0185  34  ARG A CG  
667 C  CG  B ARG A 34 ? 0.5098 0.4919 0.5362 -0.0692 -0.0219 0.0400  34  ARG A CG  
668 C  CD  A ARG A 34 ? 0.5028 0.5880 0.6663 0.0133  -0.0153 0.0858  34  ARG A CD  
669 C  CD  B ARG A 34 ? 0.5460 0.5228 0.6089 -0.0418 -0.0402 0.0905  34  ARG A CD  
670 N  NE  A ARG A 34 ? 0.6061 0.6276 0.9109 0.0528  -0.0955 -0.0547 34  ARG A NE  
671 N  NE  B ARG A 34 ? 0.6515 0.6253 0.8997 0.0349  -0.0878 -0.0360 34  ARG A NE  
672 C  CZ  A ARG A 34 ? 0.6189 0.5168 0.8567 -0.0058 -0.0753 -0.0645 34  ARG A CZ  
673 C  CZ  B ARG A 34 ? 0.7084 0.6373 0.9301 -0.0073 -0.0902 -0.0465 34  ARG A CZ  
674 N  NH1 A ARG A 34 ? 0.5898 0.6173 0.8967 0.0505  -0.0393 0.0051  34  ARG A NH1 
675 N  NH1 B ARG A 34 ? 0.6516 0.6770 0.8519 -0.0079 -0.0602 0.0601  34  ARG A NH1 
676 N  NH2 A ARG A 34 ? 0.3531 0.1578 0.1474 0.0322  -0.0658 -0.0338 34  ARG A NH2 
677 N  NH2 B ARG A 34 ? 0.5970 0.3396 0.5670 -0.2252 -0.0362 0.0508  34  ARG A NH2 
704 NA NA  . NA  B .  ? 0.2163 0.1486 0.1823 0.0064  -0.0064 -0.0102 101 NA  A NA  
# 
